data_2W9N
# 
_entry.id   2W9N 
# 
_audit_conform.dict_name       mmcif_pdbx.dic 
_audit_conform.dict_version    5.398 
_audit_conform.dict_location   http://mmcif.pdb.org/dictionaries/ascii/mmcif_pdbx.dic 
# 
loop_
_database_2.database_id 
_database_2.database_code 
_database_2.pdbx_database_accession 
_database_2.pdbx_DOI 
PDB   2W9N         pdb_00002w9n 10.2210/pdb2w9n/pdb 
PDBE  EBI-38661    ?            ?                   
WWPDB D_1290038661 ?            ?                   
# 
loop_
_pdbx_audit_revision_history.ordinal 
_pdbx_audit_revision_history.data_content_type 
_pdbx_audit_revision_history.major_revision 
_pdbx_audit_revision_history.minor_revision 
_pdbx_audit_revision_history.revision_date 
1 'Structure model' 1 0 2009-04-28 
2 'Structure model' 1 1 2011-07-13 
3 'Structure model' 1 2 2023-12-13 
4 'Structure model' 1 3 2024-11-13 
# 
_pdbx_audit_revision_details.ordinal             1 
_pdbx_audit_revision_details.revision_ordinal    1 
_pdbx_audit_revision_details.data_content_type   'Structure model' 
_pdbx_audit_revision_details.provider            repository 
_pdbx_audit_revision_details.type                'Initial release' 
_pdbx_audit_revision_details.description         ? 
_pdbx_audit_revision_details.details             ? 
# 
loop_
_pdbx_audit_revision_group.ordinal 
_pdbx_audit_revision_group.revision_ordinal 
_pdbx_audit_revision_group.data_content_type 
_pdbx_audit_revision_group.group 
1 2 'Structure model' Advisory                    
2 2 'Structure model' 'Version format compliance' 
3 3 'Structure model' 'Data collection'           
4 3 'Structure model' 'Database references'       
5 3 'Structure model' 'Derived calculations'      
6 3 'Structure model' Other                       
7 3 'Structure model' 'Refinement description'    
8 4 'Structure model' 'Structure summary'         
# 
loop_
_pdbx_audit_revision_category.ordinal 
_pdbx_audit_revision_category.revision_ordinal 
_pdbx_audit_revision_category.data_content_type 
_pdbx_audit_revision_category.category 
1  3 'Structure model' chem_comp_atom                
2  3 'Structure model' chem_comp_bond                
3  3 'Structure model' database_2                    
4  3 'Structure model' pdbx_database_status          
5  3 'Structure model' pdbx_initial_refinement_model 
6  3 'Structure model' pdbx_struct_conn_angle        
7  3 'Structure model' struct_conn                   
8  3 'Structure model' struct_site                   
9  4 'Structure model' pdbx_entry_details            
10 4 'Structure model' pdbx_modification_feature     
# 
loop_
_pdbx_audit_revision_item.ordinal 
_pdbx_audit_revision_item.revision_ordinal 
_pdbx_audit_revision_item.data_content_type 
_pdbx_audit_revision_item.item 
1  3 'Structure model' '_database_2.pdbx_DOI'                         
2  3 'Structure model' '_database_2.pdbx_database_accession'          
3  3 'Structure model' '_pdbx_database_status.status_code_sf'         
4  3 'Structure model' '_pdbx_struct_conn_angle.ptnr1_auth_comp_id'   
5  3 'Structure model' '_pdbx_struct_conn_angle.ptnr1_auth_seq_id'    
6  3 'Structure model' '_pdbx_struct_conn_angle.ptnr1_label_asym_id'  
7  3 'Structure model' '_pdbx_struct_conn_angle.ptnr1_label_atom_id'  
8  3 'Structure model' '_pdbx_struct_conn_angle.ptnr1_label_comp_id'  
9  3 'Structure model' '_pdbx_struct_conn_angle.ptnr1_label_seq_id'   
10 3 'Structure model' '_pdbx_struct_conn_angle.ptnr1_symmetry'       
11 3 'Structure model' '_pdbx_struct_conn_angle.ptnr3_auth_comp_id'   
12 3 'Structure model' '_pdbx_struct_conn_angle.ptnr3_auth_seq_id'    
13 3 'Structure model' '_pdbx_struct_conn_angle.ptnr3_label_asym_id'  
14 3 'Structure model' '_pdbx_struct_conn_angle.ptnr3_label_atom_id'  
15 3 'Structure model' '_pdbx_struct_conn_angle.ptnr3_label_comp_id'  
16 3 'Structure model' '_pdbx_struct_conn_angle.ptnr3_label_seq_id'   
17 3 'Structure model' '_pdbx_struct_conn_angle.ptnr3_symmetry'       
18 3 'Structure model' '_pdbx_struct_conn_angle.value'                
19 3 'Structure model' '_struct_conn.pdbx_dist_value'                 
20 3 'Structure model' '_struct_conn.pdbx_leaving_atom_flag'          
21 3 'Structure model' '_struct_conn.ptnr1_auth_comp_id'              
22 3 'Structure model' '_struct_conn.ptnr1_auth_seq_id'               
23 3 'Structure model' '_struct_conn.ptnr1_label_asym_id'             
24 3 'Structure model' '_struct_conn.ptnr1_label_atom_id'             
25 3 'Structure model' '_struct_conn.ptnr1_label_comp_id'             
26 3 'Structure model' '_struct_conn.ptnr1_label_seq_id'              
27 3 'Structure model' '_struct_conn.ptnr1_symmetry'                  
28 3 'Structure model' '_struct_conn.ptnr2_auth_comp_id'              
29 3 'Structure model' '_struct_conn.ptnr2_auth_seq_id'               
30 3 'Structure model' '_struct_conn.ptnr2_label_asym_id'             
31 3 'Structure model' '_struct_conn.ptnr2_label_atom_id'             
32 3 'Structure model' '_struct_conn.ptnr2_label_comp_id'             
33 3 'Structure model' '_struct_conn.ptnr2_label_seq_id'              
34 3 'Structure model' '_struct_conn.ptnr2_symmetry'                  
35 3 'Structure model' '_struct_site.pdbx_auth_asym_id'               
36 3 'Structure model' '_struct_site.pdbx_auth_comp_id'               
37 3 'Structure model' '_struct_site.pdbx_auth_seq_id'                
38 4 'Structure model' '_pdbx_entry_details.has_protein_modification' 
# 
_pdbx_database_status.status_code                     REL 
_pdbx_database_status.entry_id                        2W9N 
_pdbx_database_status.deposit_site                    PDBE 
_pdbx_database_status.process_site                    PDBE 
_pdbx_database_status.SG_entry                        . 
_pdbx_database_status.recvd_initial_deposition_date   2009-01-27 
_pdbx_database_status.pdb_format_compatible           Y 
_pdbx_database_status.status_code_sf                  REL 
_pdbx_database_status.status_code_mr                  ? 
_pdbx_database_status.status_code_cs                  ? 
_pdbx_database_status.methods_development_category    ? 
_pdbx_database_status.status_code_nmr_data            ? 
# 
loop_
_pdbx_database_related.db_name 
_pdbx_database_related.db_id 
_pdbx_database_related.content_type 
_pdbx_database_related.details 
PDB 1XQQ unspecified 'SIMULTANEOUS DETERMINATION OF PROTEIN STRUCTURE AND DYNAMICS' 
PDB 2JF5 unspecified 'CRYSTAL STRUCTURE OF LYS63-LINKED DI- UBIQUITIN' 
PDB 2GBJ unspecified 'CRYSTAL STRUCTURE OF THE 9-10 8 GLYCINE INSERTION MUTANT OFUBIQUITIN.' 
PDB 1UBQ unspecified UBIQUITIN 
PDB 1ZGU unspecified 'SOLUTION STRUCTURE OF THE HUMAN MMS2- UBIQUITIN COMPLEX' 
PDB 2G45 unspecified 
'CO-CRYSTAL STRUCTURE OF ZNF UBP DOMAIN FROM THEDEUBIQUITINATING ENZYME ISOPEPTIDASE T (ISOT) IN COMPLEXWITH UBIQUITIN' 
PDB 2GBK unspecified 'CRYSTAL STRUCTURE OF THE 9-10 MOAD INSERTION MUTANT OFUBIQUITIN' 
PDB 2J7Q unspecified 
;CRYSTAL STRUCTURE OF THE UBIQUITIN-SPECIFIC PROTEASE ENCODED BY MURINE CYTOMEGALOVIRUS TEGUMENT PROTEIN M48 IN COMPLEX WITH A UBQUITIN-BASED SUICIDE SUBSTRATE
;
PDB 1F9J unspecified 'STRUCTURE OF A NEW CRYSTAL FORM OF TETRAUBIQUITIN' 
PDB 2BGF unspecified 
'NMR STRUCTURE OF LYS48-LINKED DI-UBIQUITIN USING CHEMICAL SHIFT PERTURBATION DATA TOGETHER WITH RDCS AND 15N-RELAXATION DATA' 
PDB 1FXT unspecified 'STRUCTURE OF A CONJUGATING ENZYME-UBIQUITIN THIOLESTERCOMPLEX' 
PDB 1TBE unspecified TETRAUBIQUITIN 
PDB 2AYO unspecified 'STRUCTURE OF USP14 BOUND TO UBQUITIN ALDEHYDE' 
PDB 1XD3 unspecified 'CRYSTAL STRUCTURE OF UCHL3-UBVME COMPLEX' 
PDB 1GJZ unspecified 'SOLUTION STRUCTURE OF A DIMERIC N-TERMINAL FRAGMENT OF HUMAN UBIQUITIN' 
PDB 1UBI unspecified UBIQUITIN 
PDB 1G6J unspecified 'STRUCTURE OF RECOMBINANT HUMAN UBIQUITIN IN AOT REVERSEMICELLES' 
PDB 1NBF unspecified 
'CRYSTAL STRUCTURE OF A UBP-FAMILY DEUBIQUITINATING ENZYMEIN ISOLATION AND IN COMPLEX WITH UBIQUITIN ALDEHYDE' 
PDB 1SIF unspecified 'CRYSTAL STRUCTURE OF A MULTIPLE HYDROPHOBIC CORE MUTANT OFUBIQUITIN' 
PDB 1D3Z unspecified 'UBIQUITIN NMR STRUCTURE' 
PDB 1OGW unspecified 'SYNTHETIC UBIQUITIN WITH FLUORO-LEU AT 50 AND 67' 
PDB 2GBN unspecified 'CRYSTAL STRUCTURE OF THE 35-36 8 GLYCINE INSERTION MUTANTOF UBIQUITIN' 
PDB 2GBM unspecified 'CRYSTAL STRUCTURE OF THE 35-36 8 GLYCINE INSERTION MUTANTOF UBIQUITIN' 
PDB 1YX5 unspecified 'SOLUTION STRUCTURE OF S5A UIM-1/UBIQUITIN COMPLEX' 
PDB 1C3T unspecified 'ROTAMER STRAIN AS A DETERMINANT OF PROTEIN STRUCTURALSPECIFICITY' 
PDB 1Q5W unspecified 'UBIQUITIN RECOGNITION BY NPL4 ZINC-FINGERS' 
PDB 1S1Q unspecified 'TSG101(UEV) DOMAIN IN COMPLEX WITH UBIQUITIN' 
PDB 1YX6 unspecified 'SOLUTION STRUCTURE OF S5A UIM-2/UBIQUITIN COMPLEX' 
# 
loop_
_audit_author.name 
_audit_author.pdbx_ordinal 
'Komander, D.'    1 
'Reyes-Turcu, F.' 2 
'Wilkinson, K.D.' 3 
'Barford, D.'     4 
# 
_citation.id                        primary 
_citation.title                     
'Molecular Discrimination of Structurally Equivalent Lys 63-Linked and Linear Polyubiquitin Chains.' 
_citation.journal_abbrev            'Embo Rep.' 
_citation.journal_volume            10 
_citation.page_first                466 
_citation.page_last                 ? 
_citation.year                      2009 
_citation.journal_id_ASTM           ? 
_citation.country                   UK 
_citation.journal_id_ISSN           1469-221X 
_citation.journal_id_CSD            ? 
_citation.book_publisher            ? 
_citation.pdbx_database_id_PubMed   19373254 
_citation.pdbx_database_id_DOI      10.1038/EMBOR.2009.55 
# 
loop_
_citation_author.citation_id 
_citation_author.name 
_citation_author.ordinal 
_citation_author.identifier_ORCID 
primary 'Komander, D.'    1 ? 
primary 'Reyes-Turcu, F.' 2 ? 
primary 'Licchesi, J.D.'  3 ? 
primary 'Odenwaelder, P.' 4 ? 
primary 'Wilkinson, K.D.' 5 ? 
primary 'Barford, D.'     6 ? 
# 
loop_
_entity.id 
_entity.type 
_entity.src_method 
_entity.pdbx_description 
_entity.formula_weight 
_entity.pdbx_number_of_molecules 
_entity.pdbx_ec 
_entity.pdbx_mutation 
_entity.pdbx_fragment 
_entity.details 
1 polymer     man UBIQUITIN      17163.664 1  ? ? ? 'TWO UBIQUITIN MOLECULES FUSED HEAD-TO-TAIL' 
2 non-polymer syn 'ZINC ION'     65.409    4  ? ? ? ?                                            
3 non-polymer syn 'CHLORIDE ION' 35.453    1  ? ? ? ?                                            
4 water       nat water          18.015    26 ? ? ? ?                                            
# 
_entity_name_com.entity_id   1 
_entity_name_com.name        DIUBIQUITIN 
# 
_entity_poly.entity_id                      1 
_entity_poly.type                           'polypeptide(L)' 
_entity_poly.nstd_linkage                   no 
_entity_poly.nstd_monomer                   yes 
_entity_poly.pdbx_seq_one_letter_code       
;(FME)QIFVKTLTGKTITLEVEPSDTIENVKAKIQDKEGIPPDQQRLIFAGKQLEDGRTLSDYNIQKESTLHLVLRLRGG
MQIFVKTLTGKTITLEVEPSDTIENVKAKIQDKEGIPPDQQRLIFAGKQLEDGRTLSDYNIQKESTLHLVLRLRGG
;
_entity_poly.pdbx_seq_one_letter_code_can   
;MQIFVKTLTGKTITLEVEPSDTIENVKAKIQDKEGIPPDQQRLIFAGKQLEDGRTLSDYNIQKESTLHLVLRLRGGMQIF
VKTLTGKTITLEVEPSDTIENVKAKIQDKEGIPPDQQRLIFAGKQLEDGRTLSDYNIQKESTLHLVLRLRGG
;
_entity_poly.pdbx_strand_id                 A 
_entity_poly.pdbx_target_identifier         ? 
# 
loop_
_pdbx_entity_nonpoly.entity_id 
_pdbx_entity_nonpoly.name 
_pdbx_entity_nonpoly.comp_id 
2 'ZINC ION'     ZN  
3 'CHLORIDE ION' CL  
4 water          HOH 
# 
loop_
_entity_poly_seq.entity_id 
_entity_poly_seq.num 
_entity_poly_seq.mon_id 
_entity_poly_seq.hetero 
1 1   FME n 
1 2   GLN n 
1 3   ILE n 
1 4   PHE n 
1 5   VAL n 
1 6   LYS n 
1 7   THR n 
1 8   LEU n 
1 9   THR n 
1 10  GLY n 
1 11  LYS n 
1 12  THR n 
1 13  ILE n 
1 14  THR n 
1 15  LEU n 
1 16  GLU n 
1 17  VAL n 
1 18  GLU n 
1 19  PRO n 
1 20  SER n 
1 21  ASP n 
1 22  THR n 
1 23  ILE n 
1 24  GLU n 
1 25  ASN n 
1 26  VAL n 
1 27  LYS n 
1 28  ALA n 
1 29  LYS n 
1 30  ILE n 
1 31  GLN n 
1 32  ASP n 
1 33  LYS n 
1 34  GLU n 
1 35  GLY n 
1 36  ILE n 
1 37  PRO n 
1 38  PRO n 
1 39  ASP n 
1 40  GLN n 
1 41  GLN n 
1 42  ARG n 
1 43  LEU n 
1 44  ILE n 
1 45  PHE n 
1 46  ALA n 
1 47  GLY n 
1 48  LYS n 
1 49  GLN n 
1 50  LEU n 
1 51  GLU n 
1 52  ASP n 
1 53  GLY n 
1 54  ARG n 
1 55  THR n 
1 56  LEU n 
1 57  SER n 
1 58  ASP n 
1 59  TYR n 
1 60  ASN n 
1 61  ILE n 
1 62  GLN n 
1 63  LYS n 
1 64  GLU n 
1 65  SER n 
1 66  THR n 
1 67  LEU n 
1 68  HIS n 
1 69  LEU n 
1 70  VAL n 
1 71  LEU n 
1 72  ARG n 
1 73  LEU n 
1 74  ARG n 
1 75  GLY n 
1 76  GLY n 
1 77  MET n 
1 78  GLN n 
1 79  ILE n 
1 80  PHE n 
1 81  VAL n 
1 82  LYS n 
1 83  THR n 
1 84  LEU n 
1 85  THR n 
1 86  GLY n 
1 87  LYS n 
1 88  THR n 
1 89  ILE n 
1 90  THR n 
1 91  LEU n 
1 92  GLU n 
1 93  VAL n 
1 94  GLU n 
1 95  PRO n 
1 96  SER n 
1 97  ASP n 
1 98  THR n 
1 99  ILE n 
1 100 GLU n 
1 101 ASN n 
1 102 VAL n 
1 103 LYS n 
1 104 ALA n 
1 105 LYS n 
1 106 ILE n 
1 107 GLN n 
1 108 ASP n 
1 109 LYS n 
1 110 GLU n 
1 111 GLY n 
1 112 ILE n 
1 113 PRO n 
1 114 PRO n 
1 115 ASP n 
1 116 GLN n 
1 117 GLN n 
1 118 ARG n 
1 119 LEU n 
1 120 ILE n 
1 121 PHE n 
1 122 ALA n 
1 123 GLY n 
1 124 LYS n 
1 125 GLN n 
1 126 LEU n 
1 127 GLU n 
1 128 ASP n 
1 129 GLY n 
1 130 ARG n 
1 131 THR n 
1 132 LEU n 
1 133 SER n 
1 134 ASP n 
1 135 TYR n 
1 136 ASN n 
1 137 ILE n 
1 138 GLN n 
1 139 LYS n 
1 140 GLU n 
1 141 SER n 
1 142 THR n 
1 143 LEU n 
1 144 HIS n 
1 145 LEU n 
1 146 VAL n 
1 147 LEU n 
1 148 ARG n 
1 149 LEU n 
1 150 ARG n 
1 151 GLY n 
1 152 GLY n 
# 
_entity_src_gen.entity_id                          1 
_entity_src_gen.pdbx_src_id                        1 
_entity_src_gen.pdbx_alt_source_flag               sample 
_entity_src_gen.pdbx_seq_type                      ? 
_entity_src_gen.pdbx_beg_seq_num                   ? 
_entity_src_gen.pdbx_end_seq_num                   ? 
_entity_src_gen.gene_src_common_name               HUMAN 
_entity_src_gen.gene_src_genus                     ? 
_entity_src_gen.pdbx_gene_src_gene                 ? 
_entity_src_gen.gene_src_species                   ? 
_entity_src_gen.gene_src_strain                    ? 
_entity_src_gen.gene_src_tissue                    ? 
_entity_src_gen.gene_src_tissue_fraction           ? 
_entity_src_gen.gene_src_details                   ? 
_entity_src_gen.pdbx_gene_src_fragment             ? 
_entity_src_gen.pdbx_gene_src_scientific_name      'HOMO SAPIENS' 
_entity_src_gen.pdbx_gene_src_ncbi_taxonomy_id     9606 
_entity_src_gen.pdbx_gene_src_variant              ? 
_entity_src_gen.pdbx_gene_src_cell_line            ? 
_entity_src_gen.pdbx_gene_src_atcc                 ? 
_entity_src_gen.pdbx_gene_src_organ                ? 
_entity_src_gen.pdbx_gene_src_organelle            ? 
_entity_src_gen.pdbx_gene_src_cell                 ? 
_entity_src_gen.pdbx_gene_src_cellular_location    ? 
_entity_src_gen.host_org_common_name               ? 
_entity_src_gen.pdbx_host_org_scientific_name      'ESCHERICHIA COLI' 
_entity_src_gen.pdbx_host_org_ncbi_taxonomy_id     562 
_entity_src_gen.host_org_genus                     ? 
_entity_src_gen.pdbx_host_org_gene                 ? 
_entity_src_gen.pdbx_host_org_organ                ? 
_entity_src_gen.host_org_species                   ? 
_entity_src_gen.pdbx_host_org_tissue               ? 
_entity_src_gen.pdbx_host_org_tissue_fraction      ? 
_entity_src_gen.pdbx_host_org_strain               'ROSETTA2 PLYSS' 
_entity_src_gen.pdbx_host_org_variant              ? 
_entity_src_gen.pdbx_host_org_cell_line            ? 
_entity_src_gen.pdbx_host_org_atcc                 ? 
_entity_src_gen.pdbx_host_org_culture_collection   ? 
_entity_src_gen.pdbx_host_org_cell                 ? 
_entity_src_gen.pdbx_host_org_organelle            ? 
_entity_src_gen.pdbx_host_org_cellular_location    ? 
_entity_src_gen.pdbx_host_org_vector_type          ? 
_entity_src_gen.pdbx_host_org_vector               ? 
_entity_src_gen.host_org_details                   ? 
_entity_src_gen.expression_system_id               ? 
_entity_src_gen.plasmid_name                       PRSET 
_entity_src_gen.plasmid_details                    ? 
_entity_src_gen.pdbx_description                   ? 
# 
loop_
_chem_comp.id 
_chem_comp.type 
_chem_comp.mon_nstd_flag 
_chem_comp.name 
_chem_comp.pdbx_synonyms 
_chem_comp.formula 
_chem_comp.formula_weight 
ALA 'L-peptide linking' y ALANINE            ? 'C3 H7 N O2'     89.093  
ARG 'L-peptide linking' y ARGININE           ? 'C6 H15 N4 O2 1' 175.209 
ASN 'L-peptide linking' y ASPARAGINE         ? 'C4 H8 N2 O3'    132.118 
ASP 'L-peptide linking' y 'ASPARTIC ACID'    ? 'C4 H7 N O4'     133.103 
CL  non-polymer         . 'CHLORIDE ION'     ? 'Cl -1'          35.453  
FME 'L-peptide linking' n N-FORMYLMETHIONINE ? 'C6 H11 N O3 S'  177.221 
GLN 'L-peptide linking' y GLUTAMINE          ? 'C5 H10 N2 O3'   146.144 
GLU 'L-peptide linking' y 'GLUTAMIC ACID'    ? 'C5 H9 N O4'     147.129 
GLY 'peptide linking'   y GLYCINE            ? 'C2 H5 N O2'     75.067  
HIS 'L-peptide linking' y HISTIDINE          ? 'C6 H10 N3 O2 1' 156.162 
HOH non-polymer         . WATER              ? 'H2 O'           18.015  
ILE 'L-peptide linking' y ISOLEUCINE         ? 'C6 H13 N O2'    131.173 
LEU 'L-peptide linking' y LEUCINE            ? 'C6 H13 N O2'    131.173 
LYS 'L-peptide linking' y LYSINE             ? 'C6 H15 N2 O2 1' 147.195 
MET 'L-peptide linking' y METHIONINE         ? 'C5 H11 N O2 S'  149.211 
PHE 'L-peptide linking' y PHENYLALANINE      ? 'C9 H11 N O2'    165.189 
PRO 'L-peptide linking' y PROLINE            ? 'C5 H9 N O2'     115.130 
SER 'L-peptide linking' y SERINE             ? 'C3 H7 N O3'     105.093 
THR 'L-peptide linking' y THREONINE          ? 'C4 H9 N O3'     119.119 
TYR 'L-peptide linking' y TYROSINE           ? 'C9 H11 N O3'    181.189 
VAL 'L-peptide linking' y VALINE             ? 'C5 H11 N O2'    117.146 
ZN  non-polymer         . 'ZINC ION'         ? 'Zn 2'           65.409  
# 
loop_
_pdbx_poly_seq_scheme.asym_id 
_pdbx_poly_seq_scheme.entity_id 
_pdbx_poly_seq_scheme.seq_id 
_pdbx_poly_seq_scheme.mon_id 
_pdbx_poly_seq_scheme.ndb_seq_num 
_pdbx_poly_seq_scheme.pdb_seq_num 
_pdbx_poly_seq_scheme.auth_seq_num 
_pdbx_poly_seq_scheme.pdb_mon_id 
_pdbx_poly_seq_scheme.auth_mon_id 
_pdbx_poly_seq_scheme.pdb_strand_id 
_pdbx_poly_seq_scheme.pdb_ins_code 
_pdbx_poly_seq_scheme.hetero 
A 1 1   FME 1   1   1   FME FME A . n 
A 1 2   GLN 2   2   2   GLN GLN A . n 
A 1 3   ILE 3   3   3   ILE ILE A . n 
A 1 4   PHE 4   4   4   PHE PHE A . n 
A 1 5   VAL 5   5   5   VAL VAL A . n 
A 1 6   LYS 6   6   6   LYS LYS A . n 
A 1 7   THR 7   7   7   THR THR A . n 
A 1 8   LEU 8   8   8   LEU LEU A . n 
A 1 9   THR 9   9   9   THR THR A . n 
A 1 10  GLY 10  10  10  GLY GLY A . n 
A 1 11  LYS 11  11  11  LYS LYS A . n 
A 1 12  THR 12  12  12  THR THR A . n 
A 1 13  ILE 13  13  13  ILE ILE A . n 
A 1 14  THR 14  14  14  THR THR A . n 
A 1 15  LEU 15  15  15  LEU LEU A . n 
A 1 16  GLU 16  16  16  GLU GLU A . n 
A 1 17  VAL 17  17  17  VAL VAL A . n 
A 1 18  GLU 18  18  18  GLU GLU A . n 
A 1 19  PRO 19  19  19  PRO PRO A . n 
A 1 20  SER 20  20  20  SER SER A . n 
A 1 21  ASP 21  21  21  ASP ASP A . n 
A 1 22  THR 22  22  22  THR THR A . n 
A 1 23  ILE 23  23  23  ILE ILE A . n 
A 1 24  GLU 24  24  24  GLU GLU A . n 
A 1 25  ASN 25  25  25  ASN ASN A . n 
A 1 26  VAL 26  26  26  VAL VAL A . n 
A 1 27  LYS 27  27  27  LYS LYS A . n 
A 1 28  ALA 28  28  28  ALA ALA A . n 
A 1 29  LYS 29  29  29  LYS LYS A . n 
A 1 30  ILE 30  30  30  ILE ILE A . n 
A 1 31  GLN 31  31  31  GLN GLN A . n 
A 1 32  ASP 32  32  32  ASP ASP A . n 
A 1 33  LYS 33  33  33  LYS LYS A . n 
A 1 34  GLU 34  34  34  GLU GLU A . n 
A 1 35  GLY 35  35  35  GLY GLY A . n 
A 1 36  ILE 36  36  36  ILE ILE A . n 
A 1 37  PRO 37  37  37  PRO PRO A . n 
A 1 38  PRO 38  38  38  PRO PRO A . n 
A 1 39  ASP 39  39  39  ASP ASP A . n 
A 1 40  GLN 40  40  40  GLN GLN A . n 
A 1 41  GLN 41  41  41  GLN GLN A . n 
A 1 42  ARG 42  42  42  ARG ARG A . n 
A 1 43  LEU 43  43  43  LEU LEU A . n 
A 1 44  ILE 44  44  44  ILE ILE A . n 
A 1 45  PHE 45  45  45  PHE PHE A . n 
A 1 46  ALA 46  46  46  ALA ALA A . n 
A 1 47  GLY 47  47  47  GLY GLY A . n 
A 1 48  LYS 48  48  48  LYS LYS A . n 
A 1 49  GLN 49  49  49  GLN GLN A . n 
A 1 50  LEU 50  50  50  LEU LEU A . n 
A 1 51  GLU 51  51  51  GLU GLU A . n 
A 1 52  ASP 52  52  52  ASP ASP A . n 
A 1 53  GLY 53  53  53  GLY GLY A . n 
A 1 54  ARG 54  54  54  ARG ARG A . n 
A 1 55  THR 55  55  55  THR THR A . n 
A 1 56  LEU 56  56  56  LEU LEU A . n 
A 1 57  SER 57  57  57  SER SER A . n 
A 1 58  ASP 58  58  58  ASP ASP A . n 
A 1 59  TYR 59  59  59  TYR TYR A . n 
A 1 60  ASN 60  60  60  ASN ASN A . n 
A 1 61  ILE 61  61  61  ILE ILE A . n 
A 1 62  GLN 62  62  62  GLN GLN A . n 
A 1 63  LYS 63  63  63  LYS LYS A . n 
A 1 64  GLU 64  64  64  GLU GLU A . n 
A 1 65  SER 65  65  65  SER SER A . n 
A 1 66  THR 66  66  66  THR THR A . n 
A 1 67  LEU 67  67  67  LEU LEU A . n 
A 1 68  HIS 68  68  68  HIS HIS A . n 
A 1 69  LEU 69  69  69  LEU LEU A . n 
A 1 70  VAL 70  70  70  VAL VAL A . n 
A 1 71  LEU 71  71  71  LEU LEU A . n 
A 1 72  ARG 72  72  72  ARG ARG A . n 
A 1 73  LEU 73  73  73  LEU LEU A . n 
A 1 74  ARG 74  74  74  ARG ARG A . n 
A 1 75  GLY 75  75  75  GLY GLY A . n 
A 1 76  GLY 76  76  76  GLY GLY A . n 
A 1 77  MET 77  77  77  MET MET A . n 
A 1 78  GLN 78  78  78  GLN GLN A . n 
A 1 79  ILE 79  79  79  ILE ILE A . n 
A 1 80  PHE 80  80  80  PHE PHE A . n 
A 1 81  VAL 81  81  81  VAL VAL A . n 
A 1 82  LYS 82  82  82  LYS LYS A . n 
A 1 83  THR 83  83  83  THR THR A . n 
A 1 84  LEU 84  84  84  LEU LEU A . n 
A 1 85  THR 85  85  85  THR THR A . n 
A 1 86  GLY 86  86  86  GLY GLY A . n 
A 1 87  LYS 87  87  87  LYS LYS A . n 
A 1 88  THR 88  88  88  THR THR A . n 
A 1 89  ILE 89  89  89  ILE ILE A . n 
A 1 90  THR 90  90  90  THR THR A . n 
A 1 91  LEU 91  91  91  LEU LEU A . n 
A 1 92  GLU 92  92  92  GLU GLU A . n 
A 1 93  VAL 93  93  93  VAL VAL A . n 
A 1 94  GLU 94  94  94  GLU GLU A . n 
A 1 95  PRO 95  95  95  PRO PRO A . n 
A 1 96  SER 96  96  96  SER SER A . n 
A 1 97  ASP 97  97  97  ASP ASP A . n 
A 1 98  THR 98  98  98  THR THR A . n 
A 1 99  ILE 99  99  99  ILE ILE A . n 
A 1 100 GLU 100 100 100 GLU GLU A . n 
A 1 101 ASN 101 101 101 ASN ASN A . n 
A 1 102 VAL 102 102 102 VAL VAL A . n 
A 1 103 LYS 103 103 103 LYS LYS A . n 
A 1 104 ALA 104 104 104 ALA ALA A . n 
A 1 105 LYS 105 105 105 LYS LYS A . n 
A 1 106 ILE 106 106 106 ILE ILE A . n 
A 1 107 GLN 107 107 107 GLN GLN A . n 
A 1 108 ASP 108 108 108 ASP ASP A . n 
A 1 109 LYS 109 109 109 LYS LYS A . n 
A 1 110 GLU 110 110 110 GLU GLU A . n 
A 1 111 GLY 111 111 111 GLY GLY A . n 
A 1 112 ILE 112 112 112 ILE ILE A . n 
A 1 113 PRO 113 113 113 PRO PRO A . n 
A 1 114 PRO 114 114 114 PRO PRO A . n 
A 1 115 ASP 115 115 115 ASP ASP A . n 
A 1 116 GLN 116 116 116 GLN GLN A . n 
A 1 117 GLN 117 117 117 GLN GLN A . n 
A 1 118 ARG 118 118 118 ARG ARG A . n 
A 1 119 LEU 119 119 119 LEU LEU A . n 
A 1 120 ILE 120 120 120 ILE ILE A . n 
A 1 121 PHE 121 121 121 PHE PHE A . n 
A 1 122 ALA 122 122 122 ALA ALA A . n 
A 1 123 GLY 123 123 123 GLY GLY A . n 
A 1 124 LYS 124 124 124 LYS LYS A . n 
A 1 125 GLN 125 125 125 GLN GLN A . n 
A 1 126 LEU 126 126 126 LEU LEU A . n 
A 1 127 GLU 127 127 127 GLU GLU A . n 
A 1 128 ASP 128 128 128 ASP ASP A . n 
A 1 129 GLY 129 129 129 GLY GLY A . n 
A 1 130 ARG 130 130 130 ARG ARG A . n 
A 1 131 THR 131 131 131 THR THR A . n 
A 1 132 LEU 132 132 132 LEU LEU A . n 
A 1 133 SER 133 133 133 SER SER A . n 
A 1 134 ASP 134 134 134 ASP ASP A . n 
A 1 135 TYR 135 135 135 TYR TYR A . n 
A 1 136 ASN 136 136 136 ASN ASN A . n 
A 1 137 ILE 137 137 137 ILE ILE A . n 
A 1 138 GLN 138 138 138 GLN GLN A . n 
A 1 139 LYS 139 139 139 LYS LYS A . n 
A 1 140 GLU 140 140 140 GLU GLU A . n 
A 1 141 SER 141 141 141 SER SER A . n 
A 1 142 THR 142 142 142 THR THR A . n 
A 1 143 LEU 143 143 143 LEU LEU A . n 
A 1 144 HIS 144 144 144 HIS HIS A . n 
A 1 145 LEU 145 145 145 LEU LEU A . n 
A 1 146 VAL 146 146 146 VAL VAL A . n 
A 1 147 LEU 147 147 147 LEU LEU A . n 
A 1 148 ARG 148 148 148 ARG ARG A . n 
A 1 149 LEU 149 149 149 LEU LEU A . n 
A 1 150 ARG 150 150 ?   ?   ?   A . n 
A 1 151 GLY 151 151 ?   ?   ?   A . n 
A 1 152 GLY 152 152 ?   ?   ?   A . n 
# 
loop_
_pdbx_nonpoly_scheme.asym_id 
_pdbx_nonpoly_scheme.entity_id 
_pdbx_nonpoly_scheme.mon_id 
_pdbx_nonpoly_scheme.ndb_seq_num 
_pdbx_nonpoly_scheme.pdb_seq_num 
_pdbx_nonpoly_scheme.auth_seq_num 
_pdbx_nonpoly_scheme.pdb_mon_id 
_pdbx_nonpoly_scheme.auth_mon_id 
_pdbx_nonpoly_scheme.pdb_strand_id 
_pdbx_nonpoly_scheme.pdb_ins_code 
B 2 ZN  1  1150 1150 ZN  ZN  A . 
C 2 ZN  1  1151 1151 ZN  ZN  A . 
D 2 ZN  1  1152 1152 ZN  ZN  A . 
E 2 ZN  1  1153 1153 ZN  ZN  A . 
F 3 CL  1  1154 1154 CL  CL  A . 
G 4 HOH 1  2001 2001 HOH HOH A . 
G 4 HOH 2  2002 2002 HOH HOH A . 
G 4 HOH 3  2003 2003 HOH HOH A . 
G 4 HOH 4  2004 2004 HOH HOH A . 
G 4 HOH 5  2005 2005 HOH HOH A . 
G 4 HOH 6  2006 2006 HOH HOH A . 
G 4 HOH 7  2007 2007 HOH HOH A . 
G 4 HOH 8  2008 2008 HOH HOH A . 
G 4 HOH 9  2009 2009 HOH HOH A . 
G 4 HOH 10 2010 2010 HOH HOH A . 
G 4 HOH 11 2011 2011 HOH HOH A . 
G 4 HOH 12 2012 2012 HOH HOH A . 
G 4 HOH 13 2013 2013 HOH HOH A . 
G 4 HOH 14 2014 2014 HOH HOH A . 
G 4 HOH 15 2015 2015 HOH HOH A . 
G 4 HOH 16 2016 2016 HOH HOH A . 
G 4 HOH 17 2017 2017 HOH HOH A . 
G 4 HOH 18 2018 2018 HOH HOH A . 
G 4 HOH 19 2019 2019 HOH HOH A . 
G 4 HOH 20 2020 2020 HOH HOH A . 
G 4 HOH 21 2021 2021 HOH HOH A . 
G 4 HOH 22 2022 2022 HOH HOH A . 
G 4 HOH 23 2023 2023 HOH HOH A . 
G 4 HOH 24 2024 2024 HOH HOH A . 
G 4 HOH 25 2025 2025 HOH HOH A . 
G 4 HOH 26 2026 2026 HOH HOH A . 
# 
loop_
_software.name 
_software.classification 
_software.version 
_software.citation_id 
_software.pdbx_ordinal 
REFMAC refinement       5.2.0019 ? 1 
MOSFLM 'data reduction' .        ? 2 
SCALA  'data scaling'   .        ? 3 
PHASER phasing          .        ? 4 
# 
_cell.entry_id           2W9N 
_cell.length_a           105.572 
_cell.length_b           105.572 
_cell.length_c           105.572 
_cell.angle_alpha        90.00 
_cell.angle_beta         90.00 
_cell.angle_gamma        90.00 
_cell.Z_PDB              24 
_cell.pdbx_unique_axis   ? 
# 
_symmetry.entry_id                         2W9N 
_symmetry.space_group_name_H-M             'P 43 3 2' 
_symmetry.pdbx_full_space_group_name_H-M   ? 
_symmetry.cell_setting                     ? 
_symmetry.Int_Tables_number                212 
# 
_exptl.entry_id          2W9N 
_exptl.method            'X-RAY DIFFRACTION' 
_exptl.crystals_number   1 
# 
_exptl_crystal.id                    1 
_exptl_crystal.density_meas          ? 
_exptl_crystal.density_Matthews      2.8 
_exptl_crystal.density_percent_sol   55 
_exptl_crystal.description           NONE 
# 
_exptl_crystal_grow.crystal_id      1 
_exptl_crystal_grow.method          ? 
_exptl_crystal_grow.temp            ? 
_exptl_crystal_grow.temp_details    ? 
_exptl_crystal_grow.pH              7 
_exptl_crystal_grow.pdbx_pH_range   ? 
_exptl_crystal_grow.pdbx_details    '22% PEG 3350 AND 200 MM ZNOAC, pH 7' 
# 
_diffrn.id                     1 
_diffrn.ambient_temp           100 
_diffrn.ambient_temp_details   ? 
_diffrn.crystal_id             1 
# 
_diffrn_detector.diffrn_id              1 
_diffrn_detector.detector               CCD 
_diffrn_detector.type                   'ADSC CCD' 
_diffrn_detector.pdbx_collection_date   2007-03-12 
_diffrn_detector.details                ? 
# 
_diffrn_radiation.diffrn_id                        1 
_diffrn_radiation.wavelength_id                    1 
_diffrn_radiation.pdbx_monochromatic_or_laue_m_l   M 
_diffrn_radiation.monochromator                    ? 
_diffrn_radiation.pdbx_diffrn_protocol             'SINGLE WAVELENGTH' 
_diffrn_radiation.pdbx_scattering_type             x-ray 
# 
_diffrn_radiation_wavelength.id           1 
_diffrn_radiation_wavelength.wavelength   0.9537 
_diffrn_radiation_wavelength.wt           1.0 
# 
_diffrn_source.diffrn_id                   1 
_diffrn_source.source                      SYNCHROTRON 
_diffrn_source.type                        'ESRF BEAMLINE ID23-1' 
_diffrn_source.pdbx_synchrotron_site       ESRF 
_diffrn_source.pdbx_synchrotron_beamline   ID23-1 
_diffrn_source.pdbx_wavelength             0.9537 
_diffrn_source.pdbx_wavelength_list        ? 
# 
_reflns.pdbx_diffrn_id               1 
_reflns.pdbx_ordinal                 1 
_reflns.entry_id                     2W9N 
_reflns.observed_criterion_sigma_I   2.0 
_reflns.observed_criterion_sigma_F   ? 
_reflns.d_resolution_low             74.74 
_reflns.d_resolution_high            2.25 
_reflns.number_obs                   9985 
_reflns.number_all                   ? 
_reflns.percent_possible_obs         99.1 
_reflns.pdbx_Rmerge_I_obs            0.11 
_reflns.pdbx_Rsym_value              ? 
_reflns.pdbx_netI_over_sigmaI        27.40 
_reflns.B_iso_Wilson_estimate        ? 
_reflns.pdbx_redundancy              17.1 
# 
_reflns_shell.pdbx_diffrn_id         1 
_reflns_shell.pdbx_ordinal           1 
_reflns_shell.d_res_high             2.25 
_reflns_shell.d_res_low              2.37 
_reflns_shell.percent_possible_all   96.9 
_reflns_shell.Rmerge_I_obs           0.54 
_reflns_shell.pdbx_Rsym_value        ? 
_reflns_shell.meanI_over_sigI_obs    2.00 
_reflns_shell.pdbx_redundancy        5.8 
# 
_refine.pdbx_refine_id                           'X-RAY DIFFRACTION' 
_refine.entry_id                                 2W9N 
_refine.pdbx_diffrn_id                           1 
_refine.pdbx_TLS_residual_ADP_flag               'LIKELY RESIDUAL' 
_refine.ls_number_reflns_obs                     9431 
_refine.ls_number_reflns_all                     ? 
_refine.pdbx_ls_sigma_I                          ? 
_refine.pdbx_ls_sigma_F                          ? 
_refine.pdbx_data_cutoff_high_absF               ? 
_refine.pdbx_data_cutoff_low_absF                ? 
_refine.pdbx_data_cutoff_high_rms_absF           ? 
_refine.ls_d_res_low                             30.00 
_refine.ls_d_res_high                            2.25 
_refine.ls_percent_reflns_obs                    98.7 
_refine.ls_R_factor_obs                          0.260 
_refine.ls_R_factor_all                          ? 
_refine.ls_R_factor_R_work                       0.259 
_refine.ls_R_factor_R_free                       0.276 
_refine.ls_R_factor_R_free_error                 ? 
_refine.ls_R_factor_R_free_error_details         ? 
_refine.ls_percent_reflns_R_free                 4.800 
_refine.ls_number_reflns_R_free                  478 
_refine.ls_number_parameters                     ? 
_refine.ls_number_restraints                     ? 
_refine.occupancy_min                            ? 
_refine.occupancy_max                            ? 
_refine.correlation_coeff_Fo_to_Fc               0.919 
_refine.correlation_coeff_Fo_to_Fc_free          0.934 
_refine.B_iso_mean                               77.15 
_refine.aniso_B[1][1]                            ? 
_refine.aniso_B[2][2]                            ? 
_refine.aniso_B[3][3]                            ? 
_refine.aniso_B[1][2]                            ? 
_refine.aniso_B[1][3]                            ? 
_refine.aniso_B[2][3]                            ? 
_refine.solvent_model_details                    MASK 
_refine.solvent_model_param_ksol                 ? 
_refine.solvent_model_param_bsol                 ? 
_refine.pdbx_solvent_vdw_probe_radii             1.40 
_refine.pdbx_solvent_ion_probe_radii             0.80 
_refine.pdbx_solvent_shrinkage_radii             0.80 
_refine.pdbx_ls_cross_valid_method               THROUGHOUT 
_refine.details                                  'HYDROGENS HAVE BEEN ADDED IN THE RIDING POSITIONS.' 
_refine.pdbx_starting_model                      'PDB ENTRY 1UBQ' 
_refine.pdbx_method_to_determine_struct          'MOLECULAR REPLACEMENT' 
_refine.pdbx_isotropic_thermal_model             ? 
_refine.pdbx_stereochemistry_target_values       'MAXIMUM LIKELIHOOD' 
_refine.pdbx_stereochem_target_val_spec_case     ? 
_refine.pdbx_R_Free_selection_details            RANDOM 
_refine.pdbx_overall_ESU_R                       0.307 
_refine.pdbx_overall_ESU_R_Free                  0.228 
_refine.overall_SU_ML                            0.207 
_refine.pdbx_overall_phase_error                 ? 
_refine.overall_SU_B                             16.581 
_refine.overall_SU_R_Cruickshank_DPI             ? 
_refine.pdbx_overall_SU_R_free_Cruickshank_DPI   ? 
_refine.pdbx_overall_SU_R_Blow_DPI               ? 
_refine.pdbx_overall_SU_R_free_Blow_DPI          ? 
# 
_refine_hist.pdbx_refine_id                   'X-RAY DIFFRACTION' 
_refine_hist.cycle_id                         LAST 
_refine_hist.pdbx_number_atoms_protein        1185 
_refine_hist.pdbx_number_atoms_nucleic_acid   0 
_refine_hist.pdbx_number_atoms_ligand         5 
_refine_hist.number_atoms_solvent             26 
_refine_hist.number_atoms_total               1216 
_refine_hist.d_res_high                       2.25 
_refine_hist.d_res_low                        30.00 
# 
loop_
_refine_ls_restr.type 
_refine_ls_restr.dev_ideal 
_refine_ls_restr.dev_ideal_target 
_refine_ls_restr.weight 
_refine_ls_restr.number 
_refine_ls_restr.pdbx_refine_id 
_refine_ls_restr.pdbx_restraint_function 
r_bond_refined_d             0.020  0.022  ? 1198 'X-RAY DIFFRACTION' ? 
r_bond_other_d               ?      ?      ? ?    'X-RAY DIFFRACTION' ? 
r_angle_refined_deg          1.927  2.001  ? 1613 'X-RAY DIFFRACTION' ? 
r_angle_other_deg            ?      ?      ? ?    'X-RAY DIFFRACTION' ? 
r_dihedral_angle_1_deg       7.510  5.000  ? 148  'X-RAY DIFFRACTION' ? 
r_dihedral_angle_2_deg       34.869 25.849 ? 53   'X-RAY DIFFRACTION' ? 
r_dihedral_angle_3_deg       19.553 15.000 ? 242  'X-RAY DIFFRACTION' ? 
r_dihedral_angle_4_deg       24.087 15.000 ? 7    'X-RAY DIFFRACTION' ? 
r_chiral_restr               0.120  0.200  ? 193  'X-RAY DIFFRACTION' ? 
r_gen_planes_refined         0.007  0.020  ? 859  'X-RAY DIFFRACTION' ? 
r_gen_planes_other           ?      ?      ? ?    'X-RAY DIFFRACTION' ? 
r_nbd_refined                0.226  0.200  ? 435  'X-RAY DIFFRACTION' ? 
r_nbd_other                  ?      ?      ? ?    'X-RAY DIFFRACTION' ? 
r_nbtor_refined              0.308  0.200  ? 792  'X-RAY DIFFRACTION' ? 
r_nbtor_other                ?      ?      ? ?    'X-RAY DIFFRACTION' ? 
r_xyhbond_nbd_refined        0.183  0.200  ? 44   'X-RAY DIFFRACTION' ? 
r_xyhbond_nbd_other          ?      ?      ? ?    'X-RAY DIFFRACTION' ? 
r_metal_ion_refined          ?      ?      ? ?    'X-RAY DIFFRACTION' ? 
r_metal_ion_other            ?      ?      ? ?    'X-RAY DIFFRACTION' ? 
r_symmetry_vdw_refined       0.261  0.200  ? 53   'X-RAY DIFFRACTION' ? 
r_symmetry_vdw_other         ?      ?      ? ?    'X-RAY DIFFRACTION' ? 
r_symmetry_hbond_refined     0.214  0.200  ? 9    'X-RAY DIFFRACTION' ? 
r_symmetry_hbond_other       ?      ?      ? ?    'X-RAY DIFFRACTION' ? 
r_symmetry_metal_ion_refined ?      ?      ? ?    'X-RAY DIFFRACTION' ? 
r_symmetry_metal_ion_other   ?      ?      ? ?    'X-RAY DIFFRACTION' ? 
r_mcbond_it                  0.895  1.500  ? 771  'X-RAY DIFFRACTION' ? 
r_mcbond_other               ?      ?      ? ?    'X-RAY DIFFRACTION' ? 
r_mcangle_it                 1.441  2.000  ? 1211 'X-RAY DIFFRACTION' ? 
r_mcangle_other              ?      ?      ? ?    'X-RAY DIFFRACTION' ? 
r_scbond_it                  2.518  3.000  ? 469  'X-RAY DIFFRACTION' ? 
r_scbond_other               ?      ?      ? ?    'X-RAY DIFFRACTION' ? 
r_scangle_it                 3.940  4.500  ? 402  'X-RAY DIFFRACTION' ? 
r_scangle_other              ?      ?      ? ?    'X-RAY DIFFRACTION' ? 
r_long_range_B_refined       ?      ?      ? ?    'X-RAY DIFFRACTION' ? 
r_long_range_B_other         ?      ?      ? ?    'X-RAY DIFFRACTION' ? 
r_rigid_bond_restr           ?      ?      ? ?    'X-RAY DIFFRACTION' ? 
r_sphericity_free            ?      ?      ? ?    'X-RAY DIFFRACTION' ? 
r_sphericity_bonded          ?      ?      ? ?    'X-RAY DIFFRACTION' ? 
# 
_refine_ls_shell.pdbx_refine_id                   'X-RAY DIFFRACTION' 
_refine_ls_shell.pdbx_total_number_of_bins_used   20 
_refine_ls_shell.d_res_high                       2.25 
_refine_ls_shell.d_res_low                        2.31 
_refine_ls_shell.number_reflns_R_work             630 
_refine_ls_shell.R_factor_R_work                  0.4810 
_refine_ls_shell.percent_reflns_obs               ? 
_refine_ls_shell.R_factor_R_free                  0.7700 
_refine_ls_shell.R_factor_R_free_error            ? 
_refine_ls_shell.percent_reflns_R_free            ? 
_refine_ls_shell.number_reflns_R_free             30 
_refine_ls_shell.number_reflns_all                ? 
_refine_ls_shell.R_factor_all                     ? 
# 
_struct.entry_id                  2W9N 
_struct.title                     'crystal structure of linear di-ubiquitin' 
_struct.pdbx_model_details        ? 
_struct.pdbx_CASP_flag            ? 
_struct.pdbx_model_type_details   ? 
# 
_struct_keywords.entry_id        2W9N 
_struct_keywords.pdbx_keywords   'CELL CYCLE' 
_struct_keywords.text            'CELL CYCLE, K63, IKK, NEMO, LYS63, LINEAR, UBIQUITIN, SIGNALLING CELL CYCLE' 
# 
loop_
_struct_asym.id 
_struct_asym.pdbx_blank_PDB_chainid_flag 
_struct_asym.pdbx_modified 
_struct_asym.entity_id 
_struct_asym.details 
A N N 1 ? 
B N N 2 ? 
C N N 2 ? 
D N N 2 ? 
E N N 2 ? 
F N N 3 ? 
G N N 4 ? 
# 
_struct_ref.id                         1 
_struct_ref.db_name                    UNP 
_struct_ref.db_code                    UBIQ_HUMAN 
_struct_ref.entity_id                  1 
_struct_ref.pdbx_seq_one_letter_code   ? 
_struct_ref.pdbx_align_begin           ? 
_struct_ref.pdbx_db_accession          P62988 
_struct_ref.pdbx_db_isoform            ? 
# 
loop_
_struct_ref_seq.align_id 
_struct_ref_seq.ref_id 
_struct_ref_seq.pdbx_PDB_id_code 
_struct_ref_seq.pdbx_strand_id 
_struct_ref_seq.seq_align_beg 
_struct_ref_seq.pdbx_seq_align_beg_ins_code 
_struct_ref_seq.seq_align_end 
_struct_ref_seq.pdbx_seq_align_end_ins_code 
_struct_ref_seq.pdbx_db_accession 
_struct_ref_seq.db_align_beg 
_struct_ref_seq.pdbx_db_align_beg_ins_code 
_struct_ref_seq.db_align_end 
_struct_ref_seq.pdbx_db_align_end_ins_code 
_struct_ref_seq.pdbx_auth_seq_align_beg 
_struct_ref_seq.pdbx_auth_seq_align_end 
1 1 2W9N A 1  ? 76  ? P62988 1 ? 76 ? 1  76  
2 1 2W9N A 77 ? 152 ? P62988 1 ? 76 ? 77 152 
# 
_pdbx_struct_assembly.id                   1 
_pdbx_struct_assembly.details              author_and_software_defined_assembly 
_pdbx_struct_assembly.method_details       PQS 
_pdbx_struct_assembly.oligomeric_details   monomeric 
_pdbx_struct_assembly.oligomeric_count     1 
# 
_pdbx_struct_assembly_gen.assembly_id       1 
_pdbx_struct_assembly_gen.oper_expression   1 
_pdbx_struct_assembly_gen.asym_id_list      A,B,C,D,E,F,G 
# 
_pdbx_struct_oper_list.id                   1 
_pdbx_struct_oper_list.type                 'identity operation' 
_pdbx_struct_oper_list.name                 1_555 
_pdbx_struct_oper_list.symmetry_operation   x,y,z 
_pdbx_struct_oper_list.matrix[1][1]         1.0000000000 
_pdbx_struct_oper_list.matrix[1][2]         0.0000000000 
_pdbx_struct_oper_list.matrix[1][3]         0.0000000000 
_pdbx_struct_oper_list.vector[1]            0.0000000000 
_pdbx_struct_oper_list.matrix[2][1]         0.0000000000 
_pdbx_struct_oper_list.matrix[2][2]         1.0000000000 
_pdbx_struct_oper_list.matrix[2][3]         0.0000000000 
_pdbx_struct_oper_list.vector[2]            0.0000000000 
_pdbx_struct_oper_list.matrix[3][1]         0.0000000000 
_pdbx_struct_oper_list.matrix[3][2]         0.0000000000 
_pdbx_struct_oper_list.matrix[3][3]         1.0000000000 
_pdbx_struct_oper_list.vector[3]            0.0000000000 
# 
_struct_biol.id   1 
# 
loop_
_struct_conf.conf_type_id 
_struct_conf.id 
_struct_conf.pdbx_PDB_helix_id 
_struct_conf.beg_label_comp_id 
_struct_conf.beg_label_asym_id 
_struct_conf.beg_label_seq_id 
_struct_conf.pdbx_beg_PDB_ins_code 
_struct_conf.end_label_comp_id 
_struct_conf.end_label_asym_id 
_struct_conf.end_label_seq_id 
_struct_conf.pdbx_end_PDB_ins_code 
_struct_conf.beg_auth_comp_id 
_struct_conf.beg_auth_asym_id 
_struct_conf.beg_auth_seq_id 
_struct_conf.end_auth_comp_id 
_struct_conf.end_auth_asym_id 
_struct_conf.end_auth_seq_id 
_struct_conf.pdbx_PDB_helix_class 
_struct_conf.details 
_struct_conf.pdbx_PDB_helix_length 
HELX_P HELX_P1 1 THR A 22  ? GLY A 35  ? THR A 22  GLY A 35  1 ? 14 
HELX_P HELX_P2 2 PRO A 37  ? ASP A 39  ? PRO A 37  ASP A 39  5 ? 3  
HELX_P HELX_P3 3 LEU A 56  ? ASN A 60  ? LEU A 56  ASN A 60  5 ? 5  
HELX_P HELX_P4 4 THR A 98  ? GLY A 111 ? THR A 98  GLY A 111 1 ? 14 
HELX_P HELX_P5 5 PRO A 113 ? ASP A 115 ? PRO A 113 ASP A 115 5 ? 3  
# 
_struct_conf_type.id          HELX_P 
_struct_conf_type.criteria    ? 
_struct_conf_type.reference   ? 
# 
loop_
_struct_conn.id 
_struct_conn.conn_type_id 
_struct_conn.pdbx_leaving_atom_flag 
_struct_conn.pdbx_PDB_id 
_struct_conn.ptnr1_label_asym_id 
_struct_conn.ptnr1_label_comp_id 
_struct_conn.ptnr1_label_seq_id 
_struct_conn.ptnr1_label_atom_id 
_struct_conn.pdbx_ptnr1_label_alt_id 
_struct_conn.pdbx_ptnr1_PDB_ins_code 
_struct_conn.pdbx_ptnr1_standard_comp_id 
_struct_conn.ptnr1_symmetry 
_struct_conn.ptnr2_label_asym_id 
_struct_conn.ptnr2_label_comp_id 
_struct_conn.ptnr2_label_seq_id 
_struct_conn.ptnr2_label_atom_id 
_struct_conn.pdbx_ptnr2_label_alt_id 
_struct_conn.pdbx_ptnr2_PDB_ins_code 
_struct_conn.ptnr1_auth_asym_id 
_struct_conn.ptnr1_auth_comp_id 
_struct_conn.ptnr1_auth_seq_id 
_struct_conn.ptnr2_auth_asym_id 
_struct_conn.ptnr2_auth_comp_id 
_struct_conn.ptnr2_auth_seq_id 
_struct_conn.ptnr2_symmetry 
_struct_conn.pdbx_ptnr3_label_atom_id 
_struct_conn.pdbx_ptnr3_label_seq_id 
_struct_conn.pdbx_ptnr3_label_comp_id 
_struct_conn.pdbx_ptnr3_label_asym_id 
_struct_conn.pdbx_ptnr3_label_alt_id 
_struct_conn.pdbx_ptnr3_PDB_ins_code 
_struct_conn.details 
_struct_conn.pdbx_dist_value 
_struct_conn.pdbx_value_order 
_struct_conn.pdbx_role 
covale1  covale both ? A FME 1   C   ? ? ? 1_555  A GLN 2 N  ? ? A FME 1    A GLN 2    1_555 ? ? ? ? ? ? ? 1.336 ? ? 
metalc1  metalc ?    ? A GLU 18  OE2 ? ? ? 1_555  B ZN  . ZN ? ? A GLU 18   A ZN  1150 1_555 ? ? ? ? ? ? ? 2.165 ? ? 
metalc2  metalc ?    ? A ASP 21  OD1 ? ? ? 6_566  B ZN  . ZN ? ? A ASP 21   A ZN  1150 1_555 ? ? ? ? ? ? ? 2.111 ? ? 
metalc3  metalc ?    ? A GLU 94  OE1 ? ? ? 7_564  C ZN  . ZN ? ? A GLU 94   A ZN  1151 1_555 ? ? ? ? ? ? ? 2.012 ? ? 
metalc4  metalc ?    ? A ASP 97  OD1 ? ? ? 1_555  C ZN  . ZN ? ? A ASP 97   A ZN  1151 1_555 ? ? ? ? ? ? ? 2.037 ? ? 
metalc5  metalc ?    ? A ASP 128 OD2 ? ? ? 1_555  E ZN  . ZN ? ? A ASP 128  A ZN  1153 1_555 ? ? ? ? ? ? ? 2.018 ? ? 
metalc6  metalc ?    ? A GLU 140 OE2 ? ? ? 1_555  D ZN  . ZN ? ? A GLU 140  A ZN  1152 1_555 ? ? ? ? ? ? ? 2.333 ? ? 
metalc7  metalc ?    ? A GLU 140 OE1 ? ? ? 1_555  D ZN  . ZN ? ? A GLU 140  A ZN  1152 1_555 ? ? ? ? ? ? ? 2.147 ? ? 
metalc8  metalc ?    ? A HIS 144 NE2 ? ? ? 18_554 D ZN  . ZN ? ? A HIS 144  A ZN  1152 1_555 ? ? ? ? ? ? ? 2.118 ? ? 
metalc9  metalc ?    ? B ZN  .   ZN  ? ? ? 1_555  F CL  . CL ? ? A ZN  1150 A CL  1154 6_566 ? ? ? ? ? ? ? 2.300 ? ? 
metalc10 metalc ?    ? C ZN  .   ZN  ? ? ? 1_555  G HOH . O  ? ? A ZN  1151 A HOH 2026 1_555 ? ? ? ? ? ? ? 1.827 ? ? 
# 
loop_
_struct_conn_type.id 
_struct_conn_type.criteria 
_struct_conn_type.reference 
covale ? ? 
metalc ? ? 
# 
loop_
_pdbx_struct_conn_angle.id 
_pdbx_struct_conn_angle.ptnr1_label_atom_id 
_pdbx_struct_conn_angle.ptnr1_label_alt_id 
_pdbx_struct_conn_angle.ptnr1_label_asym_id 
_pdbx_struct_conn_angle.ptnr1_label_comp_id 
_pdbx_struct_conn_angle.ptnr1_label_seq_id 
_pdbx_struct_conn_angle.ptnr1_auth_atom_id 
_pdbx_struct_conn_angle.ptnr1_auth_asym_id 
_pdbx_struct_conn_angle.ptnr1_auth_comp_id 
_pdbx_struct_conn_angle.ptnr1_auth_seq_id 
_pdbx_struct_conn_angle.ptnr1_PDB_ins_code 
_pdbx_struct_conn_angle.ptnr1_symmetry 
_pdbx_struct_conn_angle.ptnr2_label_atom_id 
_pdbx_struct_conn_angle.ptnr2_label_alt_id 
_pdbx_struct_conn_angle.ptnr2_label_asym_id 
_pdbx_struct_conn_angle.ptnr2_label_comp_id 
_pdbx_struct_conn_angle.ptnr2_label_seq_id 
_pdbx_struct_conn_angle.ptnr2_auth_atom_id 
_pdbx_struct_conn_angle.ptnr2_auth_asym_id 
_pdbx_struct_conn_angle.ptnr2_auth_comp_id 
_pdbx_struct_conn_angle.ptnr2_auth_seq_id 
_pdbx_struct_conn_angle.ptnr2_PDB_ins_code 
_pdbx_struct_conn_angle.ptnr2_symmetry 
_pdbx_struct_conn_angle.ptnr3_label_atom_id 
_pdbx_struct_conn_angle.ptnr3_label_alt_id 
_pdbx_struct_conn_angle.ptnr3_label_asym_id 
_pdbx_struct_conn_angle.ptnr3_label_comp_id 
_pdbx_struct_conn_angle.ptnr3_label_seq_id 
_pdbx_struct_conn_angle.ptnr3_auth_atom_id 
_pdbx_struct_conn_angle.ptnr3_auth_asym_id 
_pdbx_struct_conn_angle.ptnr3_auth_comp_id 
_pdbx_struct_conn_angle.ptnr3_auth_seq_id 
_pdbx_struct_conn_angle.ptnr3_PDB_ins_code 
_pdbx_struct_conn_angle.ptnr3_symmetry 
_pdbx_struct_conn_angle.value 
_pdbx_struct_conn_angle.value_esd 
1 OE2 ? A GLU 18  ? A GLU 18  ? 1_555 ZN ? B ZN . ? A ZN 1150 ? 1_555 OD1 ? A ASP 21  ? A ASP 21   ? 6_566  93.0  ? 
2 OE2 ? A GLU 18  ? A GLU 18  ? 1_555 ZN ? B ZN . ? A ZN 1150 ? 1_555 CL  ? F CL  .   ? A CL  1154 ? 6_566  121.6 ? 
3 OD1 ? A ASP 21  ? A ASP 21  ? 6_566 ZN ? B ZN . ? A ZN 1150 ? 1_555 CL  ? F CL  .   ? A CL  1154 ? 6_566  145.5 ? 
4 OE1 ? A GLU 94  ? A GLU 94  ? 7_564 ZN ? C ZN . ? A ZN 1151 ? 1_555 OD1 ? A ASP 97  ? A ASP 97   ? 1_555  101.8 ? 
5 OE1 ? A GLU 94  ? A GLU 94  ? 7_564 ZN ? C ZN . ? A ZN 1151 ? 1_555 O   ? G HOH .   ? A HOH 2026 ? 1_555  80.0  ? 
6 OD1 ? A ASP 97  ? A ASP 97  ? 1_555 ZN ? C ZN . ? A ZN 1151 ? 1_555 O   ? G HOH .   ? A HOH 2026 ? 1_555  74.4  ? 
7 OE2 ? A GLU 140 ? A GLU 140 ? 1_555 ZN ? D ZN . ? A ZN 1152 ? 1_555 OE1 ? A GLU 140 ? A GLU 140  ? 1_555  57.8  ? 
8 OE2 ? A GLU 140 ? A GLU 140 ? 1_555 ZN ? D ZN . ? A ZN 1152 ? 1_555 NE2 ? A HIS 144 ? A HIS 144  ? 18_554 77.3  ? 
9 OE1 ? A GLU 140 ? A GLU 140 ? 1_555 ZN ? D ZN . ? A ZN 1152 ? 1_555 NE2 ? A HIS 144 ? A HIS 144  ? 18_554 124.3 ? 
# 
_pdbx_modification_feature.ordinal                            1 
_pdbx_modification_feature.label_comp_id                      FME 
_pdbx_modification_feature.label_asym_id                      A 
_pdbx_modification_feature.label_seq_id                       1 
_pdbx_modification_feature.label_alt_id                       ? 
_pdbx_modification_feature.modified_residue_label_comp_id     . 
_pdbx_modification_feature.modified_residue_label_asym_id     . 
_pdbx_modification_feature.modified_residue_label_seq_id      . 
_pdbx_modification_feature.modified_residue_label_alt_id      . 
_pdbx_modification_feature.auth_comp_id                       FME 
_pdbx_modification_feature.auth_asym_id                       A 
_pdbx_modification_feature.auth_seq_id                        1 
_pdbx_modification_feature.PDB_ins_code                       ? 
_pdbx_modification_feature.symmetry                           1_555 
_pdbx_modification_feature.modified_residue_auth_comp_id      . 
_pdbx_modification_feature.modified_residue_auth_asym_id      . 
_pdbx_modification_feature.modified_residue_auth_seq_id       . 
_pdbx_modification_feature.modified_residue_PDB_ins_code      . 
_pdbx_modification_feature.modified_residue_symmetry          . 
_pdbx_modification_feature.comp_id_linking_atom               . 
_pdbx_modification_feature.modified_residue_id_linking_atom   . 
_pdbx_modification_feature.modified_residue_id                MET 
_pdbx_modification_feature.ref_pcm_id                         1 
_pdbx_modification_feature.ref_comp_id                        FME 
_pdbx_modification_feature.type                               Formylation 
_pdbx_modification_feature.category                           'Named protein modification' 
# 
loop_
_struct_sheet.id 
_struct_sheet.type 
_struct_sheet.number_strands 
_struct_sheet.details 
AA ? 5 ? 
AB ? 5 ? 
# 
loop_
_struct_sheet_order.sheet_id 
_struct_sheet_order.range_id_1 
_struct_sheet_order.range_id_2 
_struct_sheet_order.offset 
_struct_sheet_order.sense 
AA 1 2 ? anti-parallel 
AA 2 3 ? parallel      
AA 3 4 ? anti-parallel 
AA 4 5 ? anti-parallel 
AB 1 2 ? anti-parallel 
AB 2 3 ? parallel      
AB 3 4 ? anti-parallel 
AB 4 5 ? anti-parallel 
# 
loop_
_struct_sheet_range.sheet_id 
_struct_sheet_range.id 
_struct_sheet_range.beg_label_comp_id 
_struct_sheet_range.beg_label_asym_id 
_struct_sheet_range.beg_label_seq_id 
_struct_sheet_range.pdbx_beg_PDB_ins_code 
_struct_sheet_range.end_label_comp_id 
_struct_sheet_range.end_label_asym_id 
_struct_sheet_range.end_label_seq_id 
_struct_sheet_range.pdbx_end_PDB_ins_code 
_struct_sheet_range.beg_auth_comp_id 
_struct_sheet_range.beg_auth_asym_id 
_struct_sheet_range.beg_auth_seq_id 
_struct_sheet_range.end_auth_comp_id 
_struct_sheet_range.end_auth_asym_id 
_struct_sheet_range.end_auth_seq_id 
AA 1 THR A 12  ? LEU A 15  ? THR A 12  LEU A 15  
AA 2 ILE A 3   ? LYS A 6   ? ILE A 3   LYS A 6   
AA 3 THR A 66  ? LEU A 71  ? THR A 66  LEU A 71  
AA 4 GLN A 41  ? PHE A 45  ? GLN A 41  PHE A 45  
AA 5 LYS A 48  ? GLN A 49  ? LYS A 48  GLN A 49  
AB 1 THR A 88  ? GLU A 92  ? THR A 88  GLU A 92  
AB 2 GLN A 78  ? LYS A 82  ? GLN A 78  LYS A 82  
AB 3 THR A 142 ? LEU A 147 ? THR A 142 LEU A 147 
AB 4 GLN A 117 ? PHE A 121 ? GLN A 117 PHE A 121 
AB 5 LYS A 124 ? GLN A 125 ? LYS A 124 GLN A 125 
# 
loop_
_pdbx_struct_sheet_hbond.sheet_id 
_pdbx_struct_sheet_hbond.range_id_1 
_pdbx_struct_sheet_hbond.range_id_2 
_pdbx_struct_sheet_hbond.range_1_label_atom_id 
_pdbx_struct_sheet_hbond.range_1_label_comp_id 
_pdbx_struct_sheet_hbond.range_1_label_asym_id 
_pdbx_struct_sheet_hbond.range_1_label_seq_id 
_pdbx_struct_sheet_hbond.range_1_PDB_ins_code 
_pdbx_struct_sheet_hbond.range_1_auth_atom_id 
_pdbx_struct_sheet_hbond.range_1_auth_comp_id 
_pdbx_struct_sheet_hbond.range_1_auth_asym_id 
_pdbx_struct_sheet_hbond.range_1_auth_seq_id 
_pdbx_struct_sheet_hbond.range_2_label_atom_id 
_pdbx_struct_sheet_hbond.range_2_label_comp_id 
_pdbx_struct_sheet_hbond.range_2_label_asym_id 
_pdbx_struct_sheet_hbond.range_2_label_seq_id 
_pdbx_struct_sheet_hbond.range_2_PDB_ins_code 
_pdbx_struct_sheet_hbond.range_2_auth_atom_id 
_pdbx_struct_sheet_hbond.range_2_auth_comp_id 
_pdbx_struct_sheet_hbond.range_2_auth_asym_id 
_pdbx_struct_sheet_hbond.range_2_auth_seq_id 
AA 1 2 N LEU A 15  ? N LEU A 15  O ILE A 3   ? O ILE A 3   
AA 2 3 N LYS A 6   ? N LYS A 6   O LEU A 67  ? O LEU A 67  
AA 3 4 N VAL A 70  ? N VAL A 70  O ARG A 42  ? O ARG A 42  
AA 4 5 N PHE A 45  ? N PHE A 45  O LYS A 48  ? O LYS A 48  
AB 1 2 N LEU A 91  ? N LEU A 91  O ILE A 79  ? O ILE A 79  
AB 2 3 N LYS A 82  ? N LYS A 82  O LEU A 143 ? O LEU A 143 
AB 3 4 N VAL A 146 ? N VAL A 146 O ARG A 118 ? O ARG A 118 
AB 4 5 N PHE A 121 ? N PHE A 121 O LYS A 124 ? O LYS A 124 
# 
loop_
_struct_site.id 
_struct_site.pdbx_evidence_code 
_struct_site.pdbx_auth_asym_id 
_struct_site.pdbx_auth_comp_id 
_struct_site.pdbx_auth_seq_id 
_struct_site.pdbx_auth_ins_code 
_struct_site.pdbx_num_residues 
_struct_site.details 
AC1 Software A ZN 1150 ? 4 'BINDING SITE FOR RESIDUE ZN A 1150' 
AC2 Software A ZN 1151 ? 5 'BINDING SITE FOR RESIDUE ZN A 1151' 
AC3 Software A ZN 1152 ? 2 'BINDING SITE FOR RESIDUE ZN A 1152' 
AC4 Software A ZN 1153 ? 2 'BINDING SITE FOR RESIDUE ZN A 1153' 
AC5 Software A CL 1154 ? 3 'BINDING SITE FOR RESIDUE CL A 1154' 
# 
loop_
_struct_site_gen.id 
_struct_site_gen.site_id 
_struct_site_gen.pdbx_num_res 
_struct_site_gen.label_comp_id 
_struct_site_gen.label_asym_id 
_struct_site_gen.label_seq_id 
_struct_site_gen.pdbx_auth_ins_code 
_struct_site_gen.auth_comp_id 
_struct_site_gen.auth_asym_id 
_struct_site_gen.auth_seq_id 
_struct_site_gen.label_atom_id 
_struct_site_gen.label_alt_id 
_struct_site_gen.symmetry 
_struct_site_gen.details 
1  AC1 4 GLU A 18  ? GLU A 18   . ? 1_555  ? 
2  AC1 4 ASP A 21  ? ASP A 21   . ? 6_566  ? 
3  AC1 4 CL  F .   ? CL  A 1154 . ? 6_566  ? 
4  AC1 4 HOH G .   ? HOH A 2003 . ? 1_555  ? 
5  AC2 5 GLU A 94  ? GLU A 94   . ? 7_564  ? 
6  AC2 5 ASP A 97  ? ASP A 97   . ? 1_555  ? 
7  AC2 5 LYS A 105 ? LYS A 105  . ? 1_555  ? 
8  AC2 5 HOH G .   ? HOH A 2025 . ? 1_555  ? 
9  AC2 5 HOH G .   ? HOH A 2026 . ? 1_555  ? 
10 AC3 2 GLU A 140 ? GLU A 140  . ? 1_555  ? 
11 AC3 2 HIS A 144 ? HIS A 144  . ? 18_554 ? 
12 AC4 2 LYS A 103 ? LYS A 103  . ? 1_555  ? 
13 AC4 2 ASP A 128 ? ASP A 128  . ? 1_555  ? 
14 AC5 3 ASP A 21  ? ASP A 21   . ? 1_555  ? 
15 AC5 3 ZN  B .   ? ZN  A 1150 . ? 12_664 ? 
16 AC5 3 HOH G .   ? HOH A 2002 . ? 1_555  ? 
# 
_pdbx_entry_details.entry_id                   2W9N 
_pdbx_entry_details.compound_details           ? 
_pdbx_entry_details.source_details             ? 
_pdbx_entry_details.nonpolymer_details         ? 
_pdbx_entry_details.sequence_details           'TWO COPIES OF ENTRY FUSED HEAD-TO-TAIL' 
_pdbx_entry_details.has_ligand_of_interest     ? 
_pdbx_entry_details.has_protein_modification   Y 
# 
_pdbx_validate_close_contact.id               1 
_pdbx_validate_close_contact.PDB_model_num    1 
_pdbx_validate_close_contact.auth_atom_id_1   OE2 
_pdbx_validate_close_contact.auth_asym_id_1   A 
_pdbx_validate_close_contact.auth_comp_id_1   GLU 
_pdbx_validate_close_contact.auth_seq_id_1    140 
_pdbx_validate_close_contact.PDB_ins_code_1   ? 
_pdbx_validate_close_contact.label_alt_id_1   ? 
_pdbx_validate_close_contact.auth_atom_id_2   O 
_pdbx_validate_close_contact.auth_asym_id_2   A 
_pdbx_validate_close_contact.auth_comp_id_2   HOH 
_pdbx_validate_close_contact.auth_seq_id_2    2023 
_pdbx_validate_close_contact.PDB_ins_code_2   ? 
_pdbx_validate_close_contact.label_alt_id_2   ? 
_pdbx_validate_close_contact.dist             2.01 
# 
_pdbx_struct_mod_residue.id               1 
_pdbx_struct_mod_residue.label_asym_id    A 
_pdbx_struct_mod_residue.label_comp_id    FME 
_pdbx_struct_mod_residue.label_seq_id     1 
_pdbx_struct_mod_residue.auth_asym_id     A 
_pdbx_struct_mod_residue.auth_comp_id     FME 
_pdbx_struct_mod_residue.auth_seq_id      1 
_pdbx_struct_mod_residue.PDB_ins_code     ? 
_pdbx_struct_mod_residue.parent_comp_id   MET 
_pdbx_struct_mod_residue.details          N-FORMYLMETHIONINE 
# 
_pdbx_refine_tls.pdbx_refine_id   'X-RAY DIFFRACTION' 
_pdbx_refine_tls.id               1 
_pdbx_refine_tls.details          ? 
_pdbx_refine_tls.method           refined 
_pdbx_refine_tls.origin_x         -0.4211 
_pdbx_refine_tls.origin_y         0.7269 
_pdbx_refine_tls.origin_z         -0.1235 
_pdbx_refine_tls.T[1][1]          0.0863 
_pdbx_refine_tls.T[2][2]          0.0679 
_pdbx_refine_tls.T[3][3]          0.0670 
_pdbx_refine_tls.T[1][2]          -0.0067 
_pdbx_refine_tls.T[1][3]          -0.0397 
_pdbx_refine_tls.T[2][3]          0.0342 
_pdbx_refine_tls.L[1][1]          4.3252 
_pdbx_refine_tls.L[2][2]          6.3240 
_pdbx_refine_tls.L[3][3]          1.0643 
_pdbx_refine_tls.L[1][2]          -4.6902 
_pdbx_refine_tls.L[1][3]          -0.9247 
_pdbx_refine_tls.L[2][3]          1.4020 
_pdbx_refine_tls.S[1][1]          -0.1873 
_pdbx_refine_tls.S[1][2]          -0.1643 
_pdbx_refine_tls.S[1][3]          -0.2566 
_pdbx_refine_tls.S[2][1]          0.1623 
_pdbx_refine_tls.S[2][2]          0.0873 
_pdbx_refine_tls.S[2][3]          0.4044 
_pdbx_refine_tls.S[3][1]          -0.1056 
_pdbx_refine_tls.S[3][2]          -0.1277 
_pdbx_refine_tls.S[3][3]          0.1000 
# 
_pdbx_refine_tls_group.pdbx_refine_id      'X-RAY DIFFRACTION' 
_pdbx_refine_tls_group.id                  1 
_pdbx_refine_tls_group.refine_tls_id       1 
_pdbx_refine_tls_group.beg_auth_asym_id    A 
_pdbx_refine_tls_group.beg_auth_seq_id     1 
_pdbx_refine_tls_group.beg_label_asym_id   ? 
_pdbx_refine_tls_group.beg_label_seq_id    ? 
_pdbx_refine_tls_group.end_auth_asym_id    A 
_pdbx_refine_tls_group.end_auth_seq_id     149 
_pdbx_refine_tls_group.end_label_asym_id   ? 
_pdbx_refine_tls_group.end_label_seq_id    ? 
_pdbx_refine_tls_group.selection           ? 
_pdbx_refine_tls_group.selection_details   ? 
# 
loop_
_pdbx_unobs_or_zero_occ_residues.id 
_pdbx_unobs_or_zero_occ_residues.PDB_model_num 
_pdbx_unobs_or_zero_occ_residues.polymer_flag 
_pdbx_unobs_or_zero_occ_residues.occupancy_flag 
_pdbx_unobs_or_zero_occ_residues.auth_asym_id 
_pdbx_unobs_or_zero_occ_residues.auth_comp_id 
_pdbx_unobs_or_zero_occ_residues.auth_seq_id 
_pdbx_unobs_or_zero_occ_residues.PDB_ins_code 
_pdbx_unobs_or_zero_occ_residues.label_asym_id 
_pdbx_unobs_or_zero_occ_residues.label_comp_id 
_pdbx_unobs_or_zero_occ_residues.label_seq_id 
1 1 Y 1 A ARG 150 ? A ARG 150 
2 1 Y 1 A GLY 151 ? A GLY 151 
3 1 Y 1 A GLY 152 ? A GLY 152 
# 
loop_
_chem_comp_atom.comp_id 
_chem_comp_atom.atom_id 
_chem_comp_atom.type_symbol 
_chem_comp_atom.pdbx_aromatic_flag 
_chem_comp_atom.pdbx_stereo_config 
_chem_comp_atom.pdbx_ordinal 
ALA N    N  N N 1   
ALA CA   C  N S 2   
ALA C    C  N N 3   
ALA O    O  N N 4   
ALA CB   C  N N 5   
ALA OXT  O  N N 6   
ALA H    H  N N 7   
ALA H2   H  N N 8   
ALA HA   H  N N 9   
ALA HB1  H  N N 10  
ALA HB2  H  N N 11  
ALA HB3  H  N N 12  
ALA HXT  H  N N 13  
ARG N    N  N N 14  
ARG CA   C  N S 15  
ARG C    C  N N 16  
ARG O    O  N N 17  
ARG CB   C  N N 18  
ARG CG   C  N N 19  
ARG CD   C  N N 20  
ARG NE   N  N N 21  
ARG CZ   C  N N 22  
ARG NH1  N  N N 23  
ARG NH2  N  N N 24  
ARG OXT  O  N N 25  
ARG H    H  N N 26  
ARG H2   H  N N 27  
ARG HA   H  N N 28  
ARG HB2  H  N N 29  
ARG HB3  H  N N 30  
ARG HG2  H  N N 31  
ARG HG3  H  N N 32  
ARG HD2  H  N N 33  
ARG HD3  H  N N 34  
ARG HE   H  N N 35  
ARG HH11 H  N N 36  
ARG HH12 H  N N 37  
ARG HH21 H  N N 38  
ARG HH22 H  N N 39  
ARG HXT  H  N N 40  
ASN N    N  N N 41  
ASN CA   C  N S 42  
ASN C    C  N N 43  
ASN O    O  N N 44  
ASN CB   C  N N 45  
ASN CG   C  N N 46  
ASN OD1  O  N N 47  
ASN ND2  N  N N 48  
ASN OXT  O  N N 49  
ASN H    H  N N 50  
ASN H2   H  N N 51  
ASN HA   H  N N 52  
ASN HB2  H  N N 53  
ASN HB3  H  N N 54  
ASN HD21 H  N N 55  
ASN HD22 H  N N 56  
ASN HXT  H  N N 57  
ASP N    N  N N 58  
ASP CA   C  N S 59  
ASP C    C  N N 60  
ASP O    O  N N 61  
ASP CB   C  N N 62  
ASP CG   C  N N 63  
ASP OD1  O  N N 64  
ASP OD2  O  N N 65  
ASP OXT  O  N N 66  
ASP H    H  N N 67  
ASP H2   H  N N 68  
ASP HA   H  N N 69  
ASP HB2  H  N N 70  
ASP HB3  H  N N 71  
ASP HD2  H  N N 72  
ASP HXT  H  N N 73  
CL  CL   CL N N 74  
FME N    N  N N 75  
FME CN   C  N N 76  
FME O1   O  N N 77  
FME CA   C  N S 78  
FME CB   C  N N 79  
FME CG   C  N N 80  
FME SD   S  N N 81  
FME CE   C  N N 82  
FME C    C  N N 83  
FME O    O  N N 84  
FME OXT  O  N N 85  
FME H    H  N N 86  
FME HCN  H  N N 87  
FME HA   H  N N 88  
FME HB2  H  N N 89  
FME HB3  H  N N 90  
FME HG2  H  N N 91  
FME HG3  H  N N 92  
FME HE1  H  N N 93  
FME HE2  H  N N 94  
FME HE3  H  N N 95  
FME HXT  H  N N 96  
GLN N    N  N N 97  
GLN CA   C  N S 98  
GLN C    C  N N 99  
GLN O    O  N N 100 
GLN CB   C  N N 101 
GLN CG   C  N N 102 
GLN CD   C  N N 103 
GLN OE1  O  N N 104 
GLN NE2  N  N N 105 
GLN OXT  O  N N 106 
GLN H    H  N N 107 
GLN H2   H  N N 108 
GLN HA   H  N N 109 
GLN HB2  H  N N 110 
GLN HB3  H  N N 111 
GLN HG2  H  N N 112 
GLN HG3  H  N N 113 
GLN HE21 H  N N 114 
GLN HE22 H  N N 115 
GLN HXT  H  N N 116 
GLU N    N  N N 117 
GLU CA   C  N S 118 
GLU C    C  N N 119 
GLU O    O  N N 120 
GLU CB   C  N N 121 
GLU CG   C  N N 122 
GLU CD   C  N N 123 
GLU OE1  O  N N 124 
GLU OE2  O  N N 125 
GLU OXT  O  N N 126 
GLU H    H  N N 127 
GLU H2   H  N N 128 
GLU HA   H  N N 129 
GLU HB2  H  N N 130 
GLU HB3  H  N N 131 
GLU HG2  H  N N 132 
GLU HG3  H  N N 133 
GLU HE2  H  N N 134 
GLU HXT  H  N N 135 
GLY N    N  N N 136 
GLY CA   C  N N 137 
GLY C    C  N N 138 
GLY O    O  N N 139 
GLY OXT  O  N N 140 
GLY H    H  N N 141 
GLY H2   H  N N 142 
GLY HA2  H  N N 143 
GLY HA3  H  N N 144 
GLY HXT  H  N N 145 
HIS N    N  N N 146 
HIS CA   C  N S 147 
HIS C    C  N N 148 
HIS O    O  N N 149 
HIS CB   C  N N 150 
HIS CG   C  Y N 151 
HIS ND1  N  Y N 152 
HIS CD2  C  Y N 153 
HIS CE1  C  Y N 154 
HIS NE2  N  Y N 155 
HIS OXT  O  N N 156 
HIS H    H  N N 157 
HIS H2   H  N N 158 
HIS HA   H  N N 159 
HIS HB2  H  N N 160 
HIS HB3  H  N N 161 
HIS HD1  H  N N 162 
HIS HD2  H  N N 163 
HIS HE1  H  N N 164 
HIS HE2  H  N N 165 
HIS HXT  H  N N 166 
HOH O    O  N N 167 
HOH H1   H  N N 168 
HOH H2   H  N N 169 
ILE N    N  N N 170 
ILE CA   C  N S 171 
ILE C    C  N N 172 
ILE O    O  N N 173 
ILE CB   C  N S 174 
ILE CG1  C  N N 175 
ILE CG2  C  N N 176 
ILE CD1  C  N N 177 
ILE OXT  O  N N 178 
ILE H    H  N N 179 
ILE H2   H  N N 180 
ILE HA   H  N N 181 
ILE HB   H  N N 182 
ILE HG12 H  N N 183 
ILE HG13 H  N N 184 
ILE HG21 H  N N 185 
ILE HG22 H  N N 186 
ILE HG23 H  N N 187 
ILE HD11 H  N N 188 
ILE HD12 H  N N 189 
ILE HD13 H  N N 190 
ILE HXT  H  N N 191 
LEU N    N  N N 192 
LEU CA   C  N S 193 
LEU C    C  N N 194 
LEU O    O  N N 195 
LEU CB   C  N N 196 
LEU CG   C  N N 197 
LEU CD1  C  N N 198 
LEU CD2  C  N N 199 
LEU OXT  O  N N 200 
LEU H    H  N N 201 
LEU H2   H  N N 202 
LEU HA   H  N N 203 
LEU HB2  H  N N 204 
LEU HB3  H  N N 205 
LEU HG   H  N N 206 
LEU HD11 H  N N 207 
LEU HD12 H  N N 208 
LEU HD13 H  N N 209 
LEU HD21 H  N N 210 
LEU HD22 H  N N 211 
LEU HD23 H  N N 212 
LEU HXT  H  N N 213 
LYS N    N  N N 214 
LYS CA   C  N S 215 
LYS C    C  N N 216 
LYS O    O  N N 217 
LYS CB   C  N N 218 
LYS CG   C  N N 219 
LYS CD   C  N N 220 
LYS CE   C  N N 221 
LYS NZ   N  N N 222 
LYS OXT  O  N N 223 
LYS H    H  N N 224 
LYS H2   H  N N 225 
LYS HA   H  N N 226 
LYS HB2  H  N N 227 
LYS HB3  H  N N 228 
LYS HG2  H  N N 229 
LYS HG3  H  N N 230 
LYS HD2  H  N N 231 
LYS HD3  H  N N 232 
LYS HE2  H  N N 233 
LYS HE3  H  N N 234 
LYS HZ1  H  N N 235 
LYS HZ2  H  N N 236 
LYS HZ3  H  N N 237 
LYS HXT  H  N N 238 
MET N    N  N N 239 
MET CA   C  N S 240 
MET C    C  N N 241 
MET O    O  N N 242 
MET CB   C  N N 243 
MET CG   C  N N 244 
MET SD   S  N N 245 
MET CE   C  N N 246 
MET OXT  O  N N 247 
MET H    H  N N 248 
MET H2   H  N N 249 
MET HA   H  N N 250 
MET HB2  H  N N 251 
MET HB3  H  N N 252 
MET HG2  H  N N 253 
MET HG3  H  N N 254 
MET HE1  H  N N 255 
MET HE2  H  N N 256 
MET HE3  H  N N 257 
MET HXT  H  N N 258 
PHE N    N  N N 259 
PHE CA   C  N S 260 
PHE C    C  N N 261 
PHE O    O  N N 262 
PHE CB   C  N N 263 
PHE CG   C  Y N 264 
PHE CD1  C  Y N 265 
PHE CD2  C  Y N 266 
PHE CE1  C  Y N 267 
PHE CE2  C  Y N 268 
PHE CZ   C  Y N 269 
PHE OXT  O  N N 270 
PHE H    H  N N 271 
PHE H2   H  N N 272 
PHE HA   H  N N 273 
PHE HB2  H  N N 274 
PHE HB3  H  N N 275 
PHE HD1  H  N N 276 
PHE HD2  H  N N 277 
PHE HE1  H  N N 278 
PHE HE2  H  N N 279 
PHE HZ   H  N N 280 
PHE HXT  H  N N 281 
PRO N    N  N N 282 
PRO CA   C  N S 283 
PRO C    C  N N 284 
PRO O    O  N N 285 
PRO CB   C  N N 286 
PRO CG   C  N N 287 
PRO CD   C  N N 288 
PRO OXT  O  N N 289 
PRO H    H  N N 290 
PRO HA   H  N N 291 
PRO HB2  H  N N 292 
PRO HB3  H  N N 293 
PRO HG2  H  N N 294 
PRO HG3  H  N N 295 
PRO HD2  H  N N 296 
PRO HD3  H  N N 297 
PRO HXT  H  N N 298 
SER N    N  N N 299 
SER CA   C  N S 300 
SER C    C  N N 301 
SER O    O  N N 302 
SER CB   C  N N 303 
SER OG   O  N N 304 
SER OXT  O  N N 305 
SER H    H  N N 306 
SER H2   H  N N 307 
SER HA   H  N N 308 
SER HB2  H  N N 309 
SER HB3  H  N N 310 
SER HG   H  N N 311 
SER HXT  H  N N 312 
THR N    N  N N 313 
THR CA   C  N S 314 
THR C    C  N N 315 
THR O    O  N N 316 
THR CB   C  N R 317 
THR OG1  O  N N 318 
THR CG2  C  N N 319 
THR OXT  O  N N 320 
THR H    H  N N 321 
THR H2   H  N N 322 
THR HA   H  N N 323 
THR HB   H  N N 324 
THR HG1  H  N N 325 
THR HG21 H  N N 326 
THR HG22 H  N N 327 
THR HG23 H  N N 328 
THR HXT  H  N N 329 
TYR N    N  N N 330 
TYR CA   C  N S 331 
TYR C    C  N N 332 
TYR O    O  N N 333 
TYR CB   C  N N 334 
TYR CG   C  Y N 335 
TYR CD1  C  Y N 336 
TYR CD2  C  Y N 337 
TYR CE1  C  Y N 338 
TYR CE2  C  Y N 339 
TYR CZ   C  Y N 340 
TYR OH   O  N N 341 
TYR OXT  O  N N 342 
TYR H    H  N N 343 
TYR H2   H  N N 344 
TYR HA   H  N N 345 
TYR HB2  H  N N 346 
TYR HB3  H  N N 347 
TYR HD1  H  N N 348 
TYR HD2  H  N N 349 
TYR HE1  H  N N 350 
TYR HE2  H  N N 351 
TYR HH   H  N N 352 
TYR HXT  H  N N 353 
VAL N    N  N N 354 
VAL CA   C  N S 355 
VAL C    C  N N 356 
VAL O    O  N N 357 
VAL CB   C  N N 358 
VAL CG1  C  N N 359 
VAL CG2  C  N N 360 
VAL OXT  O  N N 361 
VAL H    H  N N 362 
VAL H2   H  N N 363 
VAL HA   H  N N 364 
VAL HB   H  N N 365 
VAL HG11 H  N N 366 
VAL HG12 H  N N 367 
VAL HG13 H  N N 368 
VAL HG21 H  N N 369 
VAL HG22 H  N N 370 
VAL HG23 H  N N 371 
VAL HXT  H  N N 372 
ZN  ZN   ZN N N 373 
# 
loop_
_chem_comp_bond.comp_id 
_chem_comp_bond.atom_id_1 
_chem_comp_bond.atom_id_2 
_chem_comp_bond.value_order 
_chem_comp_bond.pdbx_aromatic_flag 
_chem_comp_bond.pdbx_stereo_config 
_chem_comp_bond.pdbx_ordinal 
ALA N   CA   sing N N 1   
ALA N   H    sing N N 2   
ALA N   H2   sing N N 3   
ALA CA  C    sing N N 4   
ALA CA  CB   sing N N 5   
ALA CA  HA   sing N N 6   
ALA C   O    doub N N 7   
ALA C   OXT  sing N N 8   
ALA CB  HB1  sing N N 9   
ALA CB  HB2  sing N N 10  
ALA CB  HB3  sing N N 11  
ALA OXT HXT  sing N N 12  
ARG N   CA   sing N N 13  
ARG N   H    sing N N 14  
ARG N   H2   sing N N 15  
ARG CA  C    sing N N 16  
ARG CA  CB   sing N N 17  
ARG CA  HA   sing N N 18  
ARG C   O    doub N N 19  
ARG C   OXT  sing N N 20  
ARG CB  CG   sing N N 21  
ARG CB  HB2  sing N N 22  
ARG CB  HB3  sing N N 23  
ARG CG  CD   sing N N 24  
ARG CG  HG2  sing N N 25  
ARG CG  HG3  sing N N 26  
ARG CD  NE   sing N N 27  
ARG CD  HD2  sing N N 28  
ARG CD  HD3  sing N N 29  
ARG NE  CZ   sing N N 30  
ARG NE  HE   sing N N 31  
ARG CZ  NH1  sing N N 32  
ARG CZ  NH2  doub N N 33  
ARG NH1 HH11 sing N N 34  
ARG NH1 HH12 sing N N 35  
ARG NH2 HH21 sing N N 36  
ARG NH2 HH22 sing N N 37  
ARG OXT HXT  sing N N 38  
ASN N   CA   sing N N 39  
ASN N   H    sing N N 40  
ASN N   H2   sing N N 41  
ASN CA  C    sing N N 42  
ASN CA  CB   sing N N 43  
ASN CA  HA   sing N N 44  
ASN C   O    doub N N 45  
ASN C   OXT  sing N N 46  
ASN CB  CG   sing N N 47  
ASN CB  HB2  sing N N 48  
ASN CB  HB3  sing N N 49  
ASN CG  OD1  doub N N 50  
ASN CG  ND2  sing N N 51  
ASN ND2 HD21 sing N N 52  
ASN ND2 HD22 sing N N 53  
ASN OXT HXT  sing N N 54  
ASP N   CA   sing N N 55  
ASP N   H    sing N N 56  
ASP N   H2   sing N N 57  
ASP CA  C    sing N N 58  
ASP CA  CB   sing N N 59  
ASP CA  HA   sing N N 60  
ASP C   O    doub N N 61  
ASP C   OXT  sing N N 62  
ASP CB  CG   sing N N 63  
ASP CB  HB2  sing N N 64  
ASP CB  HB3  sing N N 65  
ASP CG  OD1  doub N N 66  
ASP CG  OD2  sing N N 67  
ASP OD2 HD2  sing N N 68  
ASP OXT HXT  sing N N 69  
FME N   CN   sing N N 70  
FME N   CA   sing N N 71  
FME N   H    sing N N 72  
FME CN  O1   doub N N 73  
FME CN  HCN  sing N N 74  
FME CA  CB   sing N N 75  
FME CA  C    sing N N 76  
FME CA  HA   sing N N 77  
FME CB  CG   sing N N 78  
FME CB  HB2  sing N N 79  
FME CB  HB3  sing N N 80  
FME CG  SD   sing N N 81  
FME CG  HG2  sing N N 82  
FME CG  HG3  sing N N 83  
FME SD  CE   sing N N 84  
FME CE  HE1  sing N N 85  
FME CE  HE2  sing N N 86  
FME CE  HE3  sing N N 87  
FME C   O    doub N N 88  
FME C   OXT  sing N N 89  
FME OXT HXT  sing N N 90  
GLN N   CA   sing N N 91  
GLN N   H    sing N N 92  
GLN N   H2   sing N N 93  
GLN CA  C    sing N N 94  
GLN CA  CB   sing N N 95  
GLN CA  HA   sing N N 96  
GLN C   O    doub N N 97  
GLN C   OXT  sing N N 98  
GLN CB  CG   sing N N 99  
GLN CB  HB2  sing N N 100 
GLN CB  HB3  sing N N 101 
GLN CG  CD   sing N N 102 
GLN CG  HG2  sing N N 103 
GLN CG  HG3  sing N N 104 
GLN CD  OE1  doub N N 105 
GLN CD  NE2  sing N N 106 
GLN NE2 HE21 sing N N 107 
GLN NE2 HE22 sing N N 108 
GLN OXT HXT  sing N N 109 
GLU N   CA   sing N N 110 
GLU N   H    sing N N 111 
GLU N   H2   sing N N 112 
GLU CA  C    sing N N 113 
GLU CA  CB   sing N N 114 
GLU CA  HA   sing N N 115 
GLU C   O    doub N N 116 
GLU C   OXT  sing N N 117 
GLU CB  CG   sing N N 118 
GLU CB  HB2  sing N N 119 
GLU CB  HB3  sing N N 120 
GLU CG  CD   sing N N 121 
GLU CG  HG2  sing N N 122 
GLU CG  HG3  sing N N 123 
GLU CD  OE1  doub N N 124 
GLU CD  OE2  sing N N 125 
GLU OE2 HE2  sing N N 126 
GLU OXT HXT  sing N N 127 
GLY N   CA   sing N N 128 
GLY N   H    sing N N 129 
GLY N   H2   sing N N 130 
GLY CA  C    sing N N 131 
GLY CA  HA2  sing N N 132 
GLY CA  HA3  sing N N 133 
GLY C   O    doub N N 134 
GLY C   OXT  sing N N 135 
GLY OXT HXT  sing N N 136 
HIS N   CA   sing N N 137 
HIS N   H    sing N N 138 
HIS N   H2   sing N N 139 
HIS CA  C    sing N N 140 
HIS CA  CB   sing N N 141 
HIS CA  HA   sing N N 142 
HIS C   O    doub N N 143 
HIS C   OXT  sing N N 144 
HIS CB  CG   sing N N 145 
HIS CB  HB2  sing N N 146 
HIS CB  HB3  sing N N 147 
HIS CG  ND1  sing Y N 148 
HIS CG  CD2  doub Y N 149 
HIS ND1 CE1  doub Y N 150 
HIS ND1 HD1  sing N N 151 
HIS CD2 NE2  sing Y N 152 
HIS CD2 HD2  sing N N 153 
HIS CE1 NE2  sing Y N 154 
HIS CE1 HE1  sing N N 155 
HIS NE2 HE2  sing N N 156 
HIS OXT HXT  sing N N 157 
HOH O   H1   sing N N 158 
HOH O   H2   sing N N 159 
ILE N   CA   sing N N 160 
ILE N   H    sing N N 161 
ILE N   H2   sing N N 162 
ILE CA  C    sing N N 163 
ILE CA  CB   sing N N 164 
ILE CA  HA   sing N N 165 
ILE C   O    doub N N 166 
ILE C   OXT  sing N N 167 
ILE CB  CG1  sing N N 168 
ILE CB  CG2  sing N N 169 
ILE CB  HB   sing N N 170 
ILE CG1 CD1  sing N N 171 
ILE CG1 HG12 sing N N 172 
ILE CG1 HG13 sing N N 173 
ILE CG2 HG21 sing N N 174 
ILE CG2 HG22 sing N N 175 
ILE CG2 HG23 sing N N 176 
ILE CD1 HD11 sing N N 177 
ILE CD1 HD12 sing N N 178 
ILE CD1 HD13 sing N N 179 
ILE OXT HXT  sing N N 180 
LEU N   CA   sing N N 181 
LEU N   H    sing N N 182 
LEU N   H2   sing N N 183 
LEU CA  C    sing N N 184 
LEU CA  CB   sing N N 185 
LEU CA  HA   sing N N 186 
LEU C   O    doub N N 187 
LEU C   OXT  sing N N 188 
LEU CB  CG   sing N N 189 
LEU CB  HB2  sing N N 190 
LEU CB  HB3  sing N N 191 
LEU CG  CD1  sing N N 192 
LEU CG  CD2  sing N N 193 
LEU CG  HG   sing N N 194 
LEU CD1 HD11 sing N N 195 
LEU CD1 HD12 sing N N 196 
LEU CD1 HD13 sing N N 197 
LEU CD2 HD21 sing N N 198 
LEU CD2 HD22 sing N N 199 
LEU CD2 HD23 sing N N 200 
LEU OXT HXT  sing N N 201 
LYS N   CA   sing N N 202 
LYS N   H    sing N N 203 
LYS N   H2   sing N N 204 
LYS CA  C    sing N N 205 
LYS CA  CB   sing N N 206 
LYS CA  HA   sing N N 207 
LYS C   O    doub N N 208 
LYS C   OXT  sing N N 209 
LYS CB  CG   sing N N 210 
LYS CB  HB2  sing N N 211 
LYS CB  HB3  sing N N 212 
LYS CG  CD   sing N N 213 
LYS CG  HG2  sing N N 214 
LYS CG  HG3  sing N N 215 
LYS CD  CE   sing N N 216 
LYS CD  HD2  sing N N 217 
LYS CD  HD3  sing N N 218 
LYS CE  NZ   sing N N 219 
LYS CE  HE2  sing N N 220 
LYS CE  HE3  sing N N 221 
LYS NZ  HZ1  sing N N 222 
LYS NZ  HZ2  sing N N 223 
LYS NZ  HZ3  sing N N 224 
LYS OXT HXT  sing N N 225 
MET N   CA   sing N N 226 
MET N   H    sing N N 227 
MET N   H2   sing N N 228 
MET CA  C    sing N N 229 
MET CA  CB   sing N N 230 
MET CA  HA   sing N N 231 
MET C   O    doub N N 232 
MET C   OXT  sing N N 233 
MET CB  CG   sing N N 234 
MET CB  HB2  sing N N 235 
MET CB  HB3  sing N N 236 
MET CG  SD   sing N N 237 
MET CG  HG2  sing N N 238 
MET CG  HG3  sing N N 239 
MET SD  CE   sing N N 240 
MET CE  HE1  sing N N 241 
MET CE  HE2  sing N N 242 
MET CE  HE3  sing N N 243 
MET OXT HXT  sing N N 244 
PHE N   CA   sing N N 245 
PHE N   H    sing N N 246 
PHE N   H2   sing N N 247 
PHE CA  C    sing N N 248 
PHE CA  CB   sing N N 249 
PHE CA  HA   sing N N 250 
PHE C   O    doub N N 251 
PHE C   OXT  sing N N 252 
PHE CB  CG   sing N N 253 
PHE CB  HB2  sing N N 254 
PHE CB  HB3  sing N N 255 
PHE CG  CD1  doub Y N 256 
PHE CG  CD2  sing Y N 257 
PHE CD1 CE1  sing Y N 258 
PHE CD1 HD1  sing N N 259 
PHE CD2 CE2  doub Y N 260 
PHE CD2 HD2  sing N N 261 
PHE CE1 CZ   doub Y N 262 
PHE CE1 HE1  sing N N 263 
PHE CE2 CZ   sing Y N 264 
PHE CE2 HE2  sing N N 265 
PHE CZ  HZ   sing N N 266 
PHE OXT HXT  sing N N 267 
PRO N   CA   sing N N 268 
PRO N   CD   sing N N 269 
PRO N   H    sing N N 270 
PRO CA  C    sing N N 271 
PRO CA  CB   sing N N 272 
PRO CA  HA   sing N N 273 
PRO C   O    doub N N 274 
PRO C   OXT  sing N N 275 
PRO CB  CG   sing N N 276 
PRO CB  HB2  sing N N 277 
PRO CB  HB3  sing N N 278 
PRO CG  CD   sing N N 279 
PRO CG  HG2  sing N N 280 
PRO CG  HG3  sing N N 281 
PRO CD  HD2  sing N N 282 
PRO CD  HD3  sing N N 283 
PRO OXT HXT  sing N N 284 
SER N   CA   sing N N 285 
SER N   H    sing N N 286 
SER N   H2   sing N N 287 
SER CA  C    sing N N 288 
SER CA  CB   sing N N 289 
SER CA  HA   sing N N 290 
SER C   O    doub N N 291 
SER C   OXT  sing N N 292 
SER CB  OG   sing N N 293 
SER CB  HB2  sing N N 294 
SER CB  HB3  sing N N 295 
SER OG  HG   sing N N 296 
SER OXT HXT  sing N N 297 
THR N   CA   sing N N 298 
THR N   H    sing N N 299 
THR N   H2   sing N N 300 
THR CA  C    sing N N 301 
THR CA  CB   sing N N 302 
THR CA  HA   sing N N 303 
THR C   O    doub N N 304 
THR C   OXT  sing N N 305 
THR CB  OG1  sing N N 306 
THR CB  CG2  sing N N 307 
THR CB  HB   sing N N 308 
THR OG1 HG1  sing N N 309 
THR CG2 HG21 sing N N 310 
THR CG2 HG22 sing N N 311 
THR CG2 HG23 sing N N 312 
THR OXT HXT  sing N N 313 
TYR N   CA   sing N N 314 
TYR N   H    sing N N 315 
TYR N   H2   sing N N 316 
TYR CA  C    sing N N 317 
TYR CA  CB   sing N N 318 
TYR CA  HA   sing N N 319 
TYR C   O    doub N N 320 
TYR C   OXT  sing N N 321 
TYR CB  CG   sing N N 322 
TYR CB  HB2  sing N N 323 
TYR CB  HB3  sing N N 324 
TYR CG  CD1  doub Y N 325 
TYR CG  CD2  sing Y N 326 
TYR CD1 CE1  sing Y N 327 
TYR CD1 HD1  sing N N 328 
TYR CD2 CE2  doub Y N 329 
TYR CD2 HD2  sing N N 330 
TYR CE1 CZ   doub Y N 331 
TYR CE1 HE1  sing N N 332 
TYR CE2 CZ   sing Y N 333 
TYR CE2 HE2  sing N N 334 
TYR CZ  OH   sing N N 335 
TYR OH  HH   sing N N 336 
TYR OXT HXT  sing N N 337 
VAL N   CA   sing N N 338 
VAL N   H    sing N N 339 
VAL N   H2   sing N N 340 
VAL CA  C    sing N N 341 
VAL CA  CB   sing N N 342 
VAL CA  HA   sing N N 343 
VAL C   O    doub N N 344 
VAL C   OXT  sing N N 345 
VAL CB  CG1  sing N N 346 
VAL CB  CG2  sing N N 347 
VAL CB  HB   sing N N 348 
VAL CG1 HG11 sing N N 349 
VAL CG1 HG12 sing N N 350 
VAL CG1 HG13 sing N N 351 
VAL CG2 HG21 sing N N 352 
VAL CG2 HG22 sing N N 353 
VAL CG2 HG23 sing N N 354 
VAL OXT HXT  sing N N 355 
# 
_pdbx_initial_refinement_model.id               1 
_pdbx_initial_refinement_model.entity_id_list   ? 
_pdbx_initial_refinement_model.type             'experimental model' 
_pdbx_initial_refinement_model.source_name      PDB 
_pdbx_initial_refinement_model.accession_code   1UBQ 
_pdbx_initial_refinement_model.details          'PDB ENTRY 1UBQ' 
# 
_atom_sites.entry_id                    2W9N 
_atom_sites.fract_transf_matrix[1][1]   -0.00558892 
_atom_sites.fract_transf_matrix[1][2]   0.00584293 
_atom_sites.fract_transf_matrix[1][3]   0.00493385 
_atom_sites.fract_transf_matrix[2][1]   -0.00170571 
_atom_sites.fract_transf_matrix[2][2]   0.00500464 
_atom_sites.fract_transf_matrix[2][3]   -0.00785894 
_atom_sites.fract_transf_matrix[3][1]   -0.00745475 
_atom_sites.fract_transf_matrix[3][2]   -0.00552562 
_atom_sites.fract_transf_matrix[3][3]   -0.00190078 
_atom_sites.fract_transf_vector[1]      0.435238 
_atom_sites.fract_transf_vector[2]      0.704172 
_atom_sites.fract_transf_vector[3]      0.319092 
# 
loop_
_atom_type.symbol 
C  
CL 
N  
O  
S  
ZN 
# 
loop_
_atom_site.group_PDB 
_atom_site.id 
_atom_site.type_symbol 
_atom_site.label_atom_id 
_atom_site.label_alt_id 
_atom_site.label_comp_id 
_atom_site.label_asym_id 
_atom_site.label_entity_id 
_atom_site.label_seq_id 
_atom_site.pdbx_PDB_ins_code 
_atom_site.Cartn_x 
_atom_site.Cartn_y 
_atom_site.Cartn_z 
_atom_site.occupancy 
_atom_site.B_iso_or_equiv 
_atom_site.pdbx_formal_charge 
_atom_site.auth_seq_id 
_atom_site.auth_comp_id 
_atom_site.auth_asym_id 
_atom_site.auth_atom_id 
_atom_site.pdbx_PDB_model_num 
HETATM 1    N  N   . FME A 1 1   ? -21.644 25.953  6.557   1.00  43.99  ? 1    FME A N   1 
HETATM 2    C  CN  . FME A 1 1   ? -23.017 25.858  6.624   1.00  44.35  ? 1    FME A CN  1 
HETATM 3    O  O1  . FME A 1 1   ? -23.541 25.470  7.652   1.00  45.80  ? 1    FME A O1  1 
HETATM 4    C  CA  . FME A 1 1   ? -21.192 25.179  5.384   1.00  43.21  ? 1    FME A CA  1 
HETATM 5    C  CB  . FME A 1 1   ? -19.994 25.840  4.680   1.00  43.24  ? 1    FME A CB  1 
HETATM 6    C  CG  . FME A 1 1   ? -19.656 25.126  3.363   1.00  42.48  ? 1    FME A CG  1 
HETATM 7    S  SD  . FME A 1 1   ? -18.308 25.899  2.534   1.00  41.21  ? 1    FME A SD  1 
HETATM 8    C  CE  . FME A 1 1   ? -16.962 25.116  1.741   1.00  39.44  ? 1    FME A CE  1 
HETATM 9    C  C   . FME A 1 1   ? -20.844 23.756  5.788   1.00  42.51  ? 1    FME A C   1 
HETATM 10   O  O   . FME A 1 1   ? -20.127 23.551  6.778   1.00  42.58  ? 1    FME A O   1 
ATOM   11   N  N   . GLN A 1 2   ? -21.353 22.767  5.048   1.00  41.12  ? 2    GLN A N   1 
ATOM   12   C  CA  . GLN A 1 2   ? -21.045 21.363  5.324   1.00  40.12  ? 2    GLN A CA  1 
ATOM   13   C  C   . GLN A 1 2   ? -20.541 20.676  4.076   1.00  38.57  ? 2    GLN A C   1 
ATOM   14   O  O   . GLN A 1 2   ? -21.034 20.948  2.983   1.00  37.83  ? 2    GLN A O   1 
ATOM   15   C  CB  . GLN A 1 2   ? -22.277 20.632  5.863   1.00  40.60  ? 2    GLN A CB  1 
ATOM   16   C  CG  . GLN A 1 2   ? -22.793 21.194  7.185   1.00  42.96  ? 2    GLN A CG  1 
ATOM   17   C  CD  . GLN A 1 2   ? -23.917 20.364  7.771   1.00  45.85  ? 2    GLN A CD  1 
ATOM   18   O  OE1 . GLN A 1 2   ? -24.973 20.206  7.160   1.00  46.38  ? 2    GLN A OE1 1 
ATOM   19   N  NE2 . GLN A 1 2   ? -23.691 19.824  8.968   1.00  46.84  ? 2    GLN A NE2 1 
ATOM   20   N  N   . ILE A 1 3   ? -19.529 19.819  4.242   1.00  37.01  ? 3    ILE A N   1 
ATOM   21   C  CA  . ILE A 1 3   ? -19.141 18.888  3.189   1.00  35.12  ? 3    ILE A CA  1 
ATOM   22   C  C   . ILE A 1 3   ? -19.211 17.483  3.745   1.00  34.61  ? 3    ILE A C   1 
ATOM   23   O  O   . ILE A 1 3   ? -19.294 17.293  4.960   1.00  34.09  ? 3    ILE A O   1 
ATOM   24   C  CB  . ILE A 1 3   ? -17.729 19.152  2.581   1.00  35.00  ? 3    ILE A CB  1 
ATOM   25   C  CG1 . ILE A 1 3   ? -16.649 19.102  3.656   1.00  34.36  ? 3    ILE A CG1 1 
ATOM   26   C  CG2 . ILE A 1 3   ? -17.701 20.448  1.822   1.00  33.33  ? 3    ILE A CG2 1 
ATOM   27   C  CD1 . ILE A 1 3   ? -15.230 19.068  3.100   1.00  31.42  ? 3    ILE A CD1 1 
ATOM   28   N  N   . PHE A 1 4   ? -19.170 16.508  2.841   1.00  33.47  ? 4    PHE A N   1 
ATOM   29   C  CA  . PHE A 1 4   ? -19.305 15.120  3.199   1.00  32.99  ? 4    PHE A CA  1 
ATOM   30   C  C   . PHE A 1 4   ? -18.000 14.366  2.927   1.00  32.67  ? 4    PHE A C   1 
ATOM   31   O  O   . PHE A 1 4   ? -17.321 14.605  1.920   1.00  32.06  ? 4    PHE A O   1 
ATOM   32   C  CB  . PHE A 1 4   ? -20.493 14.484  2.452   1.00  32.82  ? 4    PHE A CB  1 
ATOM   33   C  CG  . PHE A 1 4   ? -21.827 15.100  2.793   1.00  34.16  ? 4    PHE A CG  1 
ATOM   34   C  CD1 . PHE A 1 4   ? -22.400 14.921  4.050   1.00  34.60  ? 4    PHE A CD1 1 
ATOM   35   C  CD2 . PHE A 1 4   ? -22.510 15.878  1.852   1.00  34.48  ? 4    PHE A CD2 1 
ATOM   36   C  CE1 . PHE A 1 4   ? -23.653 15.501  4.359   1.00  35.97  ? 4    PHE A CE1 1 
ATOM   37   C  CE2 . PHE A 1 4   ? -23.760 16.463  2.145   1.00  35.58  ? 4    PHE A CE2 1 
ATOM   38   C  CZ  . PHE A 1 4   ? -24.331 16.274  3.403   1.00  35.31  ? 4    PHE A CZ  1 
ATOM   39   N  N   . VAL A 1 5   ? -17.634 13.485  3.851   1.00  32.33  ? 5    VAL A N   1 
ATOM   40   C  CA  . VAL A 1 5   ? -16.486 12.616  3.645   1.00  32.70  ? 5    VAL A CA  1 
ATOM   41   C  C   . VAL A 1 5   ? -16.961 11.176  3.649   1.00  33.36  ? 5    VAL A C   1 
ATOM   42   O  O   . VAL A 1 5   ? -17.589 10.729  4.612   1.00  33.33  ? 5    VAL A O   1 
ATOM   43   C  CB  . VAL A 1 5   ? -15.376 12.840  4.706   1.00  32.55  ? 5    VAL A CB  1 
ATOM   44   C  CG1 . VAL A 1 5   ? -14.253 11.788  4.583   1.00  32.27  ? 5    VAL A CG1 1 
ATOM   45   C  CG2 . VAL A 1 5   ? -14.803 14.230  4.571   1.00  31.53  ? 5    VAL A CG2 1 
ATOM   46   N  N   . LYS A 1 6   ? -16.707 10.489  2.540   1.00  34.47  ? 6    LYS A N   1 
ATOM   47   C  CA  . LYS A 1 6   ? -16.860 9.020   2.423   1.00  35.77  ? 6    LYS A CA  1 
ATOM   48   C  C   . LYS A 1 6   ? -15.635 8.326   3.070   1.00  36.17  ? 6    LYS A C   1 
ATOM   49   O  O   . LYS A 1 6   ? -14.535 8.260   2.485   1.00  35.54  ? 6    LYS A O   1 
ATOM   50   C  CB  . LYS A 1 6   ? -17.017 8.591   0.943   1.00  36.20  ? 6    LYS A CB  1 
ATOM   51   C  CG  . LYS A 1 6   ? -17.705 7.220   0.700   1.00  37.12  ? 6    LYS A CG  1 
ATOM   52   C  CD  . LYS A 1 6   ? -19.226 7.333   0.605   0.010 36.85  ? 6    LYS A CD  1 
ATOM   53   C  CE  . LYS A 1 6   ? -19.686 7.864   -0.752  0.010 36.88  ? 6    LYS A CE  1 
ATOM   54   N  NZ  . LYS A 1 6   ? -19.453 6.891   -1.857  0.010 36.84  ? 6    LYS A NZ  1 
ATOM   55   N  N   . THR A 1 7   ? -15.842 7.830   4.288   1.00  36.78  ? 7    THR A N   1 
ATOM   56   C  CA  . THR A 1 7   ? -14.760 7.301   5.136   1.00  37.35  ? 7    THR A CA  1 
ATOM   57   C  C   . THR A 1 7   ? -14.291 5.894   4.702   1.00  37.98  ? 7    THR A C   1 
ATOM   58   O  O   . THR A 1 7   ? -14.778 5.345   3.701   1.00  38.21  ? 7    THR A O   1 
ATOM   59   C  CB  . THR A 1 7   ? -15.175 7.307   6.626   1.00  37.70  ? 7    THR A CB  1 
ATOM   60   O  OG1 . THR A 1 7   ? -16.027 6.183   6.902   1.00  37.35  ? 7    THR A OG1 1 
ATOM   61   C  CG2 . THR A 1 7   ? -15.894 8.623   6.993   1.00  36.58  ? 7    THR A CG2 1 
ATOM   62   N  N   . LEU A 1 8   ? -13.343 5.321   5.444   1.00  38.52  ? 8    LEU A N   1 
ATOM   63   C  CA  . LEU A 1 8   ? -12.769 4.015   5.089   1.00  38.78  ? 8    LEU A CA  1 
ATOM   64   C  C   . LEU A 1 8   ? -13.677 2.827   5.433   1.00  39.45  ? 8    LEU A C   1 
ATOM   65   O  O   . LEU A 1 8   ? -13.471 1.731   4.906   1.00  39.64  ? 8    LEU A O   1 
ATOM   66   C  CB  . LEU A 1 8   ? -11.390 3.811   5.724   1.00  38.50  ? 8    LEU A CB  1 
ATOM   67   C  CG  . LEU A 1 8   ? -10.220 4.766   5.475   1.00  37.48  ? 8    LEU A CG  1 
ATOM   68   C  CD1 . LEU A 1 8   ? -9.021  4.308   6.317   1.00  34.32  ? 8    LEU A CD1 1 
ATOM   69   C  CD2 . LEU A 1 8   ? -9.852  4.801   4.005   1.00  35.98  ? 8    LEU A CD2 1 
ATOM   70   N  N   . THR A 1 9   ? -14.653 3.032   6.318   1.00  40.25  ? 9    THR A N   1 
ATOM   71   C  CA  . THR A 1 9   ? -15.608 1.971   6.649   1.00  41.74  ? 9    THR A CA  1 
ATOM   72   C  C   . THR A 1 9   ? -16.638 1.809   5.534   1.00  42.93  ? 9    THR A C   1 
ATOM   73   O  O   . THR A 1 9   ? -17.206 0.720   5.348   1.00  43.73  ? 9    THR A O   1 
ATOM   74   C  CB  . THR A 1 9   ? -16.367 2.202   7.986   1.00  41.42  ? 9    THR A CB  1 
ATOM   75   O  OG1 . THR A 1 9   ? -16.863 3.552   8.054   1.00  41.09  ? 9    THR A OG1 1 
ATOM   76   C  CG2 . THR A 1 9   ? -15.473 1.881   9.182   1.00  40.66  ? 9    THR A CG2 1 
ATOM   77   N  N   . GLY A 1 10  ? -16.857 2.897   4.794   1.00  43.72  ? 10   GLY A N   1 
ATOM   78   C  CA  . GLY A 1 10  ? -17.897 2.971   3.764   1.00  43.99  ? 10   GLY A CA  1 
ATOM   79   C  C   . GLY A 1 10  ? -18.896 4.064   4.073   1.00  43.94  ? 10   GLY A C   1 
ATOM   80   O  O   . GLY A 1 10  ? -19.615 4.519   3.186   1.00  44.67  ? 10   GLY A O   1 
ATOM   81   N  N   . LYS A 1 11  ? -18.929 4.483   5.337   1.00  43.86  ? 11   LYS A N   1 
ATOM   82   C  CA  . LYS A 1 11  ? -19.888 5.472   5.831   1.00  43.76  ? 11   LYS A CA  1 
ATOM   83   C  C   . LYS A 1 11  ? -19.584 6.876   5.289   1.00  43.45  ? 11   LYS A C   1 
ATOM   84   O  O   . LYS A 1 11  ? -18.575 7.096   4.617   1.00  43.14  ? 11   LYS A O   1 
ATOM   85   C  CB  . LYS A 1 11  ? -19.901 5.498   7.374   1.00  44.10  ? 11   LYS A CB  1 
ATOM   86   C  CG  . LYS A 1 11  ? -19.910 4.134   8.085   1.00  44.56  ? 11   LYS A CG  1 
ATOM   87   C  CD  . LYS A 1 11  ? -21.316 3.546   8.227   1.00  46.92  ? 11   LYS A CD  1 
ATOM   88   C  CE  . LYS A 1 11  ? -21.423 2.683   9.475   1.00  47.18  ? 11   LYS A CE  1 
ATOM   89   N  NZ  . LYS A 1 11  ? -20.186 1.858   9.622   1.00  48.26  ? 11   LYS A NZ  1 
ATOM   90   N  N   . THR A 1 12  ? -20.474 7.819   5.577   1.00  42.83  ? 12   THR A N   1 
ATOM   91   C  CA  . THR A 1 12  ? -20.281 9.186   5.152   1.00  42.59  ? 12   THR A CA  1 
ATOM   92   C  C   . THR A 1 12  ? -20.425 10.073  6.378   1.00  42.19  ? 12   THR A C   1 
ATOM   93   O  O   . THR A 1 12  ? -21.447 10.024  7.053   1.00  42.23  ? 12   THR A O   1 
ATOM   94   C  CB  . THR A 1 12  ? -21.314 9.598   4.060   1.00  42.67  ? 12   THR A CB  1 
ATOM   95   O  OG1 . THR A 1 12  ? -21.040 8.888   2.848   1.00  43.18  ? 12   THR A OG1 1 
ATOM   96   C  CG2 . THR A 1 12  ? -21.227 11.078  3.760   1.00  42.60  ? 12   THR A CG2 1 
ATOM   97   N  N   . ILE A 1 13  ? -19.399 10.870  6.663   1.00  41.57  ? 13   ILE A N   1 
ATOM   98   C  CA  . ILE A 1 13  ? -19.468 11.846  7.745   1.00  41.03  ? 13   ILE A CA  1 
ATOM   99   C  C   . ILE A 1 13  ? -19.703 13.237  7.182   1.00  40.90  ? 13   ILE A C   1 
ATOM   100  O  O   . ILE A 1 13  ? -19.396 13.504  6.022   1.00  40.59  ? 13   ILE A O   1 
ATOM   101  C  CB  . ILE A 1 13  ? -18.203 11.825  8.648   1.00  40.99  ? 13   ILE A CB  1 
ATOM   102  C  CG1 . ILE A 1 13  ? -16.922 11.958  7.819   1.00  39.66  ? 13   ILE A CG1 1 
ATOM   103  C  CG2 . ILE A 1 13  ? -18.189 10.558  9.509   1.00  41.49  ? 13   ILE A CG2 1 
ATOM   104  C  CD1 . ILE A 1 13  ? -15.659 12.195  8.660   1.00  38.45  ? 13   ILE A CD1 1 
ATOM   105  N  N   . THR A 1 14  ? -20.285 14.106  8.004   1.00  41.20  ? 14   THR A N   1 
ATOM   106  C  CA  . THR A 1 14  ? -20.461 15.526  7.671   1.00  41.07  ? 14   THR A CA  1 
ATOM   107  C  C   . THR A 1 14  ? -19.438 16.351  8.434   1.00  40.75  ? 14   THR A C   1 
ATOM   108  O  O   . THR A 1 14  ? -19.188 16.110  9.610   1.00  41.01  ? 14   THR A O   1 
ATOM   109  C  CB  . THR A 1 14  ? -21.860 16.054  8.047   1.00  40.83  ? 14   THR A CB  1 
ATOM   110  O  OG1 . THR A 1 14  ? -22.848 15.060  7.765   1.00  42.14  ? 14   THR A OG1 1 
ATOM   111  C  CG2 . THR A 1 14  ? -22.189 17.313  7.254   1.00  40.80  ? 14   THR A CG2 1 
ATOM   112  N  N   . LEU A 1 15  ? -18.843 17.327  7.765   1.00  40.31  ? 15   LEU A N   1 
ATOM   113  C  CA  . LEU A 1 15  ? -17.938 18.232  8.435   1.00  39.40  ? 15   LEU A CA  1 
ATOM   114  C  C   . LEU A 1 15  ? -18.401 19.652  8.203   1.00  38.64  ? 15   LEU A C   1 
ATOM   115  O  O   . LEU A 1 15  ? -18.711 20.024  7.077   1.00  38.74  ? 15   LEU A O   1 
ATOM   116  C  CB  . LEU A 1 15  ? -16.516 18.057  7.910   1.00  39.46  ? 15   LEU A CB  1 
ATOM   117  C  CG  . LEU A 1 15  ? -15.818 16.693  7.908   1.00  40.50  ? 15   LEU A CG  1 
ATOM   118  C  CD1 . LEU A 1 15  ? -14.419 16.798  7.271   1.00  39.31  ? 15   LEU A CD1 1 
ATOM   119  C  CD2 . LEU A 1 15  ? -15.738 16.101  9.324   1.00  41.07  ? 15   LEU A CD2 1 
ATOM   120  N  N   . GLU A 1 16  ? -18.472 20.420  9.288   1.00  37.88  ? 16   GLU A N   1 
ATOM   121  C  CA  . GLU A 1 16  ? -18.682 21.858  9.234   1.00  37.65  ? 16   GLU A CA  1 
ATOM   122  C  C   . GLU A 1 16  ? -17.316 22.483  8.934   1.00  36.25  ? 16   GLU A C   1 
ATOM   123  O  O   . GLU A 1 16  ? -16.354 22.320  9.699   1.00  36.15  ? 16   GLU A O   1 
ATOM   124  C  CB  . GLU A 1 16  ? -19.317 22.390  10.550  1.00  37.96  ? 16   GLU A CB  1 
ATOM   125  C  CG  . GLU A 1 16  ? -19.744 23.888  10.541  1.00  41.63  ? 16   GLU A CG  1 
ATOM   126  C  CD  . GLU A 1 16  ? -21.027 24.179  9.759   1.00  45.49  ? 16   GLU A CD  1 
ATOM   127  O  OE1 . GLU A 1 16  ? -21.888 23.278  9.722   1.00  48.76  ? 16   GLU A OE1 1 
ATOM   128  O  OE2 . GLU A 1 16  ? -21.179 25.300  9.186   1.00  45.34  ? 16   GLU A OE2 1 
ATOM   129  N  N   . VAL A 1 17  ? -17.246 23.162  7.786   1.00  34.68  ? 17   VAL A N   1 
ATOM   130  C  CA  . VAL A 1 17  ? -16.021 23.776  7.250   1.00  32.43  ? 17   VAL A CA  1 
ATOM   131  C  C   . VAL A 1 17  ? -16.252 25.233  6.812   1.00  32.31  ? 17   VAL A C   1 
ATOM   132  O  O   . VAL A 1 17  ? -17.379 25.726  6.822   1.00  30.68  ? 17   VAL A O   1 
ATOM   133  C  CB  . VAL A 1 17  ? -15.508 22.984  6.036   1.00  32.44  ? 17   VAL A CB  1 
ATOM   134  C  CG1 . VAL A 1 17  ? -15.043 21.577  6.464   1.00  32.22  ? 17   VAL A CG1 1 
ATOM   135  C  CG2 . VAL A 1 17  ? -16.583 22.856  4.974   1.00  30.69  ? 17   VAL A CG2 1 
ATOM   136  N  N   . GLU A 1 18  ? -15.177 25.901  6.404   1.00  31.93  ? 18   GLU A N   1 
ATOM   137  C  CA  . GLU A 1 18  ? -15.243 27.272  5.893   1.00  31.39  ? 18   GLU A CA  1 
ATOM   138  C  C   . GLU A 1 18  ? -14.506 27.284  4.585   1.00  31.53  ? 18   GLU A C   1 
ATOM   139  O  O   . GLU A 1 18  ? -13.539 26.541  4.432   1.00  31.26  ? 18   GLU A O   1 
ATOM   140  C  CB  . GLU A 1 18  ? -14.522 28.223  6.842   1.00  30.75  ? 18   GLU A CB  1 
ATOM   141  C  CG  . GLU A 1 18  ? -15.355 28.698  7.999   1.00  29.51  ? 18   GLU A CG  1 
ATOM   142  C  CD  . GLU A 1 18  ? -14.664 29.816  8.817   1.00  29.16  ? 18   GLU A CD  1 
ATOM   143  O  OE1 . GLU A 1 18  ? -15.323 30.841  9.078   1.00  30.06  ? 18   GLU A OE1 1 
ATOM   144  O  OE2 . GLU A 1 18  ? -13.473 29.690  9.207   1.00  23.25  ? 18   GLU A OE2 1 
ATOM   145  N  N   . PRO A 1 19  ? -14.931 28.142  3.639   1.00  31.86  ? 19   PRO A N   1 
ATOM   146  C  CA  . PRO A 1 19  ? -14.275 28.212  2.331   1.00  31.96  ? 19   PRO A CA  1 
ATOM   147  C  C   . PRO A 1 19  ? -12.766 28.267  2.361   1.00  31.77  ? 19   PRO A C   1 
ATOM   148  O  O   . PRO A 1 19  ? -12.138 27.733  1.471   1.00  32.68  ? 19   PRO A O   1 
ATOM   149  C  CB  . PRO A 1 19  ? -14.812 29.505  1.733   1.00  31.81  ? 19   PRO A CB  1 
ATOM   150  C  CG  . PRO A 1 19  ? -16.199 29.602  2.294   1.00  33.12  ? 19   PRO A CG  1 
ATOM   151  C  CD  . PRO A 1 19  ? -16.097 29.042  3.713   1.00  32.29  ? 19   PRO A CD  1 
ATOM   152  N  N   . SER A 1 20  ? -12.169 28.879  3.366   1.00  31.60  ? 20   SER A N   1 
ATOM   153  C  CA  . SER A 1 20  ? -10.721 29.018  3.310   1.00  31.72  ? 20   SER A CA  1 
ATOM   154  C  C   . SER A 1 20  ? -9.964  27.976  4.105   1.00  31.63  ? 20   SER A C   1 
ATOM   155  O  O   . SER A 1 20  ? -8.732  27.956  4.073   1.00  31.56  ? 20   SER A O   1 
ATOM   156  C  CB  . SER A 1 20  ? -10.296 30.453  3.614   1.00  32.44  ? 20   SER A CB  1 
ATOM   157  O  OG  . SER A 1 20  ? -11.013 31.355  2.746   1.00  32.93  ? 20   SER A OG  1 
ATOM   158  N  N   . ASP A 1 21  ? -10.696 27.068  4.759   1.00  31.62  ? 21   ASP A N   1 
ATOM   159  C  CA  . ASP A 1 21  ? -10.075 25.910  5.427   1.00  31.59  ? 21   ASP A CA  1 
ATOM   160  C  C   . ASP A 1 21  ? -9.167  25.196  4.481   1.00  32.38  ? 21   ASP A C   1 
ATOM   161  O  O   . ASP A 1 21  ? -9.553  24.882  3.368   1.00  32.40  ? 21   ASP A O   1 
ATOM   162  C  CB  . ASP A 1 21  ? -11.098 24.905  5.945   1.00  30.90  ? 21   ASP A CB  1 
ATOM   163  C  CG  . ASP A 1 21  ? -11.538 25.195  7.348   1.00  31.28  ? 21   ASP A CG  1 
ATOM   164  O  OD1 . ASP A 1 21  ? -10.682 25.553  8.204   1.00  29.08  ? 21   ASP A OD1 1 
ATOM   165  O  OD2 . ASP A 1 21  ? -12.749 25.073  7.617   1.00  31.83  ? 21   ASP A OD2 1 
ATOM   166  N  N   . THR A 1 22  ? -7.947  24.949  4.933   1.00  33.87  ? 22   THR A N   1 
ATOM   167  C  CA  . THR A 1 22  ? -6.977  24.189  4.168   1.00  35.43  ? 22   THR A CA  1 
ATOM   168  C  C   . THR A 1 22  ? -7.329  22.700  4.165   1.00  35.84  ? 22   THR A C   1 
ATOM   169  O  O   . THR A 1 22  ? -8.187  22.261  4.927   1.00  36.15  ? 22   THR A O   1 
ATOM   170  C  CB  . THR A 1 22  ? -5.578  24.379  4.745   1.00  35.57  ? 22   THR A CB  1 
ATOM   171  O  OG1 . THR A 1 22  ? -5.621  24.132  6.153   1.00  36.12  ? 22   THR A OG1 1 
ATOM   172  C  CG2 . THR A 1 22  ? -5.111  25.824  4.493   1.00  36.59  ? 22   THR A CG2 1 
ATOM   173  N  N   . ILE A 1 23  ? -6.665  21.937  3.304   1.00  36.72  ? 23   ILE A N   1 
ATOM   174  C  CA  . ILE A 1 23  ? -6.852  20.488  3.249   1.00  37.19  ? 23   ILE A CA  1 
ATOM   175  C  C   . ILE A 1 23  ? -6.303  19.864  4.505   1.00  37.41  ? 23   ILE A C   1 
ATOM   176  O  O   . ILE A 1 23  ? -6.836  18.889  5.026   1.00  37.37  ? 23   ILE A O   1 
ATOM   177  C  CB  . ILE A 1 23  ? -6.174  19.899  2.018   1.00  37.34  ? 23   ILE A CB  1 
ATOM   178  C  CG1 . ILE A 1 23  ? -6.875  20.425  0.758   1.00  38.23  ? 23   ILE A CG1 1 
ATOM   179  C  CG2 . ILE A 1 23  ? -6.138  18.352  2.074   1.00  36.20  ? 23   ILE A CG2 1 
ATOM   180  C  CD1 . ILE A 1 23  ? -8.451  20.296  0.747   1.00  39.55  ? 23   ILE A CD1 1 
ATOM   181  N  N   . GLU A 1 24  ? -5.239  20.465  4.995   1.00  38.35  ? 24   GLU A N   1 
ATOM   182  C  CA  . GLU A 1 24  ? -4.684  20.107  6.283   1.00  38.55  ? 24   GLU A CA  1 
ATOM   183  C  C   . GLU A 1 24  ? -5.733  20.193  7.406   1.00  37.56  ? 24   GLU A C   1 
ATOM   184  O  O   . GLU A 1 24  ? -5.838  19.278  8.213   1.00  37.67  ? 24   GLU A O   1 
ATOM   185  C  CB  . GLU A 1 24  ? -3.589  21.076  6.574   1.00  39.44  ? 24   GLU A CB  1 
ATOM   186  C  CG  . GLU A 1 24  ? -2.279  20.475  6.825   1.00  43.42  ? 24   GLU A CG  1 
ATOM   187  C  CD  . GLU A 1 24  ? -1.262  21.565  6.955   1.00  49.90  ? 24   GLU A CD  1 
ATOM   188  O  OE1 . GLU A 1 24  ? -0.398  21.437  7.854   1.00  54.04  ? 24   GLU A OE1 1 
ATOM   189  O  OE2 . GLU A 1 24  ? -1.353  22.566  6.185   1.00  50.10  ? 24   GLU A OE2 1 
ATOM   190  N  N   . ASN A 1 25  ? -6.508  21.280  7.439   1.00  36.46  ? 25   ASN A N   1 
ATOM   191  C  CA  . ASN A 1 25  ? -7.590  21.440  8.412   1.00  35.89  ? 25   ASN A CA  1 
ATOM   192  C  C   . ASN A 1 25  ? -8.646  20.348  8.300   1.00  35.55  ? 25   ASN A C   1 
ATOM   193  O  O   . ASN A 1 25  ? -9.093  19.789  9.290   1.00  35.71  ? 25   ASN A O   1 
ATOM   194  C  CB  . ASN A 1 25  ? -8.258  22.807  8.241   1.00  36.02  ? 25   ASN A CB  1 
ATOM   195  C  CG  . ASN A 1 25  ? -7.352  23.964  8.650   1.00  36.27  ? 25   ASN A CG  1 
ATOM   196  O  OD1 . ASN A 1 25  ? -7.674  25.119  8.402   1.00  33.96  ? 25   ASN A OD1 1 
ATOM   197  N  ND2 . ASN A 1 25  ? -6.213  23.654  9.260   1.00  35.30  ? 25   ASN A ND2 1 
ATOM   198  N  N   . VAL A 1 26  ? -9.037  20.038  7.074   1.00  35.43  ? 26   VAL A N   1 
ATOM   199  C  CA  . VAL A 1 26  ? -10.004 18.971  6.816   1.00  34.98  ? 26   VAL A CA  1 
ATOM   200  C  C   . VAL A 1 26  ? -9.460  17.617  7.335   1.00  34.17  ? 26   VAL A C   1 
ATOM   201  O  O   . VAL A 1 26  ? -10.151 16.868  8.029   1.00  33.52  ? 26   VAL A O   1 
ATOM   202  C  CB  . VAL A 1 26  ? -10.361 18.915  5.300   1.00  35.18  ? 26   VAL A CB  1 
ATOM   203  C  CG1 . VAL A 1 26  ? -11.302 17.719  4.998   1.00  34.87  ? 26   VAL A CG1 1 
ATOM   204  C  CG2 . VAL A 1 26  ? -10.986 20.253  4.850   1.00  35.66  ? 26   VAL A CG2 1 
ATOM   205  N  N   . LYS A 1 27  ? -8.207  17.328  7.035   1.00  34.49  ? 27   LYS A N   1 
ATOM   206  C  CA  . LYS A 1 27  ? -7.582  16.111  7.584   1.00  35.14  ? 27   LYS A CA  1 
ATOM   207  C  C   . LYS A 1 27  ? -7.609  16.056  9.106   1.00  35.72  ? 27   LYS A C   1 
ATOM   208  O  O   . LYS A 1 27  ? -7.822  14.981  9.647   1.00  36.32  ? 27   LYS A O   1 
ATOM   209  C  CB  . LYS A 1 27  ? -6.182  15.912  7.052   1.00  34.38  ? 27   LYS A CB  1 
ATOM   210  C  CG  . LYS A 1 27  ? -6.183  15.661  5.586   1.00  34.54  ? 27   LYS A CG  1 
ATOM   211  C  CD  . LYS A 1 27  ? -4.807  15.390  5.151   1.00  34.78  ? 27   LYS A CD  1 
ATOM   212  C  CE  . LYS A 1 27  ? -4.824  14.968  3.730   1.00  36.52  ? 27   LYS A CE  1 
ATOM   213  N  NZ  . LYS A 1 27  ? -3.471  15.238  3.216   1.00  38.26  ? 27   LYS A NZ  1 
ATOM   214  N  N   . ALA A 1 28  ? -7.456  17.194  9.790   1.00  36.77  ? 28   ALA A N   1 
ATOM   215  C  CA  . ALA A 1 28  ? -7.568  17.216  11.259  1.00  38.16  ? 28   ALA A CA  1 
ATOM   216  C  C   . ALA A 1 28  ? -8.976  16.826  11.729  1.00  39.36  ? 28   ALA A C   1 
ATOM   217  O  O   . ALA A 1 28  ? -9.138  15.932  12.578  1.00  39.98  ? 28   ALA A O   1 
ATOM   218  C  CB  . ALA A 1 28  ? -7.162  18.570  11.826  1.00  37.54  ? 28   ALA A CB  1 
ATOM   219  N  N   . LYS A 1 29  ? -9.987  17.469  11.141  1.00  40.41  ? 29   LYS A N   1 
ATOM   220  C  CA  . LYS A 1 29  ? -11.385 17.145  11.422  1.00  40.89  ? 29   LYS A CA  1 
ATOM   221  C  C   . LYS A 1 29  ? -11.651 15.639  11.262  1.00  41.80  ? 29   LYS A C   1 
ATOM   222  O  O   . LYS A 1 29  ? -12.213 15.030  12.173  1.00  42.79  ? 29   LYS A O   1 
ATOM   223  C  CB  . LYS A 1 29  ? -12.329 17.987  10.555  1.00  40.59  ? 29   LYS A CB  1 
ATOM   224  C  CG  . LYS A 1 29  ? -12.275 19.497  10.834  1.00  40.16  ? 29   LYS A CG  1 
ATOM   225  C  CD  . LYS A 1 29  ? -12.855 20.318  9.675   1.00  39.23  ? 29   LYS A CD  1 
ATOM   226  C  CE  . LYS A 1 29  ? -12.924 21.821  9.961   1.00  39.27  ? 29   LYS A CE  1 
ATOM   227  N  NZ  . LYS A 1 29  ? -13.778 22.174  11.141  1.00  38.39  ? 29   LYS A NZ  1 
ATOM   228  N  N   . ILE A 1 30  ? -11.211 15.046  10.147  1.00  42.08  ? 30   ILE A N   1 
ATOM   229  C  CA  . ILE A 1 30  ? -11.341 13.597  9.902   1.00  43.01  ? 30   ILE A CA  1 
ATOM   230  C  C   . ILE A 1 30  ? -10.672 12.760  10.997  1.00  43.83  ? 30   ILE A C   1 
ATOM   231  O  O   . ILE A 1 30  ? -11.227 11.758  11.443  1.00  44.32  ? 30   ILE A O   1 
ATOM   232  C  CB  . ILE A 1 30  ? -10.768 13.169  8.507   1.00  42.47  ? 30   ILE A CB  1 
ATOM   233  C  CG1 . ILE A 1 30  ? -11.537 13.840  7.372   1.00  42.99  ? 30   ILE A CG1 1 
ATOM   234  C  CG2 . ILE A 1 30  ? -10.813 11.651  8.323   1.00  41.61  ? 30   ILE A CG2 1 
ATOM   235  C  CD1 . ILE A 1 30  ? -10.926 13.622  5.996   1.00  40.29  ? 30   ILE A CD1 1 
ATOM   236  N  N   . GLN A 1 31  ? -9.484  13.178  11.419  1.00  44.86  ? 31   GLN A N   1 
ATOM   237  C  CA  . GLN A 1 31  ? -8.743  12.492  12.456  1.00  45.79  ? 31   GLN A CA  1 
ATOM   238  C  C   . GLN A 1 31  ? -9.468  12.563  13.786  1.00  46.54  ? 31   GLN A C   1 
ATOM   239  O  O   . GLN A 1 31  ? -9.390  11.627  14.587  1.00  46.92  ? 31   GLN A O   1 
ATOM   240  C  CB  . GLN A 1 31  ? -7.365  13.106  12.592  1.00  45.77  ? 31   GLN A CB  1 
ATOM   241  C  CG  . GLN A 1 31  ? -6.752  12.906  13.953  1.00  47.66  ? 31   GLN A CG  1 
ATOM   242  C  CD  . GLN A 1 31  ? -5.477  13.701  14.127  1.00  50.29  ? 31   GLN A CD  1 
ATOM   243  O  OE1 . GLN A 1 31  ? -4.406  13.135  14.413  1.00  50.69  ? 31   GLN A OE1 1 
ATOM   244  N  NE2 . GLN A 1 31  ? -5.573  15.025  13.950  1.00  49.97  ? 31   GLN A NE2 1 
ATOM   245  N  N   . ASP A 1 32  ? -10.150 13.677  14.031  1.00  47.32  ? 32   ASP A N   1 
ATOM   246  C  CA  . ASP A 1 32  ? -10.985 13.794  15.221  1.00  48.54  ? 32   ASP A CA  1 
ATOM   247  C  C   . ASP A 1 32  ? -12.081 12.733  15.184  1.00  48.62  ? 32   ASP A C   1 
ATOM   248  O  O   . ASP A 1 32  ? -12.190 11.935  16.115  1.00  49.44  ? 32   ASP A O   1 
ATOM   249  C  CB  . ASP A 1 32  ? -11.596 15.195  15.377  1.00  48.88  ? 32   ASP A CB  1 
ATOM   250  C  CG  . ASP A 1 32  ? -10.661 16.174  16.073  1.00  50.60  ? 32   ASP A CG  1 
ATOM   251  O  OD1 . ASP A 1 32  ? -11.046 16.721  17.133  1.00  51.38  ? 32   ASP A OD1 1 
ATOM   252  O  OD2 . ASP A 1 32  ? -9.540  16.397  15.561  1.00  53.07  ? 32   ASP A OD2 1 
ATOM   253  N  N   . LYS A 1 33  ? -12.858 12.700  14.101  1.00  48.33  ? 33   LYS A N   1 
ATOM   254  C  CA  . LYS A 1 33  ? -14.003 11.793  13.994  1.00  47.75  ? 33   LYS A CA  1 
ATOM   255  C  C   . LYS A 1 33  ? -13.605 10.327  13.780  1.00  47.36  ? 33   LYS A C   1 
ATOM   256  O  O   . LYS A 1 33  ? -14.097 9.457   14.494  1.00  47.26  ? 33   LYS A O   1 
ATOM   257  C  CB  . LYS A 1 33  ? -14.972 12.244  12.889  1.00  48.04  ? 33   LYS A CB  1 
ATOM   258  C  CG  . LYS A 1 33  ? -15.962 13.347  13.286  1.00  47.74  ? 33   LYS A CG  1 
ATOM   259  C  CD  . LYS A 1 33  ? -16.845 13.730  12.110  0.010 47.70  ? 33   LYS A CD  1 
ATOM   260  C  CE  . LYS A 1 33  ? -17.796 14.865  12.465  0.010 47.61  ? 33   LYS A CE  1 
ATOM   261  N  NZ  . LYS A 1 33  ? -18.870 14.437  13.406  0.010 47.57  ? 33   LYS A NZ  1 
ATOM   262  N  N   . GLU A 1 34  ? -12.730 10.059  12.809  1.00  46.62  ? 34   GLU A N   1 
ATOM   263  C  CA  . GLU A 1 34  ? -12.376 8.688   12.437  1.00  45.75  ? 34   GLU A CA  1 
ATOM   264  C  C   . GLU A 1 34  ? -11.106 8.130   13.101  1.00  45.70  ? 34   GLU A C   1 
ATOM   265  O  O   . GLU A 1 34  ? -10.831 6.919   13.026  1.00  45.25  ? 34   GLU A O   1 
ATOM   266  C  CB  . GLU A 1 34  ? -12.251 8.575   10.917  1.00  45.95  ? 34   GLU A CB  1 
ATOM   267  C  CG  . GLU A 1 34  ? -13.540 8.878   10.156  1.00  45.14  ? 34   GLU A CG  1 
ATOM   268  C  CD  . GLU A 1 34  ? -14.645 7.869   10.444  1.00  45.90  ? 34   GLU A CD  1 
ATOM   269  O  OE1 . GLU A 1 34  ? -14.439 6.647   10.209  1.00  44.77  ? 34   GLU A OE1 1 
ATOM   270  O  OE2 . GLU A 1 34  ? -15.721 8.304   10.917  1.00  46.22  ? 34   GLU A OE2 1 
ATOM   271  N  N   . GLY A 1 35  ? -10.338 9.010   13.744  1.00  45.13  ? 35   GLY A N   1 
ATOM   272  C  CA  . GLY A 1 35  ? -9.115  8.604   14.429  1.00  44.41  ? 35   GLY A CA  1 
ATOM   273  C  C   . GLY A 1 35  ? -8.089  8.036   13.477  1.00  43.77  ? 35   GLY A C   1 
ATOM   274  O  O   . GLY A 1 35  ? -7.393  7.074   13.797  1.00  44.68  ? 35   GLY A O   1 
ATOM   275  N  N   . ILE A 1 36  ? -8.019  8.593   12.284  1.00  42.48  ? 36   ILE A N   1 
ATOM   276  C  CA  . ILE A 1 36  ? -6.903  8.282   11.407  1.00  41.53  ? 36   ILE A CA  1 
ATOM   277  C  C   . ILE A 1 36  ? -6.074  9.552   11.204  1.00  41.43  ? 36   ILE A C   1 
ATOM   278  O  O   . ILE A 1 36  ? -6.635  10.589  10.903  1.00  41.60  ? 36   ILE A O   1 
ATOM   279  C  CB  . ILE A 1 36  ? -7.343  7.659   10.074  1.00  40.75  ? 36   ILE A CB  1 
ATOM   280  C  CG1 . ILE A 1 36  ? -6.361  8.055   8.975   1.00  39.07  ? 36   ILE A CG1 1 
ATOM   281  C  CG2 . ILE A 1 36  ? -8.730  8.077   9.736   1.00  40.78  ? 36   ILE A CG2 1 
ATOM   282  C  CD1 . ILE A 1 36  ? -6.487  7.260   7.735   1.00  37.41  ? 36   ILE A CD1 1 
ATOM   283  N  N   . PRO A 1 37  ? -4.738  9.459   11.379  1.00  41.01  ? 37   PRO A N   1 
ATOM   284  C  CA  . PRO A 1 37  ? -3.815  10.600  11.333  1.00  40.50  ? 37   PRO A CA  1 
ATOM   285  C  C   . PRO A 1 37  ? -3.647  11.163  9.937   1.00  39.81  ? 37   PRO A C   1 
ATOM   286  O  O   . PRO A 1 37  ? -3.589  10.393  8.987   1.00  40.01  ? 37   PRO A O   1 
ATOM   287  C  CB  . PRO A 1 37  ? -2.472  9.984   11.769  1.00  40.88  ? 37   PRO A CB  1 
ATOM   288  C  CG  . PRO A 1 37  ? -2.802  8.576   12.314  1.00  40.40  ? 37   PRO A CG  1 
ATOM   289  C  CD  . PRO A 1 37  ? -4.014  8.178   11.556  1.00  41.34  ? 37   PRO A CD  1 
ATOM   290  N  N   . PRO A 1 38  ? -3.525  12.496  9.811   1.00  39.44  ? 38   PRO A N   1 
ATOM   291  C  CA  . PRO A 1 38  ? -3.342  13.176  8.530   1.00  39.18  ? 38   PRO A CA  1 
ATOM   292  C  C   . PRO A 1 38  ? -2.272  12.592  7.641   1.00  39.71  ? 38   PRO A C   1 
ATOM   293  O  O   . PRO A 1 38  ? -2.480  12.563  6.443   1.00  39.88  ? 38   PRO A O   1 
ATOM   294  C  CB  . PRO A 1 38  ? -2.938  14.598  8.928   1.00  39.20  ? 38   PRO A CB  1 
ATOM   295  C  CG  . PRO A 1 38  ? -3.598  14.814  10.230  1.00  39.49  ? 38   PRO A CG  1 
ATOM   296  C  CD  . PRO A 1 38  ? -3.655  13.455  10.923  1.00  39.52  ? 38   PRO A CD  1 
ATOM   297  N  N   . ASP A 1 39  ? -1.147  12.129  8.196   1.00  40.17  ? 39   ASP A N   1 
ATOM   298  C  CA  . ASP A 1 39  ? -0.076  11.554  7.376   1.00  41.30  ? 39   ASP A CA  1 
ATOM   299  C  C   . ASP A 1 39  ? -0.644  10.385  6.591   1.00  40.82  ? 39   ASP A C   1 
ATOM   300  O  O   . ASP A 1 39  ? -0.157  10.070  5.523   1.00  40.52  ? 39   ASP A O   1 
ATOM   301  C  CB  . ASP A 1 39  ? 1.156   11.019  8.166   1.00  42.22  ? 39   ASP A CB  1 
ATOM   302  C  CG  . ASP A 1 39  ? 1.467   11.772  9.478   1.00  46.73  ? 39   ASP A CG  1 
ATOM   303  O  OD1 . ASP A 1 39  ? 2.474   11.356  10.115  1.00  52.99  ? 39   ASP A OD1 1 
ATOM   304  O  OD2 . ASP A 1 39  ? 0.754   12.727  9.911   1.00  51.37  ? 39   ASP A OD2 1 
ATOM   305  N  N   . GLN A 1 40  ? -1.667  9.735   7.134   1.00  40.64  ? 40   GLN A N   1 
ATOM   306  C  CA  . GLN A 1 40  ? -2.217  8.557   6.502   1.00  41.66  ? 40   GLN A CA  1 
ATOM   307  C  C   . GLN A 1 40  ? -3.361  8.862   5.538   1.00  41.55  ? 40   GLN A C   1 
ATOM   308  O  O   . GLN A 1 40  ? -3.885  7.942   4.916   1.00  41.81  ? 40   GLN A O   1 
ATOM   309  C  CB  . GLN A 1 40  ? -2.730  7.556   7.547   1.00  41.79  ? 40   GLN A CB  1 
ATOM   310  C  CG  . GLN A 1 40  ? -1.856  6.359   7.772   1.00  44.06  ? 40   GLN A CG  1 
ATOM   311  C  CD  . GLN A 1 40  ? -1.043  6.506   9.029   1.00  47.98  ? 40   GLN A CD  1 
ATOM   312  O  OE1 . GLN A 1 40  ? -1.453  6.069   10.126  1.00  47.32  ? 40   GLN A OE1 1 
ATOM   313  N  NE2 . GLN A 1 40  ? 0.105   7.162   8.897   1.00  48.17  ? 40   GLN A NE2 1 
ATOM   314  N  N   . GLN A 1 41  ? -3.750  10.130  5.414   1.00  41.17  ? 41   GLN A N   1 
ATOM   315  C  CA  . GLN A 1 41  ? -4.928  10.479  4.623   1.00  40.63  ? 41   GLN A CA  1 
ATOM   316  C  C   . GLN A 1 41  ? -4.571  10.997  3.243   1.00  41.19  ? 41   GLN A C   1 
ATOM   317  O  O   . GLN A 1 41  ? -3.616  11.745  3.071   1.00  41.30  ? 41   GLN A O   1 
ATOM   318  C  CB  . GLN A 1 41  ? -5.787  11.498  5.357   1.00  40.33  ? 41   GLN A CB  1 
ATOM   319  C  CG  . GLN A 1 41  ? -6.274  11.052  6.728   1.00  37.00  ? 41   GLN A CG  1 
ATOM   320  C  CD  . GLN A 1 41  ? -7.134  12.119  7.372   1.00  35.67  ? 41   GLN A CD  1 
ATOM   321  O  OE1 . GLN A 1 41  ? -7.969  12.742  6.713   1.00  35.42  ? 41   GLN A OE1 1 
ATOM   322  N  NE2 . GLN A 1 41  ? -6.916  12.358  8.646   1.00  35.47  ? 41   GLN A NE2 1 
ATOM   323  N  N   . ARG A 1 42  ? -5.334  10.551  2.256   1.00  41.61  ? 42   ARG A N   1 
ATOM   324  C  CA  . ARG A 1 42  ? -5.277  11.111  0.926   1.00  41.81  ? 42   ARG A CA  1 
ATOM   325  C  C   . ARG A 1 42  ? -6.721  11.407  0.635   1.00  41.02  ? 42   ARG A C   1 
ATOM   326  O  O   . ARG A 1 42  ? -7.592  10.526  0.778   1.00  41.01  ? 42   ARG A O   1 
ATOM   327  C  CB  . ARG A 1 42  ? -4.735  10.109  -0.069  1.00  42.84  ? 42   ARG A CB  1 
ATOM   328  C  CG  . ARG A 1 42  ? -3.942  10.752  -1.180  1.00  47.15  ? 42   ARG A CG  1 
ATOM   329  C  CD  . ARG A 1 42  ? -2.821  9.803   -1.643  1.00  53.03  ? 42   ARG A CD  1 
ATOM   330  N  NE  . ARG A 1 42  ? -3.358  8.500   -2.076  1.00  56.44  ? 42   ARG A NE  1 
ATOM   331  C  CZ  . ARG A 1 42  ? -4.030  8.274   -3.217  1.00  58.04  ? 42   ARG A CZ  1 
ATOM   332  N  NH1 . ARG A 1 42  ? -4.466  7.041   -3.480  1.00  58.91  ? 42   ARG A NH1 1 
ATOM   333  N  NH2 . ARG A 1 42  ? -4.267  9.259   -4.096  1.00  57.84  ? 42   ARG A NH2 1 
ATOM   334  N  N   . LEU A 1 43  ? -6.988  12.658  0.292   1.00  39.70  ? 43   LEU A N   1 
ATOM   335  C  CA  . LEU A 1 43  ? -8.365  13.094  0.070   1.00  38.48  ? 43   LEU A CA  1 
ATOM   336  C  C   . LEU A 1 43  ? -8.598  13.284  -1.402  1.00  38.08  ? 43   LEU A C   1 
ATOM   337  O  O   . LEU A 1 43  ? -7.822  13.960  -2.097  1.00  38.21  ? 43   LEU A O   1 
ATOM   338  C  CB  . LEU A 1 43  ? -8.706  14.355  0.846   1.00  37.57  ? 43   LEU A CB  1 
ATOM   339  C  CG  . LEU A 1 43  ? -8.841  14.216  2.367   1.00  38.06  ? 43   LEU A CG  1 
ATOM   340  C  CD1 . LEU A 1 43  ? -9.068  15.581  3.005   1.00  34.87  ? 43   LEU A CD1 1 
ATOM   341  C  CD2 . LEU A 1 43  ? -9.967  13.268  2.752   1.00  37.52  ? 43   LEU A CD2 1 
ATOM   342  N  N   . ILE A 1 44  ? -9.652  12.637  -1.884  1.00  36.87  ? 44   ILE A N   1 
ATOM   343  C  CA  . ILE A 1 44  ? -9.953  12.690  -3.290  1.00  37.23  ? 44   ILE A CA  1 
ATOM   344  C  C   . ILE A 1 44  ? -11.272 13.444  -3.504  1.00  36.39  ? 44   ILE A C   1 
ATOM   345  O  O   . ILE A 1 44  ? -12.282 13.138  -2.870  1.00  35.81  ? 44   ILE A O   1 
ATOM   346  C  CB  . ILE A 1 44  ? -10.011 11.257  -3.914  1.00  36.96  ? 44   ILE A CB  1 
ATOM   347  C  CG1 . ILE A 1 44  ? -8.778  10.394  -3.546  1.00  37.86  ? 44   ILE A CG1 1 
ATOM   348  C  CG2 . ILE A 1 44  ? -10.201 11.323  -5.422  1.00  37.79  ? 44   ILE A CG2 1 
ATOM   349  C  CD1 . ILE A 1 44  ? -7.355  10.991  -3.876  1.00  38.18  ? 44   ILE A CD1 1 
ATOM   350  N  N   . PHE A 1 45  ? -11.236 14.432  -4.386  1.00  36.52  ? 45   PHE A N   1 
ATOM   351  C  CA  . PHE A 1 45  ? -12.435 15.125  -4.812  1.00  37.01  ? 45   PHE A CA  1 
ATOM   352  C  C   . PHE A 1 45  ? -12.522 15.174  -6.313  1.00  37.98  ? 45   PHE A C   1 
ATOM   353  O  O   . PHE A 1 45  ? -11.578 15.635  -6.966  1.00  37.87  ? 45   PHE A O   1 
ATOM   354  C  CB  . PHE A 1 45  ? -12.436 16.555  -4.322  1.00  36.96  ? 45   PHE A CB  1 
ATOM   355  C  CG  . PHE A 1 45  ? -13.614 17.373  -4.820  1.00  36.77  ? 45   PHE A CG  1 
ATOM   356  C  CD1 . PHE A 1 45  ? -14.927 17.013  -4.481  1.00  37.92  ? 45   PHE A CD1 1 
ATOM   357  C  CD2 . PHE A 1 45  ? -13.408 18.514  -5.591  1.00  35.80  ? 45   PHE A CD2 1 
ATOM   358  C  CE1 . PHE A 1 45  ? -16.016 17.773  -4.895  1.00  35.60  ? 45   PHE A CE1 1 
ATOM   359  C  CE2 . PHE A 1 45  ? -14.478 19.279  -6.016  1.00  35.66  ? 45   PHE A CE2 1 
ATOM   360  C  CZ  . PHE A 1 45  ? -15.792 18.906  -5.668  1.00  36.38  ? 45   PHE A CZ  1 
ATOM   361  N  N   . ALA A 1 46  ? -13.648 14.718  -6.861  1.00  38.71  ? 46   ALA A N   1 
ATOM   362  C  CA  . ALA A 1 46  ? -13.885 14.834  -8.292  1.00  40.08  ? 46   ALA A CA  1 
ATOM   363  C  C   . ALA A 1 46  ? -12.629 14.442  -9.095  1.00  41.00  ? 46   ALA A C   1 
ATOM   364  O  O   . ALA A 1 46  ? -12.200 15.163  -10.005 1.00  41.51  ? 46   ALA A O   1 
ATOM   365  C  CB  . ALA A 1 46  ? -14.316 16.254  -8.635  1.00  39.32  ? 46   ALA A CB  1 
ATOM   366  N  N   . GLY A 1 47  ? -12.026 13.320  -8.724  1.00  41.99  ? 47   GLY A N   1 
ATOM   367  C  CA  . GLY A 1 47  ? -10.877 12.773  -9.455  1.00  43.52  ? 47   GLY A CA  1 
ATOM   368  C  C   . GLY A 1 47  ? -9.508  13.403  -9.215  1.00  44.43  ? 47   GLY A C   1 
ATOM   369  O  O   . GLY A 1 47  ? -8.544  13.112  -9.950  1.00  45.23  ? 47   GLY A O   1 
ATOM   370  N  N   . LYS A 1 48  ? -9.418  14.234  -8.176  1.00  44.16  ? 48   LYS A N   1 
ATOM   371  C  CA  . LYS A 1 48  ? -8.266  15.058  -7.894  1.00  43.71  ? 48   LYS A CA  1 
ATOM   372  C  C   . LYS A 1 48  ? -7.845  14.746  -6.481  1.00  43.32  ? 48   LYS A C   1 
ATOM   373  O  O   . LYS A 1 48  ? -8.656  14.892  -5.553  1.00  43.37  ? 48   LYS A O   1 
ATOM   374  C  CB  . LYS A 1 48  ? -8.724  16.511  -7.936  1.00  44.19  ? 48   LYS A CB  1 
ATOM   375  C  CG  . LYS A 1 48  ? -7.854  17.439  -8.716  1.00  45.25  ? 48   LYS A CG  1 
ATOM   376  C  CD  . LYS A 1 48  ? -8.712  18.525  -9.338  1.00  47.37  ? 48   LYS A CD  1 
ATOM   377  C  CE  . LYS A 1 48  ? -9.451  17.973  -10.566 1.00  47.82  ? 48   LYS A CE  1 
ATOM   378  N  NZ  . LYS A 1 48  ? -10.542 18.867  -10.986 1.00  48.90  ? 48   LYS A NZ  1 
ATOM   379  N  N   . GLN A 1 49  ? -6.599  14.308  -6.311  1.00  43.00  ? 49   GLN A N   1 
ATOM   380  C  CA  . GLN A 1 49  ? -5.989  14.203  -4.992  1.00  42.94  ? 49   GLN A CA  1 
ATOM   381  C  C   . GLN A 1 49  ? -5.755  15.617  -4.540  1.00  42.42  ? 49   GLN A C   1 
ATOM   382  O  O   . GLN A 1 49  ? -5.224  16.433  -5.297  1.00  42.01  ? 49   GLN A O   1 
ATOM   383  C  CB  . GLN A 1 49  ? -4.645  13.464  -5.035  1.00  43.26  ? 49   GLN A CB  1 
ATOM   384  C  CG  . GLN A 1 49  ? -3.843  13.594  -3.716  1.00  46.21  ? 49   GLN A CG  1 
ATOM   385  C  CD  . GLN A 1 49  ? -2.564  12.753  -3.667  1.00  51.02  ? 49   GLN A CD  1 
ATOM   386  O  OE1 . GLN A 1 49  ? -2.230  12.053  -4.624  1.00  52.82  ? 49   GLN A OE1 1 
ATOM   387  N  NE2 . GLN A 1 49  ? -1.844  12.818  -2.543  1.00  52.78  ? 49   GLN A NE2 1 
ATOM   388  N  N   . LEU A 1 50  ? -6.147  15.913  -3.308  1.00  41.66  ? 50   LEU A N   1 
ATOM   389  C  CA  . LEU A 1 50  ? -6.072  17.282  -2.783  1.00  40.61  ? 50   LEU A CA  1 
ATOM   390  C  C   . LEU A 1 50  ? -4.769  17.585  -1.992  1.00  41.29  ? 50   LEU A C   1 
ATOM   391  O  O   . LEU A 1 50  ? -4.276  16.731  -1.230  1.00  41.66  ? 50   LEU A O   1 
ATOM   392  C  CB  . LEU A 1 50  ? -7.305  17.539  -1.921  1.00  39.65  ? 50   LEU A CB  1 
ATOM   393  C  CG  . LEU A 1 50  ? -8.653  17.203  -2.564  1.00  35.61  ? 50   LEU A CG  1 
ATOM   394  C  CD1 . LEU A 1 50  ? -9.713  17.000  -1.520  1.00  32.28  ? 50   LEU A CD1 1 
ATOM   395  C  CD2 . LEU A 1 50  ? -9.037  18.271  -3.532  1.00  33.12  ? 50   LEU A CD2 1 
ATOM   396  N  N   . GLU A 1 51  ? -4.231  18.791  -2.153  1.00  41.52  ? 51   GLU A N   1 
ATOM   397  C  CA  . GLU A 1 51  ? -2.930  19.164  -1.563  1.00  42.84  ? 51   GLU A CA  1 
ATOM   398  C  C   . GLU A 1 51  ? -3.102  19.895  -0.198  1.00  43.24  ? 51   GLU A C   1 
ATOM   399  O  O   . GLU A 1 51  ? -3.991  20.748  -0.042  1.00  42.91  ? 51   GLU A O   1 
ATOM   400  C  CB  . GLU A 1 51  ? -2.112  19.998  -2.575  1.00  42.90  ? 51   GLU A CB  1 
ATOM   401  C  CG  . GLU A 1 51  ? -0.586  20.040  -2.347  1.00  44.23  ? 51   GLU A CG  1 
ATOM   402  C  CD  . GLU A 1 51  ? 0.119   21.048  -3.247  0.010 43.86  ? 51   GLU A CD  1 
ATOM   403  O  OE1 . GLU A 1 51  ? -0.531  22.009  -3.713  0.010 43.89  ? 51   GLU A OE1 1 
ATOM   404  O  OE2 . GLU A 1 51  ? 1.334   20.880  -3.484  0.010 43.92  ? 51   GLU A OE2 1 
ATOM   405  N  N   . ASP A 1 52  ? -2.246  19.543  0.774   1.00  43.70  ? 52   ASP A N   1 
ATOM   406  C  CA  . ASP A 1 52  ? -2.381  19.948  2.200   1.00  43.56  ? 52   ASP A CA  1 
ATOM   407  C  C   . ASP A 1 52  ? -2.526  21.447  2.407   1.00  43.18  ? 52   ASP A C   1 
ATOM   408  O  O   . ASP A 1 52  ? -3.294  21.900  3.278   1.00  42.85  ? 52   ASP A O   1 
ATOM   409  C  CB  . ASP A 1 52  ? -1.186  19.426  3.048   1.00  44.08  ? 52   ASP A CB  1 
ATOM   410  C  CG  . ASP A 1 52  ? -1.371  17.979  3.543   1.00  45.22  ? 52   ASP A CG  1 
ATOM   411  O  OD1 . ASP A 1 52  ? -2.378  17.346  3.178   1.00  47.21  ? 52   ASP A OD1 1 
ATOM   412  O  OD2 . ASP A 1 52  ? -0.512  17.460  4.301   1.00  46.58  ? 52   ASP A OD2 1 
ATOM   413  N  N   . GLY A 1 53  ? -1.783  22.199  1.595   1.00  42.66  ? 53   GLY A N   1 
ATOM   414  C  CA  . GLY A 1 53  ? -1.647  23.631  1.762   1.00  42.07  ? 53   GLY A CA  1 
ATOM   415  C  C   . GLY A 1 53  ? -2.707  24.451  1.073   1.00  41.96  ? 53   GLY A C   1 
ATOM   416  O  O   . GLY A 1 53  ? -2.789  25.652  1.292   1.00  42.15  ? 53   GLY A O   1 
ATOM   417  N  N   . ARG A 1 54  ? -3.528  23.808  0.250   1.00  41.69  ? 54   ARG A N   1 
ATOM   418  C  CA  . ARG A 1 54  ? -4.535  24.514  -0.533  1.00  41.51  ? 54   ARG A CA  1 
ATOM   419  C  C   . ARG A 1 54  ? -5.884  24.591  0.186   1.00  40.97  ? 54   ARG A C   1 
ATOM   420  O  O   . ARG A 1 54  ? -6.134  23.821  1.108   1.00  41.42  ? 54   ARG A O   1 
ATOM   421  C  CB  . ARG A 1 54  ? -4.666  23.844  -1.897  1.00  41.52  ? 54   ARG A CB  1 
ATOM   422  C  CG  . ARG A 1 54  ? -3.328  23.761  -2.627  1.00  43.08  ? 54   ARG A CG  1 
ATOM   423  C  CD  . ARG A 1 54  ? -3.502  23.730  -4.122  1.00  45.10  ? 54   ARG A CD  1 
ATOM   424  N  NE  . ARG A 1 54  ? -4.054  24.999  -4.580  1.00  47.48  ? 54   ARG A NE  1 
ATOM   425  C  CZ  . ARG A 1 54  ? -4.770  25.161  -5.691  1.00  48.58  ? 54   ARG A CZ  1 
ATOM   426  N  NH1 . ARG A 1 54  ? -5.041  24.125  -6.501  1.00  46.84  ? 54   ARG A NH1 1 
ATOM   427  N  NH2 . ARG A 1 54  ? -5.229  26.373  -5.982  1.00  47.65  ? 54   ARG A NH2 1 
ATOM   428  N  N   . THR A 1 55  ? -6.757  25.506  -0.218  1.00  39.88  ? 55   THR A N   1 
ATOM   429  C  CA  . THR A 1 55  ? -8.038  25.640  0.466   1.00  38.96  ? 55   THR A CA  1 
ATOM   430  C  C   . THR A 1 55  ? -9.182  24.976  -0.289  1.00  38.42  ? 55   THR A C   1 
ATOM   431  O  O   . THR A 1 55  ? -9.076  24.675  -1.465  1.00  37.73  ? 55   THR A O   1 
ATOM   432  C  CB  . THR A 1 55  ? -8.424  27.108  0.669   1.00  38.90  ? 55   THR A CB  1 
ATOM   433  O  OG1 . THR A 1 55  ? -8.895  27.647  -0.574  1.00  38.30  ? 55   THR A OG1 1 
ATOM   434  C  CG2 . THR A 1 55  ? -7.234  27.898  1.181   1.00  38.73  ? 55   THR A CG2 1 
ATOM   435  N  N   . LEU A 1 56  ? -10.291 24.783  0.406   1.00  38.32  ? 56   LEU A N   1 
ATOM   436  C  CA  . LEU A 1 56  ? -11.494 24.324  -0.234  1.00  38.66  ? 56   LEU A CA  1 
ATOM   437  C  C   . LEU A 1 56  ? -11.863 25.226  -1.404  1.00  39.46  ? 56   LEU A C   1 
ATOM   438  O  O   . LEU A 1 56  ? -12.154 24.728  -2.494  1.00  39.82  ? 56   LEU A O   1 
ATOM   439  C  CB  . LEU A 1 56  ? -12.636 24.188  0.770   1.00  38.02  ? 56   LEU A CB  1 
ATOM   440  C  CG  . LEU A 1 56  ? -12.427 23.188  1.930   1.00  36.93  ? 56   LEU A CG  1 
ATOM   441  C  CD1 . LEU A 1 56  ? -13.697 23.097  2.771   1.00  36.21  ? 56   LEU A CD1 1 
ATOM   442  C  CD2 . LEU A 1 56  ? -11.987 21.811  1.505   1.00  36.14  ? 56   LEU A CD2 1 
ATOM   443  N  N   . SER A 1 57  ? -11.813 26.543  -1.206  1.00  40.54  ? 57   SER A N   1 
ATOM   444  C  CA  . SER A 1 57  ? -12.151 27.474  -2.291  1.00  41.64  ? 57   SER A CA  1 
ATOM   445  C  C   . SER A 1 57  ? -11.193 27.410  -3.471  1.00  41.78  ? 57   SER A C   1 
ATOM   446  O  O   . SER A 1 57  ? -11.634 27.546  -4.603  1.00  42.55  ? 57   SER A O   1 
ATOM   447  C  CB  . SER A 1 57  ? -12.297 28.902  -1.796  1.00  41.75  ? 57   SER A CB  1 
ATOM   448  O  OG  . SER A 1 57  ? -11.361 29.162  -0.772  1.00  44.53  ? 57   SER A OG  1 
ATOM   449  N  N   . ASP A 1 58  ? -9.906  27.174  -3.218  1.00  41.92  ? 58   ASP A N   1 
ATOM   450  C  CA  . ASP A 1 58  ? -8.938  26.949  -4.305  1.00  42.05  ? 58   ASP A CA  1 
ATOM   451  C  C   . ASP A 1 58  ? -9.360  25.803  -5.204  1.00  41.60  ? 58   ASP A C   1 
ATOM   452  O  O   . ASP A 1 58  ? -9.051  25.793  -6.387  1.00  41.45  ? 58   ASP A O   1 
ATOM   453  C  CB  . ASP A 1 58  ? -7.549  26.619  -3.753  1.00  42.37  ? 58   ASP A CB  1 
ATOM   454  C  CG  . ASP A 1 58  ? -6.911  27.785  -3.047  1.00  44.29  ? 58   ASP A CG  1 
ATOM   455  O  OD1 . ASP A 1 58  ? -7.279  28.957  -3.337  1.00  46.60  ? 58   ASP A OD1 1 
ATOM   456  O  OD2 . ASP A 1 58  ? -6.035  27.526  -2.190  1.00  46.33  ? 58   ASP A OD2 1 
ATOM   457  N  N   . TYR A 1 59  ? -10.036 24.819  -4.616  1.00  41.11  ? 59   TYR A N   1 
ATOM   458  C  CA  . TYR A 1 59  ? -10.540 23.660  -5.347  1.00  40.71  ? 59   TYR A CA  1 
ATOM   459  C  C   . TYR A 1 59  ? -12.018 23.796  -5.682  1.00  40.53  ? 59   TYR A C   1 
ATOM   460  O  O   . TYR A 1 59  ? -12.639 22.834  -6.115  1.00  40.33  ? 59   TYR A O   1 
ATOM   461  C  CB  . TYR A 1 59  ? -10.370 22.392  -4.521  1.00  40.48  ? 59   TYR A CB  1 
ATOM   462  C  CG  . TYR A 1 59  ? -8.952  21.915  -4.365  1.00  41.00  ? 59   TYR A CG  1 
ATOM   463  C  CD1 . TYR A 1 59  ? -8.256  21.383  -5.455  1.00  40.45  ? 59   TYR A CD1 1 
ATOM   464  C  CD2 . TYR A 1 59  ? -8.307  21.972  -3.124  1.00  39.22  ? 59   TYR A CD2 1 
ATOM   465  C  CE1 . TYR A 1 59  ? -6.947  20.926  -5.322  1.00  39.80  ? 59   TYR A CE1 1 
ATOM   466  C  CE2 . TYR A 1 59  ? -7.001  21.514  -2.974  1.00  39.60  ? 59   TYR A CE2 1 
ATOM   467  C  CZ  . TYR A 1 59  ? -6.323  20.998  -4.079  1.00  40.01  ? 59   TYR A CZ  1 
ATOM   468  O  OH  . TYR A 1 59  ? -5.035  20.543  -3.953  1.00  39.82  ? 59   TYR A OH  1 
ATOM   469  N  N   . ASN A 1 60  ? -12.584 24.973  -5.445  1.00  40.48  ? 60   ASN A N   1 
ATOM   470  C  CA  . ASN A 1 60  ? -14.002 25.186  -5.643  1.00  41.02  ? 60   ASN A CA  1 
ATOM   471  C  C   . ASN A 1 60  ? -14.866 24.083  -5.039  1.00  40.82  ? 60   ASN A C   1 
ATOM   472  O  O   . ASN A 1 60  ? -15.786 23.571  -5.681  1.00  41.17  ? 60   ASN A O   1 
ATOM   473  C  CB  . ASN A 1 60  ? -14.338 25.365  -7.128  1.00  41.12  ? 60   ASN A CB  1 
ATOM   474  C  CG  . ASN A 1 60  ? -15.733 25.915  -7.321  1.00  43.04  ? 60   ASN A CG  1 
ATOM   475  O  OD1 . ASN A 1 60  ? -16.092 26.936  -6.735  1.00  45.34  ? 60   ASN A OD1 1 
ATOM   476  N  ND2 . ASN A 1 60  ? -16.544 25.223  -8.103  1.00  44.79  ? 60   ASN A ND2 1 
ATOM   477  N  N   . ILE A 1 61  ? -14.551 23.702  -3.811  1.00  40.65  ? 61   ILE A N   1 
ATOM   478  C  CA  . ILE A 1 61  ? -15.335 22.696  -3.093  1.00  40.44  ? 61   ILE A CA  1 
ATOM   479  C  C   . ILE A 1 61  ? -16.472 23.448  -2.410  1.00  39.91  ? 61   ILE A C   1 
ATOM   480  O  O   . ILE A 1 61  ? -16.238 24.222  -1.506  1.00  39.88  ? 61   ILE A O   1 
ATOM   481  C  CB  . ILE A 1 61  ? -14.449 21.888  -2.086  1.00  40.27  ? 61   ILE A CB  1 
ATOM   482  C  CG1 . ILE A 1 61  ? -13.438 21.014  -2.841  1.00  39.98  ? 61   ILE A CG1 1 
ATOM   483  C  CG2 . ILE A 1 61  ? -15.305 21.053  -1.109  1.00  40.24  ? 61   ILE A CG2 1 
ATOM   484  C  CD1 . ILE A 1 61  ? -12.213 20.594  -2.031  1.00  37.96  ? 61   ILE A CD1 1 
ATOM   485  N  N   . GLN A 1 62  ? -17.695 23.233  -2.867  1.00  40.20  ? 62   GLN A N   1 
ATOM   486  C  CA  . GLN A 1 62  ? -18.833 24.039  -2.432  1.00  40.92  ? 62   GLN A CA  1 
ATOM   487  C  C   . GLN A 1 62  ? -19.610 23.268  -1.383  1.00  40.85  ? 62   GLN A C   1 
ATOM   488  O  O   . GLN A 1 62  ? -19.303 22.109  -1.124  1.00  41.19  ? 62   GLN A O   1 
ATOM   489  C  CB  . GLN A 1 62  ? -19.718 24.370  -3.636  1.00  40.90  ? 62   GLN A CB  1 
ATOM   490  C  CG  . GLN A 1 62  ? -19.011 25.191  -4.690  1.00  42.24  ? 62   GLN A CG  1 
ATOM   491  C  CD  . GLN A 1 62  ? -19.646 25.040  -6.053  1.00  46.46  ? 62   GLN A CD  1 
ATOM   492  O  OE1 . GLN A 1 62  ? -19.110 24.354  -6.933  1.00  48.86  ? 62   GLN A OE1 1 
ATOM   493  N  NE2 . GLN A 1 62  ? -20.806 25.660  -6.240  1.00  46.09  ? 62   GLN A NE2 1 
ATOM   494  N  N   . LYS A 1 63  ? -20.608 23.900  -0.777  1.00  40.96  ? 63   LYS A N   1 
ATOM   495  C  CA  . LYS A 1 63  ? -21.474 23.188  0.156   1.00  41.24  ? 63   LYS A CA  1 
ATOM   496  C  C   . LYS A 1 63  ? -21.902 21.856  -0.438  1.00  40.74  ? 63   LYS A C   1 
ATOM   497  O  O   . LYS A 1 63  ? -22.132 21.736  -1.657  1.00  40.79  ? 63   LYS A O   1 
ATOM   498  C  CB  . LYS A 1 63  ? -22.764 23.946  0.452   1.00  41.68  ? 63   LYS A CB  1 
ATOM   499  C  CG  . LYS A 1 63  ? -22.799 25.420  0.141   1.00  43.34  ? 63   LYS A CG  1 
ATOM   500  C  CD  . LYS A 1 63  ? -23.762 26.084  1.130   1.00  45.87  ? 63   LYS A CD  1 
ATOM   501  C  CE  . LYS A 1 63  ? -23.121 26.112  2.542   1.00  48.42  ? 63   LYS A CE  1 
ATOM   502  N  NZ  . LYS A 1 63  ? -24.054 26.204  3.712   1.00  49.16  ? 63   LYS A NZ  1 
ATOM   503  N  N   . GLU A 1 64  ? -22.034 20.870  0.443   1.00  40.05  ? 64   GLU A N   1 
ATOM   504  C  CA  . GLU A 1 64  ? -22.469 19.513  0.086   1.00  39.38  ? 64   GLU A CA  1 
ATOM   505  C  C   . GLU A 1 64  ? -21.505 18.732  -0.814  1.00  38.24  ? 64   GLU A C   1 
ATOM   506  O  O   . GLU A 1 64  ? -21.830 17.619  -1.200  1.00  38.16  ? 64   GLU A O   1 
ATOM   507  C  CB  . GLU A 1 64  ? -23.895 19.498  -0.515  1.00  39.44  ? 64   GLU A CB  1 
ATOM   508  C  CG  . GLU A 1 64  ? -25.058 19.518  0.512   1.00  41.59  ? 64   GLU A CG  1 
ATOM   509  C  CD  . GLU A 1 64  ? -26.298 18.702  0.072   1.00  44.20  ? 64   GLU A CD  1 
ATOM   510  O  OE1 . GLU A 1 64  ? -26.168 17.733  -0.726  1.00  45.74  ? 64   GLU A OE1 1 
ATOM   511  O  OE2 . GLU A 1 64  ? -27.411 19.012  0.544   1.00  45.18  ? 64   GLU A OE2 1 
ATOM   512  N  N   . SER A 1 65  ? -20.336 19.273  -1.152  1.00  37.18  ? 65   SER A N   1 
ATOM   513  C  CA  . SER A 1 65  ? -19.349 18.450  -1.868  1.00  36.69  ? 65   SER A CA  1 
ATOM   514  C  C   . SER A 1 65  ? -18.996 17.217  -1.050  1.00  36.38  ? 65   SER A C   1 
ATOM   515  O  O   . SER A 1 65  ? -19.028 17.231  0.187   1.00  35.14  ? 65   SER A O   1 
ATOM   516  C  CB  . SER A 1 65  ? -18.077 19.215  -2.183  1.00  36.50  ? 65   SER A CB  1 
ATOM   517  O  OG  . SER A 1 65  ? -18.313 20.202  -3.151  1.00  36.85  ? 65   SER A OG  1 
ATOM   518  N  N   . THR A 1 66  ? -18.675 16.142  -1.762  1.00  36.69  ? 66   THR A N   1 
ATOM   519  C  CA  . THR A 1 66  ? -18.302 14.906  -1.116  1.00  36.72  ? 66   THR A CA  1 
ATOM   520  C  C   . THR A 1 66  ? -16.843 14.601  -1.405  1.00  37.08  ? 66   THR A C   1 
ATOM   521  O  O   . THR A 1 66  ? -16.441 14.372  -2.562  1.00  36.88  ? 66   THR A O   1 
ATOM   522  C  CB  . THR A 1 66  ? -19.227 13.728  -1.533  1.00  36.70  ? 66   THR A CB  1 
ATOM   523  O  OG1 . THR A 1 66  ? -20.528 13.957  -0.997  1.00  36.82  ? 66   THR A OG1 1 
ATOM   524  C  CG2 . THR A 1 66  ? -18.712 12.383  -0.996  1.00  36.71  ? 66   THR A CG2 1 
ATOM   525  N  N   . LEU A 1 67  ? -16.060 14.609  -0.336  1.00  36.89  ? 67   LEU A N   1 
ATOM   526  C  CA  . LEU A 1 67  ? -14.689 14.172  -0.402  1.00  37.36  ? 67   LEU A CA  1 
ATOM   527  C  C   . LEU A 1 67  ? -14.533 12.644  -0.157  1.00  38.41  ? 67   LEU A C   1 
ATOM   528  O  O   . LEU A 1 67  ? -15.160 12.078  0.751   1.00  38.57  ? 67   LEU A O   1 
ATOM   529  C  CB  . LEU A 1 67  ? -13.888 14.978  0.597   1.00  36.36  ? 67   LEU A CB  1 
ATOM   530  C  CG  . LEU A 1 67  ? -13.367 16.304  0.074   1.00  35.86  ? 67   LEU A CG  1 
ATOM   531  C  CD1 . LEU A 1 67  ? -14.415 17.157  -0.630  1.00  31.98  ? 67   LEU A CD1 1 
ATOM   532  C  CD2 . LEU A 1 67  ? -12.755 17.024  1.245   1.00  33.75  ? 67   LEU A CD2 1 
ATOM   533  N  N   . HIS A 1 68  ? -13.708 11.984  -0.974  1.00  39.17  ? 68   HIS A N   1 
ATOM   534  C  CA  . HIS A 1 68  ? -13.356 10.581  -0.734  1.00  40.46  ? 68   HIS A CA  1 
ATOM   535  C  C   . HIS A 1 68  ? -12.005 10.449  -0.061  1.00  40.05  ? 68   HIS A C   1 
ATOM   536  O  O   . HIS A 1 68  ? -10.980 10.878  -0.619  1.00  39.21  ? 68   HIS A O   1 
ATOM   537  C  CB  . HIS A 1 68  ? -13.345 9.776   -2.032  1.00  41.17  ? 68   HIS A CB  1 
ATOM   538  C  CG  . HIS A 1 68  ? -14.655 9.791   -2.760  1.00  44.95  ? 68   HIS A CG  1 
ATOM   539  N  ND1 . HIS A 1 68  ? -15.526 8.720   -2.749  1.00  48.73  ? 68   HIS A ND1 1 
ATOM   540  C  CD2 . HIS A 1 68  ? -15.243 10.750  -3.518  1.00  47.77  ? 68   HIS A CD2 1 
ATOM   541  C  CE1 . HIS A 1 68  ? -16.596 9.021   -3.469  1.00  50.67  ? 68   HIS A CE1 1 
ATOM   542  N  NE2 . HIS A 1 68  ? -16.450 10.246  -3.947  1.00  49.90  ? 68   HIS A NE2 1 
ATOM   543  N  N   . LEU A 1 69  ? -12.031 9.834   1.125   1.00  40.32  ? 69   LEU A N   1 
ATOM   544  C  CA  . LEU A 1 69  ? -10.836 9.501   1.909   1.00  41.46  ? 69   LEU A CA  1 
ATOM   545  C  C   . LEU A 1 69  ? -10.239 8.157   1.491   1.00  41.98  ? 69   LEU A C   1 
ATOM   546  O  O   . LEU A 1 69  ? -10.949 7.151   1.432   1.00  41.67  ? 69   LEU A O   1 
ATOM   547  C  CB  . LEU A 1 69  ? -11.185 9.464   3.403   1.00  41.12  ? 69   LEU A CB  1 
ATOM   548  C  CG  . LEU A 1 69  ? -10.153 8.986   4.435   1.00  41.55  ? 69   LEU A CG  1 
ATOM   549  C  CD1 . LEU A 1 69  ? -8.922  9.885   4.441   1.00  41.71  ? 69   LEU A CD1 1 
ATOM   550  C  CD2 . LEU A 1 69  ? -10.791 8.874   5.844   1.00  39.78  ? 69   LEU A CD2 1 
ATOM   551  N  N   . VAL A 1 70  ? -8.934  8.149   1.213   1.00  42.94  ? 70   VAL A N   1 
ATOM   552  C  CA  . VAL A 1 70  ? -8.217  6.915   0.887   1.00  43.65  ? 70   VAL A CA  1 
ATOM   553  C  C   . VAL A 1 70  ? -7.017  6.769   1.797   1.00  45.02  ? 70   VAL A C   1 
ATOM   554  O  O   . VAL A 1 70  ? -6.379  7.769   2.150   1.00  45.23  ? 70   VAL A O   1 
ATOM   555  C  CB  . VAL A 1 70  ? -7.760  6.910   -0.568  1.00  43.35  ? 70   VAL A CB  1 
ATOM   556  C  CG1 . VAL A 1 70  ? -6.937  5.646   -0.885  1.00  42.97  ? 70   VAL A CG1 1 
ATOM   557  C  CG2 . VAL A 1 70  ? -8.979  6.988   -1.459  1.00  42.31  ? 70   VAL A CG2 1 
ATOM   558  N  N   . LEU A 1 71  ? -6.718  5.531   2.183   1.00  46.41  ? 71   LEU A N   1 
ATOM   559  C  CA  . LEU A 1 71  ? -5.603  5.275   3.072   1.00  48.26  ? 71   LEU A CA  1 
ATOM   560  C  C   . LEU A 1 71  ? -4.304  5.490   2.302   1.00  49.47  ? 71   LEU A C   1 
ATOM   561  O  O   . LEU A 1 71  ? -4.201  5.147   1.118   1.00  49.96  ? 71   LEU A O   1 
ATOM   562  C  CB  . LEU A 1 71  ? -5.681  3.866   3.676   1.00  48.44  ? 71   LEU A CB  1 
ATOM   563  C  CG  . LEU A 1 71  ? -4.705  3.569   4.833   1.00  50.19  ? 71   LEU A CG  1 
ATOM   564  C  CD1 . LEU A 1 71  ? -4.978  4.430   6.074   1.00  49.17  ? 71   LEU A CD1 1 
ATOM   565  C  CD2 . LEU A 1 71  ? -4.667  2.068   5.222   1.00  52.76  ? 71   LEU A CD2 1 
ATOM   566  N  N   . ARG A 1 72  ? -3.333  6.101   2.959   1.00  50.43  ? 72   ARG A N   1 
ATOM   567  C  CA  . ARG A 1 72  ? -2.051  6.334   2.332   1.00  52.70  ? 72   ARG A CA  1 
ATOM   568  C  C   . ARG A 1 72  ? -0.976  5.547   3.054   1.00  53.56  ? 72   ARG A C   1 
ATOM   569  O  O   . ARG A 1 72  ? -0.768  5.720   4.251   1.00  53.56  ? 72   ARG A O   1 
ATOM   570  C  CB  . ARG A 1 72  ? -1.710  7.820   2.332   1.00  52.92  ? 72   ARG A CB  1 
ATOM   571  C  CG  . ARG A 1 72  ? -0.390  8.127   1.654   1.00  56.14  ? 72   ARG A CG  1 
ATOM   572  C  CD  . ARG A 1 72  ? 0.123   9.489   2.057   1.00  60.58  ? 72   ARG A CD  1 
ATOM   573  N  NE  . ARG A 1 72  ? 1.563   9.469   2.344   1.00  65.21  ? 72   ARG A NE  1 
ATOM   574  C  CZ  . ARG A 1 72  ? 2.406   10.461  2.042   1.00  66.73  ? 72   ARG A CZ  1 
ATOM   575  N  NH1 . ARG A 1 72  ? 1.958   11.553  1.424   1.00  67.16  ? 72   ARG A NH1 1 
ATOM   576  N  NH2 . ARG A 1 72  ? 3.699   10.366  2.348   1.00  67.21  ? 72   ARG A NH2 1 
ATOM   577  N  N   . LEU A 1 73  ? -0.304  4.665   2.327   1.00  55.18  ? 73   LEU A N   1 
ATOM   578  C  CA  . LEU A 1 73  ? 0.780   3.864   2.917   1.00  56.79  ? 73   LEU A CA  1 
ATOM   579  C  C   . LEU A 1 73  ? 2.140   4.200   2.292   1.00  57.22  ? 73   LEU A C   1 
ATOM   580  O  O   . LEU A 1 73  ? 2.200   4.873   1.260   1.00  57.83  ? 73   LEU A O   1 
ATOM   581  C  CB  . LEU A 1 73  ? 0.454   2.356   2.827   1.00  57.33  ? 73   LEU A CB  1 
ATOM   582  C  CG  . LEU A 1 73  ? -0.895  1.942   3.466   1.00  58.51  ? 73   LEU A CG  1 
ATOM   583  C  CD1 . LEU A 1 73  ? -1.703  0.870   2.616   1.00  57.40  ? 73   LEU A CD1 1 
ATOM   584  C  CD2 . LEU A 1 73  ? -0.759  1.580   4.980   1.00  59.12  ? 73   LEU A CD2 1 
ATOM   585  N  N   . ARG A 1 74  ? 3.227   3.753   2.923   1.00  57.74  ? 74   ARG A N   1 
ATOM   586  C  CA  . ARG A 1 74  ? 4.588   4.123   2.510   1.00  58.05  ? 74   ARG A CA  1 
ATOM   587  C  C   . ARG A 1 74  ? 5.502   2.961   2.863   1.00  58.04  ? 74   ARG A C   1 
ATOM   588  O  O   . ARG A 1 74  ? 5.485   2.489   3.999   1.00  58.45  ? 74   ARG A O   1 
ATOM   589  C  CB  . ARG A 1 74  ? 5.060   5.414   3.230   1.00  57.69  ? 74   ARG A CB  1 
ATOM   590  C  CG  . ARG A 1 74  ? 4.308   6.700   2.821   1.00  58.29  ? 74   ARG A CG  1 
ATOM   591  C  CD  . ARG A 1 74  ? 4.751   7.929   3.616   1.00  58.44  ? 74   ARG A CD  1 
ATOM   592  N  NE  . ARG A 1 74  ? 5.975   8.519   3.074   0.010 58.13  ? 74   ARG A NE  1 
ATOM   593  C  CZ  . ARG A 1 74  ? 7.190   8.351   3.590   0.010 58.01  ? 74   ARG A CZ  1 
ATOM   594  N  NH1 . ARG A 1 74  ? 7.368   7.606   4.676   0.010 57.95  ? 74   ARG A NH1 1 
ATOM   595  N  NH2 . ARG A 1 74  ? 8.235   8.933   3.017   0.010 57.97  ? 74   ARG A NH2 1 
ATOM   596  N  N   . GLY A 1 75  ? 6.298   2.506   1.899   1.00  58.15  ? 75   GLY A N   1 
ATOM   597  C  CA  . GLY A 1 75  ? 7.196   1.339   2.086   1.00  57.80  ? 75   GLY A CA  1 
ATOM   598  C  C   . GLY A 1 75  ? 7.590   0.741   0.739   1.00  57.45  ? 75   GLY A C   1 
ATOM   599  O  O   . GLY A 1 75  ? 6.779   0.750   -0.212  1.00  58.51  ? 75   GLY A O   1 
ATOM   600  N  N   . GLY A 1 76  ? 8.829   0.240   0.624   1.00  56.72  ? 76   GLY A N   1 
ATOM   601  C  CA  . GLY A 1 76  ? 9.339   -0.282  -0.692  1.00  55.11  ? 76   GLY A CA  1 
ATOM   602  C  C   . GLY A 1 76  ? 8.571   -1.524  -1.011  1.00  53.09  ? 76   GLY A C   1 
ATOM   603  O  O   . GLY A 1 76  ? 7.986   -2.096  -0.069  1.00  52.97  ? 76   GLY A O   1 
ATOM   604  N  N   . MET A 1 77  ? 8.520   -1.948  -2.275  1.00  51.39  ? 77   MET A N   1 
ATOM   605  C  CA  . MET A 1 77  ? 7.682   -3.137  -2.567  1.00  50.09  ? 77   MET A CA  1 
ATOM   606  C  C   . MET A 1 77  ? 8.176   -4.384  -1.812  1.00  49.53  ? 77   MET A C   1 
ATOM   607  O  O   . MET A 1 77  ? 9.327   -4.786  -1.965  1.00  48.99  ? 77   MET A O   1 
ATOM   608  C  CB  . MET A 1 77  ? 7.565   -3.467  -4.049  1.00  50.36  ? 77   MET A CB  1 
ATOM   609  C  CG  . MET A 1 77  ? 7.057   -4.941  -4.310  1.00  51.24  ? 77   MET A CG  1 
ATOM   610  S  SD  . MET A 1 77  ? 6.466   -5.288  -5.984  1.00  53.62  ? 77   MET A SD  1 
ATOM   611  C  CE  . MET A 1 77  ? 6.493   -7.061  -6.250  1.00  49.24  ? 77   MET A CE  1 
ATOM   612  N  N   . GLN A 1 78  ? 7.315   -4.987  -0.987  1.00  48.93  ? 78   GLN A N   1 
ATOM   613  C  CA  . GLN A 1 78  ? 7.715   -6.179  -0.206  1.00  48.28  ? 78   GLN A CA  1 
ATOM   614  C  C   . GLN A 1 78  ? 6.908   -7.412  -0.539  1.00  46.92  ? 78   GLN A C   1 
ATOM   615  O  O   . GLN A 1 78  ? 5.765   -7.326  -0.972  1.00  46.39  ? 78   GLN A O   1 
ATOM   616  C  CB  . GLN A 1 78  ? 7.657   -5.917  1.300   1.00  48.68  ? 78   GLN A CB  1 
ATOM   617  C  CG  . GLN A 1 78  ? 8.290   -4.594  1.695   1.00  53.01  ? 78   GLN A CG  1 
ATOM   618  C  CD  . GLN A 1 78  ? 8.787   -4.571  3.126   1.00  57.27  ? 78   GLN A CD  1 
ATOM   619  O  OE1 . GLN A 1 78  ? 9.999   -4.385  3.382   1.00  59.18  ? 78   GLN A OE1 1 
ATOM   620  N  NE2 . GLN A 1 78  ? 7.870   -4.780  4.074   1.00  56.81  ? 78   GLN A NE2 1 
ATOM   621  N  N   . ILE A 1 79  ? 7.531   -8.566  -0.327  1.00  46.27  ? 79   ILE A N   1 
ATOM   622  C  CA  . ILE A 1 79  ? 6.849   -9.858  -0.377  1.00  45.18  ? 79   ILE A CA  1 
ATOM   623  C  C   . ILE A 1 79  ? 7.307   -10.698 0.797   1.00  45.75  ? 79   ILE A C   1 
ATOM   624  O  O   . ILE A 1 79  ? 8.364   -10.426 1.391   1.00  45.93  ? 79   ILE A O   1 
ATOM   625  C  CB  . ILE A 1 79  ? 7.156   -10.636 -1.679  1.00  44.58  ? 79   ILE A CB  1 
ATOM   626  C  CG1 . ILE A 1 79  ? 8.666   -10.877 -1.803  1.00  42.89  ? 79   ILE A CG1 1 
ATOM   627  C  CG2 . ILE A 1 79  ? 6.566   -9.912  -2.866  1.00  44.02  ? 79   ILE A CG2 1 
ATOM   628  C  CD1 . ILE A 1 79  ? 9.062   -11.882 -2.847  1.00  43.13  ? 79   ILE A CD1 1 
ATOM   629  N  N   . PHE A 1 80  ? 6.542   -11.737 1.121   1.00  46.26  ? 80   PHE A N   1 
ATOM   630  C  CA  . PHE A 1 80  ? 6.922   -12.621 2.216   1.00  46.79  ? 80   PHE A CA  1 
ATOM   631  C  C   . PHE A 1 80  ? 7.364   -13.950 1.688   1.00  47.49  ? 80   PHE A C   1 
ATOM   632  O  O   . PHE A 1 80  ? 6.837   -14.440 0.689   1.00  47.66  ? 80   PHE A O   1 
ATOM   633  C  CB  . PHE A 1 80  ? 5.762   -12.822 3.167   1.00  46.53  ? 80   PHE A CB  1 
ATOM   634  C  CG  . PHE A 1 80  ? 5.087   -11.553 3.569   1.00  47.44  ? 80   PHE A CG  1 
ATOM   635  C  CD1 . PHE A 1 80  ? 5.635   -10.735 4.551   1.00  48.56  ? 80   PHE A CD1 1 
ATOM   636  C  CD2 . PHE A 1 80  ? 3.883   -11.167 2.975   1.00  48.66  ? 80   PHE A CD2 1 
ATOM   637  C  CE1 . PHE A 1 80  ? 4.988   -9.540  4.935   1.00  48.66  ? 80   PHE A CE1 1 
ATOM   638  C  CE2 . PHE A 1 80  ? 3.231   -9.981  3.356   1.00  48.99  ? 80   PHE A CE2 1 
ATOM   639  C  CZ  . PHE A 1 80  ? 3.786   -9.170  4.338   1.00  48.55  ? 80   PHE A CZ  1 
ATOM   640  N  N   . VAL A 1 81  ? 8.332   -14.547 2.371   1.00  48.75  ? 81   VAL A N   1 
ATOM   641  C  CA  . VAL A 1 81  ? 8.738   -15.904 2.062   1.00  49.94  ? 81   VAL A CA  1 
ATOM   642  C  C   . VAL A 1 81  ? 8.600   -16.772 3.326   1.00  51.20  ? 81   VAL A C   1 
ATOM   643  O  O   . VAL A 1 81  ? 9.264   -16.514 4.335   1.00  51.83  ? 81   VAL A O   1 
ATOM   644  C  CB  . VAL A 1 81  ? 10.169  -15.930 1.500   1.00  49.88  ? 81   VAL A CB  1 
ATOM   645  C  CG1 . VAL A 1 81  ? 10.488  -17.267 0.859   1.00  49.59  ? 81   VAL A CG1 1 
ATOM   646  C  CG2 . VAL A 1 81  ? 10.346  -14.839 0.469   1.00  49.19  ? 81   VAL A CG2 1 
ATOM   647  N  N   . LYS A 1 82  ? 7.723   -17.779 3.282   1.00  52.30  ? 82   LYS A N   1 
ATOM   648  C  CA  . LYS A 1 82  ? 7.555   -18.724 4.411   1.00  53.15  ? 82   LYS A CA  1 
ATOM   649  C  C   . LYS A 1 82  ? 8.496   -19.907 4.275   1.00  53.70  ? 82   LYS A C   1 
ATOM   650  O  O   . LYS A 1 82  ? 8.714   -20.423 3.169   1.00  53.47  ? 82   LYS A O   1 
ATOM   651  C  CB  . LYS A 1 82  ? 6.107   -19.224 4.542   1.00  52.93  ? 82   LYS A CB  1 
ATOM   652  C  CG  . LYS A 1 82  ? 5.232   -18.476 5.541   1.00  54.43  ? 82   LYS A CG  1 
ATOM   653  C  CD  . LYS A 1 82  ? 3.841   -19.098 5.641   1.00  56.02  ? 82   LYS A CD  1 
ATOM   654  C  CE  . LYS A 1 82  ? 3.028   -18.481 6.787   1.00  57.40  ? 82   LYS A CE  1 
ATOM   655  N  NZ  . LYS A 1 82  ? 1.564   -18.782 6.715   1.00  57.46  ? 82   LYS A NZ  1 
ATOM   656  N  N   . THR A 1 83  ? 9.020   -20.345 5.418   1.00  54.86  ? 83   THR A N   1 
ATOM   657  C  CA  . THR A 1 83  ? 9.976   -21.453 5.496   1.00  56.00  ? 83   THR A CA  1 
ATOM   658  C  C   . THR A 1 83  ? 9.287   -22.758 5.892   1.00  56.27  ? 83   THR A C   1 
ATOM   659  O  O   . THR A 1 83  ? 8.138   -22.735 6.342   1.00  56.50  ? 83   THR A O   1 
ATOM   660  C  CB  . THR A 1 83  ? 11.113  -21.132 6.507   1.00  56.08  ? 83   THR A CB  1 
ATOM   661  O  OG1 . THR A 1 83  ? 10.608  -21.175 7.851   1.00  57.59  ? 83   THR A OG1 1 
ATOM   662  C  CG2 . THR A 1 83  ? 11.712  -19.732 6.233   1.00  56.58  ? 83   THR A CG2 1 
ATOM   663  N  N   . LEU A 1 84  ? 9.991   -23.883 5.724   1.00  56.84  ? 84   LEU A N   1 
ATOM   664  C  CA  . LEU A 1 84  ? 9.561   -25.183 6.243   1.00  57.00  ? 84   LEU A CA  1 
ATOM   665  C  C   . LEU A 1 84  ? 9.101   -25.038 7.697   1.00  57.56  ? 84   LEU A C   1 
ATOM   666  O  O   . LEU A 1 84  ? 8.036   -25.530 8.054   1.00  57.58  ? 84   LEU A O   1 
ATOM   667  C  CB  . LEU A 1 84  ? 10.704  -26.194 6.163   0.010 57.08  ? 84   LEU A CB  1 
ATOM   668  C  CG  . LEU A 1 84  ? 10.355  -27.598 5.667   0.010 57.00  ? 84   LEU A CG  1 
ATOM   669  C  CD1 . LEU A 1 84  ? 10.536  -27.661 4.160   0.010 57.01  ? 84   LEU A CD1 1 
ATOM   670  C  CD2 . LEU A 1 84  ? 11.209  -28.647 6.364   0.010 57.01  ? 84   LEU A CD2 1 
ATOM   671  N  N   . THR A 1 85  ? 9.890   -24.327 8.514   1.00  58.08  ? 85   THR A N   1 
ATOM   672  C  CA  . THR A 1 85  ? 9.616   -24.155 9.957   1.00  58.33  ? 85   THR A CA  1 
ATOM   673  C  C   . THR A 1 85  ? 8.961   -22.814 10.347  1.00  58.63  ? 85   THR A C   1 
ATOM   674  O  O   . THR A 1 85  ? 9.151   -22.316 11.464  1.00  58.93  ? 85   THR A O   1 
ATOM   675  C  CB  . THR A 1 85  ? 10.880  -24.393 10.814  0.010 58.33  ? 85   THR A CB  1 
ATOM   676  O  OG1 . THR A 1 85  ? 11.964  -23.609 10.301  0.010 58.33  ? 85   THR A OG1 1 
ATOM   677  C  CG2 . THR A 1 85  ? 11.272  -25.867 10.803  0.010 58.32  ? 85   THR A CG2 1 
ATOM   678  N  N   . GLY A 1 86  ? 8.192   -22.238 9.423   1.00  58.57  ? 86   GLY A N   1 
ATOM   679  C  CA  . GLY A 1 86  ? 7.240   -21.169 9.755   1.00  58.47  ? 86   GLY A CA  1 
ATOM   680  C  C   . GLY A 1 86  ? 7.773   -19.770 10.044  1.00  58.38  ? 86   GLY A C   1 
ATOM   681  O  O   . GLY A 1 86  ? 6.994   -18.866 10.389  1.00  58.13  ? 86   GLY A O   1 
ATOM   682  N  N   . LYS A 1 87  ? 9.092   -19.589 9.926   1.00  58.13  ? 87   LYS A N   1 
ATOM   683  C  CA  . LYS A 1 87  ? 9.688   -18.253 9.978   1.00  57.66  ? 87   LYS A CA  1 
ATOM   684  C  C   . LYS A 1 87  ? 9.225   -17.527 8.723   1.00  57.40  ? 87   LYS A C   1 
ATOM   685  O  O   . LYS A 1 87  ? 9.108   -18.141 7.646   1.00  57.43  ? 87   LYS A O   1 
ATOM   686  C  CB  . LYS A 1 87  ? 11.222  -18.324 10.000  1.00  57.75  ? 87   LYS A CB  1 
ATOM   687  C  CG  . LYS A 1 87  ? 11.908  -17.011 10.367  0.010 57.63  ? 87   LYS A CG  1 
ATOM   688  C  CD  . LYS A 1 87  ? 13.415  -17.058 10.121  0.010 57.59  ? 87   LYS A CD  1 
ATOM   689  C  CE  . LYS A 1 87  ? 14.184  -17.593 11.327  0.010 57.54  ? 87   LYS A CE  1 
ATOM   690  N  NZ  . LYS A 1 87  ? 14.049  -19.067 11.498  0.010 57.51  ? 87   LYS A NZ  1 
ATOM   691  N  N   . THR A 1 88  ? 8.931   -16.241 8.859   1.00  56.47  ? 88   THR A N   1 
ATOM   692  C  CA  . THR A 1 88  ? 8.712   -15.418 7.677   1.00  56.01  ? 88   THR A CA  1 
ATOM   693  C  C   . THR A 1 88  ? 9.801   -14.362 7.462   1.00  55.69  ? 88   THR A C   1 
ATOM   694  O  O   . THR A 1 88  ? 10.128  -13.569 8.352   1.00  55.74  ? 88   THR A O   1 
ATOM   695  C  CB  . THR A 1 88  ? 7.295   -14.810 7.607   1.00  55.87  ? 88   THR A CB  1 
ATOM   696  O  OG1 . THR A 1 88  ? 6.331   -15.872 7.632   1.00  56.18  ? 88   THR A OG1 1 
ATOM   697  C  CG2 . THR A 1 88  ? 7.115   -14.039 6.314   1.00  55.23  ? 88   THR A CG2 1 
ATOM   698  N  N   . ILE A 1 89  ? 10.354  -14.407 6.254   1.00  54.79  ? 89   ILE A N   1 
ATOM   699  C  CA  . ILE A 1 89  ? 11.334  -13.474 5.759   1.00  53.85  ? 89   ILE A CA  1 
ATOM   700  C  C   . ILE A 1 89  ? 10.538  -12.430 5.012   1.00  53.44  ? 89   ILE A C   1 
ATOM   701  O  O   . ILE A 1 89  ? 9.601   -12.754 4.278   1.00  53.95  ? 89   ILE A O   1 
ATOM   702  C  CB  . ILE A 1 89  ? 12.263  -14.195 4.769   1.00  53.93  ? 89   ILE A CB  1 
ATOM   703  C  CG1 . ILE A 1 89  ? 12.797  -15.490 5.410   1.00  55.20  ? 89   ILE A CG1 1 
ATOM   704  C  CG2 . ILE A 1 89  ? 13.402  -13.313 4.322   1.00  53.49  ? 89   ILE A CG2 1 
ATOM   705  C  CD1 . ILE A 1 89  ? 13.228  -16.577 4.416   1.00  55.45  ? 89   ILE A CD1 1 
ATOM   706  N  N   . THR A 1 90  ? 10.880  -11.167 5.205   1.00  52.58  ? 90   THR A N   1 
ATOM   707  C  CA  . THR A 1 90  ? 10.296  -10.099 4.395   1.00  51.12  ? 90   THR A CA  1 
ATOM   708  C  C   . THR A 1 90  ? 11.314  -9.619  3.367   1.00  49.64  ? 90   THR A C   1 
ATOM   709  O  O   . THR A 1 90  ? 12.471  -9.417  3.705   1.00  49.90  ? 90   THR A O   1 
ATOM   710  C  CB  . THR A 1 90  ? 9.844   -8.964  5.268   1.00  51.08  ? 90   THR A CB  1 
ATOM   711  O  OG1 . THR A 1 90  ? 8.684   -9.392  5.989   1.00  53.23  ? 90   THR A OG1 1 
ATOM   712  C  CG2 . THR A 1 90  ? 9.480   -7.773  4.431   1.00  51.78  ? 90   THR A CG2 1 
ATOM   713  N  N   . LEU A 1 91  ? 10.918  -9.476  2.111   1.00  47.74  ? 91   LEU A N   1 
ATOM   714  C  CA  . LEU A 1 91  ? 11.896  -9.011  1.116   1.00  46.28  ? 91   LEU A CA  1 
ATOM   715  C  C   . LEU A 1 91  ? 11.448  -7.778  0.400   1.00  44.87  ? 91   LEU A C   1 
ATOM   716  O  O   . LEU A 1 91  ? 10.281  -7.610  0.051   1.00  44.50  ? 91   LEU A O   1 
ATOM   717  C  CB  . LEU A 1 91  ? 12.274  -10.084 0.090   1.00  46.09  ? 91   LEU A CB  1 
ATOM   718  C  CG  . LEU A 1 91  ? 12.857  -11.428 0.508   1.00  46.76  ? 91   LEU A CG  1 
ATOM   719  C  CD1 . LEU A 1 91  ? 12.896  -12.332 -0.704  1.00  44.71  ? 91   LEU A CD1 1 
ATOM   720  C  CD2 . LEU A 1 91  ? 14.267  -11.302 1.108   1.00  46.02  ? 91   LEU A CD2 1 
ATOM   721  N  N   . GLU A 1 92  ? 12.431  -6.922  0.202   1.00  44.17  ? 92   GLU A N   1 
ATOM   722  C  CA  . GLU A 1 92  ? 12.319  -5.752  -0.627  1.00  44.16  ? 92   GLU A CA  1 
ATOM   723  C  C   . GLU A 1 92  ? 12.654  -6.115  -2.080  1.00  42.36  ? 92   GLU A C   1 
ATOM   724  O  O   . GLU A 1 92  ? 13.748  -6.587  -2.380  1.00  42.22  ? 92   GLU A O   1 
ATOM   725  C  CB  . GLU A 1 92  ? 13.264  -4.679  -0.079  1.00  44.99  ? 92   GLU A CB  1 
ATOM   726  C  CG  . GLU A 1 92  ? 12.615  -3.843  1.020   1.00  48.62  ? 92   GLU A CG  1 
ATOM   727  C  CD  . GLU A 1 92  ? 11.435  -2.975  0.504   1.00  55.64  ? 92   GLU A CD  1 
ATOM   728  O  OE1 . GLU A 1 92  ? 10.523  -2.740  1.342   1.00  57.34  ? 92   GLU A OE1 1 
ATOM   729  O  OE2 . GLU A 1 92  ? 11.405  -2.550  -0.709  1.00  55.70  ? 92   GLU A OE2 1 
ATOM   730  N  N   . VAL A 1 93  ? 11.690  -5.936  -2.969  1.00  40.60  ? 93   VAL A N   1 
ATOM   731  C  CA  . VAL A 1 93  ? 11.839  -6.397  -4.342  1.00  39.33  ? 93   VAL A CA  1 
ATOM   732  C  C   . VAL A 1 93  ? 11.286  -5.322  -5.269  1.00  39.54  ? 93   VAL A C   1 
ATOM   733  O  O   . VAL A 1 93  ? 10.810  -4.292  -4.785  1.00  40.28  ? 93   VAL A O   1 
ATOM   734  C  CB  . VAL A 1 93  ? 11.082  -7.722  -4.578  1.00  39.17  ? 93   VAL A CB  1 
ATOM   735  C  CG1 . VAL A 1 93  ? 11.682  -8.868  -3.759  1.00  36.98  ? 93   VAL A CG1 1 
ATOM   736  C  CG2 . VAL A 1 93  ? 9.611   -7.559  -4.289  1.00  38.62  ? 93   VAL A CG2 1 
ATOM   737  N  N   . GLU A 1 94  ? 11.329  -5.578  -6.577  1.00  37.93  ? 94   GLU A N   1 
ATOM   738  C  CA  . GLU A 1 94  ? 10.706  -4.740  -7.591  1.00  37.73  ? 94   GLU A CA  1 
ATOM   739  C  C   . GLU A 1 94  ? 9.921   -5.666  -8.535  1.00  38.12  ? 94   GLU A C   1 
ATOM   740  O  O   . GLU A 1 94  ? 10.261  -6.835  -8.623  1.00  37.91  ? 94   GLU A O   1 
ATOM   741  C  CB  . GLU A 1 94  ? 11.797  -4.026  -8.370  1.00  37.30  ? 94   GLU A CB  1 
ATOM   742  C  CG  . GLU A 1 94  ? 12.685  -3.149  -7.482  1.00  37.84  ? 94   GLU A CG  1 
ATOM   743  C  CD  . GLU A 1 94  ? 13.445  -2.130  -8.311  1.00  38.51  ? 94   GLU A CD  1 
ATOM   744  O  OE1 . GLU A 1 94  ? 14.480  -2.516  -8.924  1.00  34.10  ? 94   GLU A OE1 1 
ATOM   745  O  OE2 . GLU A 1 94  ? 12.992  -0.962  -8.376  1.00  41.18  ? 94   GLU A OE2 1 
ATOM   746  N  N   . PRO A 1 95  ? 8.880   -5.161  -9.240  1.00  37.74  ? 95   PRO A N   1 
ATOM   747  C  CA  . PRO A 1 95  ? 8.133   -5.986  -10.191 1.00  38.05  ? 95   PRO A CA  1 
ATOM   748  C  C   . PRO A 1 95  ? 9.004   -6.696  -11.239 1.00  38.77  ? 95   PRO A C   1 
ATOM   749  O  O   . PRO A 1 95  ? 8.718   -7.837  -11.575 1.00  38.86  ? 95   PRO A O   1 
ATOM   750  C  CB  . PRO A 1 95  ? 7.246   -4.978  -10.887 1.00  38.17  ? 95   PRO A CB  1 
ATOM   751  C  CG  . PRO A 1 95  ? 6.981   -3.960  -9.801  1.00  37.40  ? 95   PRO A CG  1 
ATOM   752  C  CD  . PRO A 1 95  ? 8.271   -3.831  -9.088  1.00  37.63  ? 95   PRO A CD  1 
ATOM   753  N  N   . SER A 1 96  ? 10.070  -6.049  -11.713 1.00  38.98  ? 96   SER A N   1 
ATOM   754  C  CA  . SER A 1 96  ? 10.960  -6.640  -12.707 1.00  39.55  ? 96   SER A CA  1 
ATOM   755  C  C   . SER A 1 96  ? 11.951  -7.659  -12.179 1.00  39.10  ? 96   SER A C   1 
ATOM   756  O  O   . SER A 1 96  ? 12.672  -8.249  -12.971 1.00  40.35  ? 96   SER A O   1 
ATOM   757  C  CB  . SER A 1 96  ? 11.770  -5.541  -13.427 1.00  40.41  ? 96   SER A CB  1 
ATOM   758  O  OG  . SER A 1 96  ? 12.957  -5.217  -12.685 1.00  41.50  ? 96   SER A OG  1 
ATOM   759  N  N   . ASP A 1 97  ? 12.047  -7.859  -10.866 1.00  38.97  ? 97   ASP A N   1 
ATOM   760  C  CA  . ASP A 1 97  ? 13.025  -8.825  -10.347 1.00  37.65  ? 97   ASP A CA  1 
ATOM   761  C  C   . ASP A 1 97  ? 12.741  -10.237 -10.843 1.00  37.99  ? 97   ASP A C   1 
ATOM   762  O  O   . ASP A 1 97  ? 11.605  -10.665 -10.856 1.00  38.22  ? 97   ASP A O   1 
ATOM   763  C  CB  . ASP A 1 97  ? 12.999  -8.870  -8.826  1.00  37.07  ? 97   ASP A CB  1 
ATOM   764  C  CG  . ASP A 1 97  ? 13.891  -7.849  -8.182  1.00  36.03  ? 97   ASP A CG  1 
ATOM   765  O  OD1 . ASP A 1 97  ? 14.966  -7.488  -8.729  1.00  33.57  ? 97   ASP A OD1 1 
ATOM   766  O  OD2 . ASP A 1 97  ? 13.521  -7.395  -7.096  1.00  35.36  ? 97   ASP A OD2 1 
ATOM   767  N  N   . THR A 1 98  ? 13.797  -10.962 -11.198 1.00  38.41  ? 98   THR A N   1 
ATOM   768  C  CA  . THR A 1 98  ? 13.714  -12.322 -11.651 1.00  37.91  ? 98   THR A CA  1 
ATOM   769  C  C   . THR A 1 98  ? 13.732  -13.175 -10.414 1.00  38.19  ? 98   THR A C   1 
ATOM   770  O  O   . THR A 1 98  ? 14.093  -12.711 -9.333  1.00  39.19  ? 98   THR A O   1 
ATOM   771  C  CB  . THR A 1 98  ? 14.931  -12.691 -12.510 1.00  38.29  ? 98   THR A CB  1 
ATOM   772  O  OG1 . THR A 1 98  ? 16.127  -12.539 -11.744 1.00  38.08  ? 98   THR A OG1 1 
ATOM   773  C  CG2 . THR A 1 98  ? 15.005  -11.813 -13.779 1.00  36.61  ? 98   THR A CG2 1 
ATOM   774  N  N   . ILE A 1 99  ? 13.362  -14.430 -10.558 1.00  37.42  ? 99   ILE A N   1 
ATOM   775  C  CA  . ILE A 1 99  ? 13.381  -15.349 -9.442  1.00  36.76  ? 99   ILE A CA  1 
ATOM   776  C  C   . ILE A 1 99  ? 14.810  -15.618 -9.004  1.00  37.53  ? 99   ILE A C   1 
ATOM   777  O  O   . ILE A 1 99  ? 15.075  -15.874 -7.833  1.00  38.49  ? 99   ILE A O   1 
ATOM   778  C  CB  . ILE A 1 99  ? 12.701  -16.664 -9.836  1.00  37.05  ? 99   ILE A CB  1 
ATOM   779  C  CG1 . ILE A 1 99  ? 11.294  -16.350 -10.363 1.00  36.97  ? 99   ILE A CG1 1 
ATOM   780  C  CG2 . ILE A 1 99  ? 12.735  -17.694 -8.689  1.00  33.17  ? 99   ILE A CG2 1 
ATOM   781  C  CD1 . ILE A 1 99  ? 10.372  -15.801 -9.321  1.00  37.26  ? 99   ILE A CD1 1 
ATOM   782  N  N   . GLU A 1 100 ? 15.726  -15.546 -9.957  1.00  37.91  ? 100  GLU A N   1 
ATOM   783  C  CA  . GLU A 1 100 ? 17.143  -15.583 -9.690  1.00  38.19  ? 100  GLU A CA  1 
ATOM   784  C  C   . GLU A 1 100 ? 17.504  -14.490 -8.693  1.00  37.52  ? 100  GLU A C   1 
ATOM   785  O  O   . GLU A 1 100 ? 18.176  -14.747 -7.713  1.00  37.62  ? 100  GLU A O   1 
ATOM   786  C  CB  . GLU A 1 100 ? 17.899  -15.368 -10.982 1.00  38.47  ? 100  GLU A CB  1 
ATOM   787  C  CG  . GLU A 1 100 ? 19.167  -16.114 -10.959 1.00  43.28  ? 100  GLU A CG  1 
ATOM   788  C  CD  . GLU A 1 100 ? 19.867  -16.086 -12.282 1.00  51.07  ? 100  GLU A CD  1 
ATOM   789  O  OE1 . GLU A 1 100 ? 19.188  -15.982 -13.334 1.00  54.20  ? 100  GLU A OE1 1 
ATOM   790  O  OE2 . GLU A 1 100 ? 21.112  -16.173 -12.269 1.00  54.03  ? 100  GLU A OE2 1 
ATOM   791  N  N   . ASN A 1 101 ? 17.018  -13.280 -8.937  1.00  36.94  ? 101  ASN A N   1 
ATOM   792  C  CA  . ASN A 1 101 ? 17.279  -12.178 -8.031  1.00  36.18  ? 101  ASN A CA  1 
ATOM   793  C  C   . ASN A 1 101 ? 16.756  -12.499 -6.649  1.00  37.22  ? 101  ASN A C   1 
ATOM   794  O  O   . ASN A 1 101 ? 17.485  -12.384 -5.654  1.00  37.17  ? 101  ASN A O   1 
ATOM   795  C  CB  . ASN A 1 101 ? 16.622  -10.920 -8.529  1.00  34.82  ? 101  ASN A CB  1 
ATOM   796  C  CG  . ASN A 1 101 ? 17.391  -10.258 -9.640  1.00  32.93  ? 101  ASN A CG  1 
ATOM   797  O  OD1 . ASN A 1 101 ? 16.996  -9.214  -10.105 1.00  33.27  ? 101  ASN A OD1 1 
ATOM   798  N  ND2 . ASN A 1 101 ? 18.478  -10.853 -10.072 1.00  30.82  ? 101  ASN A ND2 1 
ATOM   799  N  N   . VAL A 1 102 ? 15.505  -12.961 -6.591  1.00  37.64  ? 102  VAL A N   1 
ATOM   800  C  CA  . VAL A 1 102 ? 14.886  -13.269 -5.313  1.00  38.09  ? 102  VAL A CA  1 
ATOM   801  C  C   . VAL A 1 102 ? 15.683  -14.335 -4.503  1.00  38.70  ? 102  VAL A C   1 
ATOM   802  O  O   . VAL A 1 102 ? 15.822  -14.214 -3.281  1.00  38.58  ? 102  VAL A O   1 
ATOM   803  C  CB  . VAL A 1 102 ? 13.406  -13.683 -5.511  1.00  38.69  ? 102  VAL A CB  1 
ATOM   804  C  CG1 . VAL A 1 102 ? 12.838  -14.282 -4.229  1.00  38.75  ? 102  VAL A CG1 1 
ATOM   805  C  CG2 . VAL A 1 102 ? 12.581  -12.493 -5.971  1.00  38.32  ? 102  VAL A CG2 1 
ATOM   806  N  N   . LYS A 1 103 ? 16.218  -15.344 -5.192  1.00  38.26  ? 103  LYS A N   1 
ATOM   807  C  CA  . LYS A 1 103 ? 17.058  -16.359 -4.563  1.00  39.46  ? 103  LYS A CA  1 
ATOM   808  C  C   . LYS A 1 103 ? 18.341  -15.778 -4.020  1.00  39.20  ? 103  LYS A C   1 
ATOM   809  O  O   . LYS A 1 103 ? 18.714  -16.077 -2.898  1.00  39.64  ? 103  LYS A O   1 
ATOM   810  C  CB  . LYS A 1 103 ? 17.376  -17.462 -5.549  1.00  39.36  ? 103  LYS A CB  1 
ATOM   811  C  CG  . LYS A 1 103 ? 16.182  -18.277 -5.854  1.00  40.44  ? 103  LYS A CG  1 
ATOM   812  C  CD  . LYS A 1 103 ? 16.511  -19.369 -6.834  1.00  41.06  ? 103  LYS A CD  1 
ATOM   813  C  CE  . LYS A 1 103 ? 15.445  -20.397 -6.715  1.00  45.07  ? 103  LYS A CE  1 
ATOM   814  N  NZ  . LYS A 1 103 ? 15.621  -21.508 -7.678  1.00  50.15  ? 103  LYS A NZ  1 
ATOM   815  N  N   . ALA A 1 104 ? 18.993  -14.923 -4.799  1.00  39.02  ? 104  ALA A N   1 
ATOM   816  C  CA  . ALA A 1 104 ? 20.120  -14.142 -4.286  1.00  39.20  ? 104  ALA A CA  1 
ATOM   817  C  C   . ALA A 1 104 ? 19.756  -13.336 -3.019  1.00  39.31  ? 104  ALA A C   1 
ATOM   818  O  O   . ALA A 1 104 ? 20.601  -13.164 -2.137  1.00  39.36  ? 104  ALA A O   1 
ATOM   819  C  CB  . ALA A 1 104 ? 20.650  -13.215 -5.364  1.00  38.72  ? 104  ALA A CB  1 
ATOM   820  N  N   . LYS A 1 105 ? 18.531  -12.811 -2.929  1.00  39.55  ? 105  LYS A N   1 
ATOM   821  C  CA  . LYS A 1 105 ? 18.132  -12.084 -1.729  1.00  40.31  ? 105  LYS A CA  1 
ATOM   822  C  C   . LYS A 1 105 ? 17.932  -13.030 -0.558  1.00  41.42  ? 105  LYS A C   1 
ATOM   823  O  O   . LYS A 1 105 ? 18.166  -12.646 0.597   1.00  42.13  ? 105  LYS A O   1 
ATOM   824  C  CB  . LYS A 1 105 ? 16.865  -11.291 -1.954  1.00  40.47  ? 105  LYS A CB  1 
ATOM   825  C  CG  . LYS A 1 105 ? 17.065  -10.062 -2.825  1.00  41.62  ? 105  LYS A CG  1 
ATOM   826  C  CD  . LYS A 1 105 ? 15.785  -9.252  -2.921  1.00  41.99  ? 105  LYS A CD  1 
ATOM   827  C  CE  . LYS A 1 105 ? 15.504  -8.853  -4.337  1.00  42.70  ? 105  LYS A CE  1 
ATOM   828  N  NZ  . LYS A 1 105 ? 16.235  -7.584  -4.639  1.00  44.99  ? 105  LYS A NZ  1 
ATOM   829  N  N   . ILE A 1 106 ? 17.530  -14.269 -0.847  1.00  42.01  ? 106  ILE A N   1 
ATOM   830  C  CA  . ILE A 1 106 ? 17.328  -15.279 0.204   1.00  42.51  ? 106  ILE A CA  1 
ATOM   831  C  C   . ILE A 1 106 ? 18.664  -15.773 0.737   1.00  44.00  ? 106  ILE A C   1 
ATOM   832  O  O   . ILE A 1 106 ? 18.837  -15.916 1.948   1.00  44.31  ? 106  ILE A O   1 
ATOM   833  C  CB  . ILE A 1 106 ? 16.407  -16.433 -0.254  1.00  41.93  ? 106  ILE A CB  1 
ATOM   834  C  CG1 . ILE A 1 106 ? 14.999  -15.882 -0.488  1.00  41.05  ? 106  ILE A CG1 1 
ATOM   835  C  CG2 . ILE A 1 106 ? 16.362  -17.547 0.779   1.00  40.20  ? 106  ILE A CG2 1 
ATOM   836  C  CD1 . ILE A 1 106 ? 14.087  -16.817 -1.187  1.00  43.99  ? 106  ILE A CD1 1 
ATOM   837  N  N   . GLN A 1 107 ? 19.617  -15.989 -0.161  1.00  45.46  ? 107  GLN A N   1 
ATOM   838  C  CA  . GLN A 1 107 ? 20.976  -16.295 0.233   1.00  47.13  ? 107  GLN A CA  1 
ATOM   839  C  C   . GLN A 1 107 ? 21.557  -15.185 1.119   1.00  47.99  ? 107  GLN A C   1 
ATOM   840  O  O   . GLN A 1 107 ? 22.290  -15.467 2.068   1.00  48.60  ? 107  GLN A O   1 
ATOM   841  C  CB  . GLN A 1 107 ? 21.855  -16.526 -0.997  1.00  47.29  ? 107  GLN A CB  1 
ATOM   842  C  CG  . GLN A 1 107 ? 23.268  -16.994 -0.666  1.00  49.39  ? 107  GLN A CG  1 
ATOM   843  C  CD  . GLN A 1 107 ? 24.155  -17.135 -1.883  1.00  52.53  ? 107  GLN A CD  1 
ATOM   844  O  OE1 . GLN A 1 107 ? 24.021  -16.391 -2.865  1.00  54.69  ? 107  GLN A OE1 1 
ATOM   845  N  NE2 . GLN A 1 107 ? 25.079  -18.095 -1.826  1.00  53.23  ? 107  GLN A NE2 1 
ATOM   846  N  N   . ASP A 1 108 ? 21.226  -13.933 0.801   1.00  48.89  ? 108  ASP A N   1 
ATOM   847  C  CA  . ASP A 1 108 ? 21.720  -12.786 1.549   1.00  49.51  ? 108  ASP A CA  1 
ATOM   848  C  C   . ASP A 1 108 ? 21.215  -12.872 2.983   1.00  49.95  ? 108  ASP A C   1 
ATOM   849  O  O   . ASP A 1 108 ? 22.008  -12.784 3.911   1.00  50.41  ? 108  ASP A O   1 
ATOM   850  C  CB  . ASP A 1 108 ? 21.328  -11.451 0.885   1.00  49.51  ? 108  ASP A CB  1 
ATOM   851  C  CG  . ASP A 1 108 ? 21.757  -11.367 -0.571  0.010 49.50  ? 108  ASP A CG  1 
ATOM   852  O  OD1 . ASP A 1 108 ? 22.686  -12.099 -0.983  0.010 49.47  ? 108  ASP A OD1 1 
ATOM   853  O  OD2 . ASP A 1 108 ? 21.161  -10.554 -1.311  0.010 49.49  ? 108  ASP A OD2 1 
ATOM   854  N  N   . LYS A 1 109 ? 19.912  -13.093 3.166   1.00  50.49  ? 109  LYS A N   1 
ATOM   855  C  CA  . LYS A 1 109 ? 19.314  -13.149 4.518   1.00  50.69  ? 109  LYS A CA  1 
ATOM   856  C  C   . LYS A 1 109 ? 19.598  -14.429 5.309   1.00  50.04  ? 109  LYS A C   1 
ATOM   857  O  O   . LYS A 1 109 ? 19.897  -14.374 6.497   1.00  50.20  ? 109  LYS A O   1 
ATOM   858  C  CB  . LYS A 1 109 ? 17.799  -12.906 4.472   1.00  51.10  ? 109  LYS A CB  1 
ATOM   859  C  CG  . LYS A 1 109 ? 17.411  -11.447 4.290   1.00  53.29  ? 109  LYS A CG  1 
ATOM   860  C  CD  . LYS A 1 109 ? 16.377  -10.995 5.319   1.00  56.51  ? 109  LYS A CD  1 
ATOM   861  C  CE  . LYS A 1 109 ? 16.359  -9.468  5.438   1.00  57.25  ? 109  LYS A CE  1 
ATOM   862  N  NZ  . LYS A 1 109 ? 16.135  -8.851  4.097   1.00  58.07  ? 109  LYS A NZ  1 
ATOM   863  N  N   . GLU A 1 110 ? 19.504  -15.573 4.643   1.00  49.79  ? 110  GLU A N   1 
ATOM   864  C  CA  . GLU A 1 110 ? 19.556  -16.857 5.328   1.00  49.49  ? 110  GLU A CA  1 
ATOM   865  C  C   . GLU A 1 110 ? 20.760  -17.684 4.934   1.00  48.57  ? 110  GLU A C   1 
ATOM   866  O  O   . GLU A 1 110 ? 21.071  -18.668 5.581   1.00  48.60  ? 110  GLU A O   1 
ATOM   867  C  CB  . GLU A 1 110 ? 18.274  -17.653 5.093   1.00  49.83  ? 110  GLU A CB  1 
ATOM   868  C  CG  . GLU A 1 110 ? 16.986  -16.883 5.334   1.00  52.23  ? 110  GLU A CG  1 
ATOM   869  C  CD  . GLU A 1 110 ? 16.781  -16.455 6.787   1.00  55.81  ? 110  GLU A CD  1 
ATOM   870  O  OE1 . GLU A 1 110 ? 17.127  -17.232 7.709   1.00  57.96  ? 110  GLU A OE1 1 
ATOM   871  O  OE2 . GLU A 1 110 ? 16.241  -15.344 7.012   1.00  57.25  ? 110  GLU A OE2 1 
ATOM   872  N  N   . GLY A 1 111 ? 21.447  -17.297 3.875   1.00  48.04  ? 111  GLY A N   1 
ATOM   873  C  CA  . GLY A 1 111 ? 22.685  -17.981 3.532   1.00  47.33  ? 111  GLY A CA  1 
ATOM   874  C  C   . GLY A 1 111 ? 22.516  -19.305 2.821   1.00  46.92  ? 111  GLY A C   1 
ATOM   875  O  O   . GLY A 1 111 ? 23.465  -20.082 2.740   1.00  46.45  ? 111  GLY A O   1 
ATOM   876  N  N   . ILE A 1 112 ? 21.319  -19.564 2.287   1.00  46.48  ? 112  ILE A N   1 
ATOM   877  C  CA  . ILE A 1 112 ? 21.076  -20.799 1.523   1.00  45.96  ? 112  ILE A CA  1 
ATOM   878  C  C   . ILE A 1 112 ? 21.464  -20.567 0.065   1.00  45.60  ? 112  ILE A C   1 
ATOM   879  O  O   . ILE A 1 112 ? 20.969  -19.640 -0.563  1.00  45.08  ? 112  ILE A O   1 
ATOM   880  C  CB  . ILE A 1 112 ? 19.590  -21.206 1.543   1.00  46.10  ? 112  ILE A CB  1 
ATOM   881  C  CG1 . ILE A 1 112 ? 19.078  -21.349 2.978   1.00  46.45  ? 112  ILE A CG1 1 
ATOM   882  C  CG2 . ILE A 1 112 ? 19.362  -22.482 0.716   1.00  45.69  ? 112  ILE A CG2 1 
ATOM   883  C  CD1 . ILE A 1 112 ? 17.630  -20.797 3.163   1.00  47.65  ? 112  ILE A CD1 1 
ATOM   884  N  N   . PRO A 1 113 ? 22.341  -21.414 -0.484  1.00  45.34  ? 113  PRO A N   1 
ATOM   885  C  CA  . PRO A 1 113 ? 22.664  -21.278 -1.896  1.00  45.42  ? 113  PRO A CA  1 
ATOM   886  C  C   . PRO A 1 113 ? 21.410  -21.287 -2.780  1.00  45.81  ? 113  PRO A C   1 
ATOM   887  O  O   . PRO A 1 113 ? 20.448  -22.004 -2.477  1.00  45.43  ? 113  PRO A O   1 
ATOM   888  C  CB  . PRO A 1 113 ? 23.505  -22.519 -2.173  1.00  45.08  ? 113  PRO A CB  1 
ATOM   889  C  CG  . PRO A 1 113 ? 24.205  -22.754 -0.865  1.00  45.31  ? 113  PRO A CG  1 
ATOM   890  C  CD  . PRO A 1 113 ? 23.215  -22.388 0.194   1.00  45.45  ? 113  PRO A CD  1 
ATOM   891  N  N   . PRO A 1 114 ? 21.420  -20.478 -3.855  1.00  46.16  ? 114  PRO A N   1 
ATOM   892  C  CA  . PRO A 1 114 ? 20.282  -20.382 -4.762  1.00  46.78  ? 114  PRO A CA  1 
ATOM   893  C  C   . PRO A 1 114 ? 19.860  -21.743 -5.324  1.00  47.46  ? 114  PRO A C   1 
ATOM   894  O  O   . PRO A 1 114 ? 18.670  -21.997 -5.482  1.00  47.98  ? 114  PRO A O   1 
ATOM   895  C  CB  . PRO A 1 114 ? 20.809  -19.475 -5.868  1.00  46.58  ? 114  PRO A CB  1 
ATOM   896  C  CG  . PRO A 1 114 ? 21.803  -18.620 -5.182  1.00  45.86  ? 114  PRO A CG  1 
ATOM   897  C  CD  . PRO A 1 114 ? 22.447  -19.467 -4.163  1.00  45.89  ? 114  PRO A CD  1 
ATOM   898  N  N   . ASP A 1 115 ? 20.816  -22.628 -5.581  1.00  48.18  ? 115  ASP A N   1 
ATOM   899  C  CA  . ASP A 1 115 ? 20.512  -23.922 -6.231  1.00  48.42  ? 115  ASP A CA  1 
ATOM   900  C  C   . ASP A 1 115 ? 19.863  -24.943 -5.338  1.00  47.08  ? 115  ASP A C   1 
ATOM   901  O  O   . ASP A 1 115 ? 19.530  -26.043 -5.777  1.00  46.28  ? 115  ASP A O   1 
ATOM   902  C  CB  . ASP A 1 115 ? 21.775  -24.536 -6.831  1.00  49.92  ? 115  ASP A CB  1 
ATOM   903  C  CG  . ASP A 1 115 ? 22.301  -23.727 -8.003  1.00  53.84  ? 115  ASP A CG  1 
ATOM   904  O  OD1 . ASP A 1 115 ? 21.465  -23.084 -8.711  1.00  56.48  ? 115  ASP A OD1 1 
ATOM   905  O  OD2 . ASP A 1 115 ? 23.545  -23.727 -8.196  1.00  57.56  ? 115  ASP A OD2 1 
ATOM   906  N  N   . GLN A 1 116 ? 19.703  -24.564 -4.083  1.00  45.76  ? 116  GLN A N   1 
ATOM   907  C  CA  . GLN A 1 116 ? 19.050  -25.403 -3.129  1.00  44.59  ? 116  GLN A CA  1 
ATOM   908  C  C   . GLN A 1 116 ? 17.682  -24.857 -2.834  1.00  43.87  ? 116  GLN A C   1 
ATOM   909  O  O   . GLN A 1 116 ? 16.945  -25.413 -2.018  1.00  43.29  ? 116  GLN A O   1 
ATOM   910  C  CB  . GLN A 1 116 ? 19.867  -25.417 -1.860  1.00  44.91  ? 116  GLN A CB  1 
ATOM   911  C  CG  . GLN A 1 116 ? 21.119  -26.244 -2.004  1.00  46.11  ? 116  GLN A CG  1 
ATOM   912  C  CD  . GLN A 1 116 ? 21.977  -26.200 -0.760  1.00  47.32  ? 116  GLN A CD  1 
ATOM   913  O  OE1 . GLN A 1 116 ? 21.567  -25.697 0.288   1.00  47.37  ? 116  GLN A OE1 1 
ATOM   914  N  NE2 . GLN A 1 116 ? 23.182  -26.725 -0.873  1.00  48.18  ? 116  GLN A NE2 1 
ATOM   915  N  N   . GLN A 1 117 ? 17.355  -23.743 -3.476  1.00  43.02  ? 117  GLN A N   1 
ATOM   916  C  CA  . GLN A 1 117 ? 16.086  -23.080 -3.216  1.00  42.44  ? 117  GLN A CA  1 
ATOM   917  C  C   . GLN A 1 117 ? 15.024  -23.449 -4.240  1.00  42.11  ? 117  GLN A C   1 
ATOM   918  O  O   . GLN A 1 117 ? 15.260  -23.413 -5.442  1.00  42.18  ? 117  GLN A O   1 
ATOM   919  C  CB  . GLN A 1 117 ? 16.277  -21.586 -3.265  1.00  41.86  ? 117  GLN A CB  1 
ATOM   920  C  CG  . GLN A 1 117 ? 17.340  -21.059 -2.375  1.00  42.37  ? 117  GLN A CG  1 
ATOM   921  C  CD  . GLN A 1 117 ? 17.223  -19.573 -2.274  1.00  41.18  ? 117  GLN A CD  1 
ATOM   922  O  OE1 . GLN A 1 117 ? 16.158  -19.023 -2.531  1.00  42.70  ? 117  GLN A OE1 1 
ATOM   923  N  NE2 . GLN A 1 117 ? 18.303  -18.905 -1.901  1.00  40.39  ? 117  GLN A NE2 1 
ATOM   924  N  N   . ARG A 1 118 ? 13.843  -23.793 -3.771  1.00  42.03  ? 118  ARG A N   1 
ATOM   925  C  CA  . ARG A 1 118 ? 12.720  -23.908 -4.659  1.00  42.33  ? 118  ARG A CA  1 
ATOM   926  C  C   . ARG A 1 118 ? 11.702  -22.936 -4.117  1.00  41.91  ? 118  ARG A C   1 
ATOM   927  O  O   . ARG A 1 118 ? 11.435  -22.913 -2.920  1.00  41.23  ? 118  ARG A O   1 
ATOM   928  C  CB  . ARG A 1 118 ? 12.167  -25.350 -4.682  1.00  43.15  ? 118  ARG A CB  1 
ATOM   929  C  CG  . ARG A 1 118 ? 13.218  -26.446 -5.007  1.00  44.78  ? 118  ARG A CG  1 
ATOM   930  C  CD  . ARG A 1 118 ? 13.743  -26.391 -6.453  1.00  47.14  ? 118  ARG A CD  1 
ATOM   931  N  NE  . ARG A 1 118 ? 14.657  -27.505 -6.717  1.00  49.58  ? 118  ARG A NE  1 
ATOM   932  C  CZ  . ARG A 1 118 ? 15.908  -27.373 -7.146  1.00  50.73  ? 118  ARG A CZ  1 
ATOM   933  N  NH1 . ARG A 1 118 ? 16.412  -26.166 -7.405  1.00  50.04  ? 118  ARG A NH1 1 
ATOM   934  N  NH2 . ARG A 1 118 ? 16.652  -28.453 -7.331  1.00  50.98  ? 118  ARG A NH2 1 
ATOM   935  N  N   . LEU A 1 119 ? 11.155  -22.113 -4.997  1.00  41.79  ? 119  LEU A N   1 
ATOM   936  C  CA  . LEU A 1 119 ? 10.169  -21.153 -4.583  1.00  41.78  ? 119  LEU A CA  1 
ATOM   937  C  C   . LEU A 1 119 ? 8.858   -21.466 -5.236  1.00  42.00  ? 119  LEU A C   1 
ATOM   938  O  O   . LEU A 1 119 ? 8.820   -21.697 -6.455  1.00  42.30  ? 119  LEU A O   1 
ATOM   939  C  CB  . LEU A 1 119 ? 10.607  -19.751 -4.968  1.00  41.44  ? 119  LEU A CB  1 
ATOM   940  C  CG  . LEU A 1 119 ? 11.811  -19.206 -4.215  1.00  42.09  ? 119  LEU A CG  1 
ATOM   941  C  CD1 . LEU A 1 119 ? 12.361  -17.967 -4.942  1.00  43.26  ? 119  LEU A CD1 1 
ATOM   942  C  CD2 . LEU A 1 119 ? 11.460  -18.880 -2.778  1.00  40.96  ? 119  LEU A CD2 1 
ATOM   943  N  N   . ILE A 1 120 ? 7.790   -21.452 -4.429  1.00  41.90  ? 120  ILE A N   1 
ATOM   944  C  CA  . ILE A 1 120 ? 6.433   -21.766 -4.891  1.00  41.90  ? 120  ILE A CA  1 
ATOM   945  C  C   . ILE A 1 120 ? 5.469   -20.582 -4.703  1.00  41.54  ? 120  ILE A C   1 
ATOM   946  O  O   . ILE A 1 120 ? 5.484   -19.929 -3.666  1.00  42.15  ? 120  ILE A O   1 
ATOM   947  C  CB  . ILE A 1 120 ? 5.869   -22.999 -4.165  1.00  41.97  ? 120  ILE A CB  1 
ATOM   948  C  CG1 . ILE A 1 120 ? 6.411   -24.281 -4.784  1.00  43.38  ? 120  ILE A CG1 1 
ATOM   949  C  CG2 . ILE A 1 120 ? 4.369   -23.067 -4.287  1.00  41.57  ? 120  ILE A CG2 1 
ATOM   950  C  CD1 . ILE A 1 120 ? 7.699   -24.750 -4.213  1.00  43.51  ? 120  ILE A CD1 1 
ATOM   951  N  N   . PHE A 1 121 ? 4.637   -20.308 -5.703  1.00  40.69  ? 121  PHE A N   1 
ATOM   952  C  CA  . PHE A 1 121 ? 3.609   -19.280 -5.574  1.00  39.93  ? 121  PHE A CA  1 
ATOM   953  C  C   . PHE A 1 121 ? 2.285   -19.753 -6.140  1.00  40.17  ? 121  PHE A C   1 
ATOM   954  O  O   . PHE A 1 121 ? 2.213   -20.173 -7.308  1.00  40.12  ? 121  PHE A O   1 
ATOM   955  C  CB  . PHE A 1 121 ? 4.017   -17.995 -6.282  1.00  39.73  ? 121  PHE A CB  1 
ATOM   956  C  CG  . PHE A 1 121 ? 2.978   -16.908 -6.208  1.00  38.61  ? 121  PHE A CG  1 
ATOM   957  C  CD1 . PHE A 1 121 ? 2.656   -16.316 -4.988  1.00  38.10  ? 121  PHE A CD1 1 
ATOM   958  C  CD2 . PHE A 1 121 ? 2.341   -16.463 -7.355  1.00  36.77  ? 121  PHE A CD2 1 
ATOM   959  C  CE1 . PHE A 1 121 ? 1.712   -15.306 -4.905  1.00  37.68  ? 121  PHE A CE1 1 
ATOM   960  C  CE2 . PHE A 1 121 ? 1.402   -15.448 -7.288  1.00  36.73  ? 121  PHE A CE2 1 
ATOM   961  C  CZ  . PHE A 1 121 ? 1.081   -14.871 -6.059  1.00  37.05  ? 121  PHE A CZ  1 
ATOM   962  N  N   . ALA A 1 122 ? 1.246   -19.669 -5.305  1.00  39.77  ? 122  ALA A N   1 
ATOM   963  C  CA  . ALA A 1 122 ? -0.080  -20.131 -5.657  1.00  40.65  ? 122  ALA A CA  1 
ATOM   964  C  C   . ALA A 1 122 ? 0.081   -21.564 -6.114  1.00  40.56  ? 122  ALA A C   1 
ATOM   965  O  O   . ALA A 1 122 ? -0.254  -21.903 -7.237  1.00  41.13  ? 122  ALA A O   1 
ATOM   966  C  CB  . ALA A 1 122 ? -0.677  -19.273 -6.768  1.00  40.22  ? 122  ALA A CB  1 
ATOM   967  N  N   . GLY A 1 123 ? 0.668   -22.392 -5.263  1.00  40.78  ? 123  GLY A N   1 
ATOM   968  C  CA  . GLY A 1 123 ? 0.953   -23.765 -5.651  1.00  41.09  ? 123  GLY A CA  1 
ATOM   969  C  C   . GLY A 1 123 ? 1.937   -23.958 -6.806  1.00  41.58  ? 123  GLY A C   1 
ATOM   970  O  O   . GLY A 1 123 ? 2.375   -25.075 -7.048  1.00  42.47  ? 123  GLY A O   1 
ATOM   971  N  N   . LYS A 1 124 ? 2.306   -22.895 -7.519  1.00  41.30  ? 124  LYS A N   1 
ATOM   972  C  CA  . LYS A 1 124 ? 3.125   -23.056 -8.706  1.00  41.27  ? 124  LYS A CA  1 
ATOM   973  C  C   . LYS A 1 124 ? 4.590   -22.836 -8.338  1.00  41.58  ? 124  LYS A C   1 
ATOM   974  O  O   . LYS A 1 124 ? 4.928   -21.850 -7.684  1.00  41.54  ? 124  LYS A O   1 
ATOM   975  C  CB  . LYS A 1 124 ? 2.650   -22.097 -9.809  1.00  41.47  ? 124  LYS A CB  1 
ATOM   976  C  CG  . LYS A 1 124 ? 3.392   -22.197 -11.155 1.00  42.42  ? 124  LYS A CG  1 
ATOM   977  C  CD  . LYS A 1 124 ? 2.707   -23.170 -12.112 0.010 42.14  ? 124  LYS A CD  1 
ATOM   978  C  CE  . LYS A 1 124 ? 3.042   -22.842 -13.564 0.010 42.18  ? 124  LYS A CE  1 
ATOM   979  N  NZ  . LYS A 1 124 ? 2.415   -21.561 -14.019 0.010 42.16  ? 124  LYS A NZ  1 
ATOM   980  N  N   . GLN A 1 125 ? 5.447   -23.770 -8.732  1.00  41.68  ? 125  GLN A N   1 
ATOM   981  C  CA  . GLN A 1 125 ? 6.878   -23.619 -8.554  1.00  42.44  ? 125  GLN A CA  1 
ATOM   982  C  C   . GLN A 1 125 ? 7.471   -22.664 -9.603  1.00  43.47  ? 125  GLN A C   1 
ATOM   983  O  O   . GLN A 1 125 ? 7.300   -22.851 -10.816 1.00  43.90  ? 125  GLN A O   1 
ATOM   984  C  CB  . GLN A 1 125 ? 7.576   -24.961 -8.605  1.00  41.74  ? 125  GLN A CB  1 
ATOM   985  C  CG  . GLN A 1 125 ? 9.089   -24.895 -8.465  1.00  41.22  ? 125  GLN A CG  1 
ATOM   986  C  CD  . GLN A 1 125 ? 9.717   -26.275 -8.516  1.00  40.77  ? 125  GLN A CD  1 
ATOM   987  O  OE1 . GLN A 1 125 ? 9.161   -27.237 -7.969  1.00  40.30  ? 125  GLN A OE1 1 
ATOM   988  N  NE2 . GLN A 1 125 ? 10.865  -26.392 -9.186  1.00  38.82  ? 125  GLN A NE2 1 
ATOM   989  N  N   . LEU A 1 126 ? 8.187   -21.658 -9.131  1.00  43.70  ? 126  LEU A N   1 
ATOM   990  C  CA  . LEU A 1 126 ? 8.642   -20.605 -10.013 1.00  44.84  ? 126  LEU A CA  1 
ATOM   991  C  C   . LEU A 1 126 ? 9.998   -20.922 -10.642 1.00  45.59  ? 126  LEU A C   1 
ATOM   992  O  O   . LEU A 1 126 ? 10.827  -21.561 -10.010 1.00  46.49  ? 126  LEU A O   1 
ATOM   993  C  CB  . LEU A 1 126 ? 8.688   -19.301 -9.227  1.00  44.37  ? 126  LEU A CB  1 
ATOM   994  C  CG  . LEU A 1 126 ? 7.497   -19.139 -8.284  1.00  44.78  ? 126  LEU A CG  1 
ATOM   995  C  CD1 . LEU A 1 126 ? 7.757   -18.062 -7.257  1.00  43.25  ? 126  LEU A CD1 1 
ATOM   996  C  CD2 . LEU A 1 126 ? 6.229   -18.852 -9.045  1.00  43.20  ? 126  LEU A CD2 1 
ATOM   997  N  N   . GLU A 1 127 ? 10.221  -20.457 -11.870 1.00  46.67  ? 127  GLU A N   1 
ATOM   998  C  CA  . GLU A 1 127 ? 11.461  -20.688 -12.630 1.00  47.69  ? 127  GLU A CA  1 
ATOM   999  C  C   . GLU A 1 127 ? 12.321  -19.397 -12.631 1.00  48.44  ? 127  GLU A C   1 
ATOM   1000 O  O   . GLU A 1 127 ? 11.752  -18.319 -12.865 1.00  48.49  ? 127  GLU A O   1 
ATOM   1001 C  CB  . GLU A 1 127 ? 11.082  -21.055 -14.085 1.00  47.95  ? 127  GLU A CB  1 
ATOM   1002 C  CG  . GLU A 1 127 ? 10.244  -22.349 -14.280 1.00  48.22  ? 127  GLU A CG  1 
ATOM   1003 C  CD  . GLU A 1 127 ? 11.080  -23.611 -14.417 0.010 48.10  ? 127  GLU A CD  1 
ATOM   1004 O  OE1 . GLU A 1 127 ? 12.192  -23.677 -13.849 0.010 48.08  ? 127  GLU A OE1 1 
ATOM   1005 O  OE2 . GLU A 1 127 ? 10.615  -24.550 -15.093 0.010 48.11  ? 127  GLU A OE2 1 
ATOM   1006 N  N   . ASP A 1 128 ? 13.647  -19.472 -12.385 1.00  48.66  ? 128  ASP A N   1 
ATOM   1007 C  CA  . ASP A 1 128 ? 14.523  -18.259 -12.475 1.00  49.35  ? 128  ASP A CA  1 
ATOM   1008 C  C   . ASP A 1 128 ? 14.490  -17.712 -13.879 1.00  49.00  ? 128  ASP A C   1 
ATOM   1009 O  O   . ASP A 1 128 ? 14.113  -18.412 -14.808 1.00  49.55  ? 128  ASP A O   1 
ATOM   1010 C  CB  . ASP A 1 128 ? 15.992  -18.529 -12.196 1.00  49.77  ? 128  ASP A CB  1 
ATOM   1011 C  CG  . ASP A 1 128 ? 16.220  -19.727 -11.362 1.00  51.60  ? 128  ASP A CG  1 
ATOM   1012 O  OD1 . ASP A 1 128 ? 15.297  -20.158 -10.644 1.00  55.15  ? 128  ASP A OD1 1 
ATOM   1013 O  OD2 . ASP A 1 128 ? 17.362  -20.233 -11.408 1.00  53.76  ? 128  ASP A OD2 1 
ATOM   1014 N  N   . GLY A 1 129 ? 14.907  -16.479 -14.079 1.00  48.52  ? 129  GLY A N   1 
ATOM   1015 C  CA  . GLY A 1 129 ? 14.803  -15.957 -15.438 1.00  46.80  ? 129  GLY A CA  1 
ATOM   1016 C  C   . GLY A 1 129 ? 13.434  -15.383 -15.771 1.00  46.16  ? 129  GLY A C   1 
ATOM   1017 O  O   . GLY A 1 129 ? 13.349  -14.453 -16.578 1.00  46.98  ? 129  GLY A O   1 
ATOM   1018 N  N   . ARG A 1 130 ? 12.352  -15.916 -15.187 1.00  45.04  ? 130  ARG A N   1 
ATOM   1019 C  CA  . ARG A 1 130 ? 11.032  -15.244 -15.286 1.00  43.61  ? 130  ARG A CA  1 
ATOM   1020 C  C   . ARG A 1 130 ? 10.928  -14.222 -14.117 1.00  43.04  ? 130  ARG A C   1 
ATOM   1021 O  O   . ARG A 1 130 ? 11.567  -14.392 -13.074 1.00  43.46  ? 130  ARG A O   1 
ATOM   1022 C  CB  . ARG A 1 130 ? 9.852   -16.246 -15.348 1.00  43.69  ? 130  ARG A CB  1 
ATOM   1023 C  CG  . ARG A 1 130 ? 9.632   -16.975 -16.726 1.00  42.80  ? 130  ARG A CG  1 
ATOM   1024 C  CD  . ARG A 1 130 ? 8.455   -16.423 -17.516 0.010 42.97  ? 130  ARG A CD  1 
ATOM   1025 N  NE  . ARG A 1 130 ? 7.344   -17.370 -17.580 0.010 42.91  ? 130  ARG A NE  1 
ATOM   1026 C  CZ  . ARG A 1 130 ? 6.361   -17.438 -16.689 0.010 42.90  ? 130  ARG A CZ  1 
ATOM   1027 N  NH1 . ARG A 1 130 ? 5.393   -18.332 -16.832 0.010 42.89  ? 130  ARG A NH1 1 
ATOM   1028 N  NH2 . ARG A 1 130 ? 6.346   -16.613 -15.654 0.010 42.90  ? 130  ARG A NH2 1 
ATOM   1029 N  N   . THR A 1 131 ? 10.165  -13.152 -14.301 1.00  41.63  ? 131  THR A N   1 
ATOM   1030 C  CA  . THR A 1 131 ? 10.112  -12.062 -13.333 1.00  40.26  ? 131  THR A CA  1 
ATOM   1031 C  C   . THR A 1 131 ? 8.902   -12.186 -12.413 1.00  40.01  ? 131  THR A C   1 
ATOM   1032 O  O   . THR A 1 131 ? 7.983   -12.957 -12.697 1.00  39.86  ? 131  THR A O   1 
ATOM   1033 C  CB  . THR A 1 131 ? 10.080  -10.730 -14.053 1.00  39.71  ? 131  THR A CB  1 
ATOM   1034 O  OG1 . THR A 1 131 ? 8.843   -10.614 -14.757 1.00  40.12  ? 131  THR A OG1 1 
ATOM   1035 C  CG2 . THR A 1 131 ? 11.213  -10.660 -15.041 1.00  37.73  ? 131  THR A CG2 1 
ATOM   1036 N  N   . LEU A 1 132 ? 8.905   -11.454 -11.304 1.00  39.36  ? 132  LEU A N   1 
ATOM   1037 C  CA  . LEU A 1 132 ? 7.760   -11.455 -10.395 1.00  39.49  ? 132  LEU A CA  1 
ATOM   1038 C  C   . LEU A 1 132 ? 6.493   -10.951 -11.094 1.00  40.60  ? 132  LEU A C   1 
ATOM   1039 O  O   . LEU A 1 132 ? 5.365   -11.364 -10.795 1.00  41.06  ? 132  LEU A O   1 
ATOM   1040 C  CB  . LEU A 1 132 ? 8.034   -10.578 -9.191  1.00  38.89  ? 132  LEU A CB  1 
ATOM   1041 C  CG  . LEU A 1 132 ? 9.126   -11.005 -8.230  1.00  38.72  ? 132  LEU A CG  1 
ATOM   1042 C  CD1 . LEU A 1 132 ? 9.202   -9.967  -7.130  1.00  38.28  ? 132  LEU A CD1 1 
ATOM   1043 C  CD2 . LEU A 1 132 ? 8.867   -12.409 -7.646  1.00  39.02  ? 132  LEU A CD2 1 
ATOM   1044 N  N   . SER A 1 133 ? 6.711   -10.038 -12.019 1.00  41.23  ? 133  SER A N   1 
ATOM   1045 C  CA  . SER A 1 133 ? 5.685   -9.447  -12.815 1.00  42.35  ? 133  SER A CA  1 
ATOM   1046 C  C   . SER A 1 133 ? 5.002   -10.506 -13.678 1.00  42.58  ? 133  SER A C   1 
ATOM   1047 O  O   . SER A 1 133 ? 3.782   -10.528 -13.740 1.00  43.12  ? 133  SER A O   1 
ATOM   1048 C  CB  . SER A 1 133 ? 6.343   -8.394  -13.689 1.00  42.20  ? 133  SER A CB  1 
ATOM   1049 O  OG  . SER A 1 133 ? 5.375   -7.554  -14.244 1.00  43.73  ? 133  SER A OG  1 
ATOM   1050 N  N   . ASP A 1 134 ? 5.782   -11.382 -14.322 1.00  43.28  ? 134  ASP A N   1 
ATOM   1051 C  CA  . ASP A 1 134 ? 5.240   -12.504 -15.126 1.00  43.65  ? 134  ASP A CA  1 
ATOM   1052 C  C   . ASP A 1 134 ? 4.283   -13.375 -14.329 1.00  43.48  ? 134  ASP A C   1 
ATOM   1053 O  O   . ASP A 1 134 ? 3.369   -13.934 -14.891 1.00  44.31  ? 134  ASP A O   1 
ATOM   1054 C  CB  . ASP A 1 134 ? 6.324   -13.459 -15.630 1.00  43.63  ? 134  ASP A CB  1 
ATOM   1055 C  CG  . ASP A 1 134 ? 7.332   -12.806 -16.531 1.00  45.39  ? 134  ASP A CG  1 
ATOM   1056 O  OD1 . ASP A 1 134 ? 7.026   -11.740 -17.091 1.00  45.44  ? 134  ASP A OD1 1 
ATOM   1057 O  OD2 . ASP A 1 134 ? 8.452   -13.378 -16.682 1.00  48.58  ? 134  ASP A OD2 1 
ATOM   1058 N  N   . TYR A 1 135 ? 4.522   -13.526 -13.034 1.00  42.76  ? 135  TYR A N   1 
ATOM   1059 C  CA  . TYR A 1 135 ? 3.764   -14.448 -12.229 1.00  42.37  ? 135  TYR A CA  1 
ATOM   1060 C  C   . TYR A 1 135 ? 2.640   -13.776 -11.485 1.00  42.73  ? 135  TYR A C   1 
ATOM   1061 O  O   . TYR A 1 135 ? 1.913   -14.428 -10.730 1.00  42.82  ? 135  TYR A O   1 
ATOM   1062 C  CB  . TYR A 1 135 ? 4.666   -15.121 -11.214 1.00  42.09  ? 135  TYR A CB  1 
ATOM   1063 C  CG  . TYR A 1 135 ? 5.533   -16.187 -11.800 1.00  43.33  ? 135  TYR A CG  1 
ATOM   1064 C  CD1 . TYR A 1 135 ? 4.967   -17.292 -12.451 1.00  43.27  ? 135  TYR A CD1 1 
ATOM   1065 C  CD2 . TYR A 1 135 ? 6.923   -16.109 -11.699 1.00  43.61  ? 135  TYR A CD2 1 
ATOM   1066 C  CE1 . TYR A 1 135 ? 5.756   -18.288 -12.996 1.00  44.91  ? 135  TYR A CE1 1 
ATOM   1067 C  CE2 . TYR A 1 135 ? 7.734   -17.103 -12.244 1.00  45.31  ? 135  TYR A CE2 1 
ATOM   1068 C  CZ  . TYR A 1 135 ? 7.142   -18.196 -12.894 1.00  46.97  ? 135  TYR A CZ  1 
ATOM   1069 O  OH  . TYR A 1 135 ? 7.934   -19.187 -13.446 1.00  47.63  ? 135  TYR A OH  1 
ATOM   1070 N  N   . ASN A 1 136 ? 2.491   -12.472 -11.705 1.00  42.96  ? 136  ASN A N   1 
ATOM   1071 C  CA  . ASN A 1 136 ? 1.541   -11.659 -10.963 1.00  43.26  ? 136  ASN A CA  1 
ATOM   1072 C  C   . ASN A 1 136 ? 1.741   -11.683 -9.456  1.00  42.80  ? 136  ASN A C   1 
ATOM   1073 O  O   . ASN A 1 136 ? 0.775   -11.711 -8.707  1.00  43.23  ? 136  ASN A O   1 
ATOM   1074 C  CB  . ASN A 1 136 ? 0.095   -12.012 -11.319 1.00  44.13  ? 136  ASN A CB  1 
ATOM   1075 C  CG  . ASN A 1 136 ? -0.617  -10.877 -12.006 1.00  47.33  ? 136  ASN A CG  1 
ATOM   1076 O  OD1 . ASN A 1 136 ? -0.101  -10.304 -12.974 1.00  51.67  ? 136  ASN A OD1 1 
ATOM   1077 N  ND2 . ASN A 1 136 ? -1.810  -10.526 -11.507 1.00  49.06  ? 136  ASN A ND2 1 
ATOM   1078 N  N   . ILE A 1 137 ? 2.998   -11.650 -9.024  1.00  42.43  ? 137  ILE A N   1 
ATOM   1079 C  CA  . ILE A 1 137 ? 3.347   -11.496 -7.613  1.00  41.79  ? 137  ILE A CA  1 
ATOM   1080 C  C   . ILE A 1 137 ? 3.321   -9.986  -7.236  1.00  41.51  ? 137  ILE A C   1 
ATOM   1081 O  O   . ILE A 1 137 ? 4.112   -9.201  -7.743  1.00  41.05  ? 137  ILE A O   1 
ATOM   1082 C  CB  . ILE A 1 137 ? 4.694   -12.207 -7.328  1.00  41.51  ? 137  ILE A CB  1 
ATOM   1083 C  CG1 . ILE A 1 137 ? 4.546   -13.704 -7.611  1.00  42.87  ? 137  ILE A CG1 1 
ATOM   1084 C  CG2 . ILE A 1 137 ? 5.170   -11.967 -5.891  1.00  42.47  ? 137  ILE A CG2 1 
ATOM   1085 C  CD1 . ILE A 1 137 ? 5.840   -14.491 -7.679  1.00  44.41  ? 137  ILE A CD1 1 
ATOM   1086 N  N   . GLN A 1 138 ? 2.386   -9.587  -6.375  1.00  41.17  ? 138  GLN A N   1 
ATOM   1087 C  CA  . GLN A 1 138 ? 2.152   -8.174  -6.092  1.00  41.41  ? 138  GLN A CA  1 
ATOM   1088 C  C   . GLN A 1 138 ? 2.744   -7.878  -4.737  1.00  41.50  ? 138  GLN A C   1 
ATOM   1089 O  O   . GLN A 1 138 ? 3.223   -8.791  -4.066  1.00  41.17  ? 138  GLN A O   1 
ATOM   1090 C  CB  . GLN A 1 138 ? 0.646   -7.866  -6.098  1.00  41.54  ? 138  GLN A CB  1 
ATOM   1091 C  CG  . GLN A 1 138 ? -0.062  -8.097  -7.454  1.00  41.86  ? 138  GLN A CG  1 
ATOM   1092 C  CD  . GLN A 1 138 ? 0.430   -7.172  -8.557  0.010 41.73  ? 138  GLN A CD  1 
ATOM   1093 O  OE1 . GLN A 1 138 ? 0.690   -5.990  -8.328  0.010 41.73  ? 138  GLN A OE1 1 
ATOM   1094 N  NE2 . GLN A 1 138 ? 0.549   -7.709  -9.766  0.010 41.72  ? 138  GLN A NE2 1 
ATOM   1095 N  N   . LYS A 1 139 ? 2.740   -6.613  -4.325  1.00  42.03  ? 139  LYS A N   1 
ATOM   1096 C  CA  . LYS A 1 139 ? 3.261   -6.276  -3.002  1.00  43.04  ? 139  LYS A CA  1 
ATOM   1097 C  C   . LYS A 1 139 ? 2.480   -7.123  -2.005  1.00  43.00  ? 139  LYS A C   1 
ATOM   1098 O  O   . LYS A 1 139 ? 1.315   -7.454  -2.237  1.00  42.54  ? 139  LYS A O   1 
ATOM   1099 C  CB  . LYS A 1 139 ? 3.154   -4.770  -2.694  1.00  43.91  ? 139  LYS A CB  1 
ATOM   1100 C  CG  . LYS A 1 139 ? 2.076   -4.357  -1.692  1.00  46.48  ? 139  LYS A CG  1 
ATOM   1101 C  CD  . LYS A 1 139 ? 1.765   -2.848  -1.778  1.00  53.29  ? 139  LYS A CD  1 
ATOM   1102 C  CE  . LYS A 1 139 ? 0.238   -2.559  -1.592  1.00  56.24  ? 139  LYS A CE  1 
ATOM   1103 N  NZ  . LYS A 1 139 ? -0.662  -3.301  -2.567  1.00  58.40  ? 139  LYS A NZ  1 
ATOM   1104 N  N   . GLU A 1 140 ? 3.150   -7.521  -0.936  1.00  42.68  ? 140  GLU A N   1 
ATOM   1105 C  CA  . GLU A 1 140 ? 2.546   -8.328  0.085   1.00  43.17  ? 140  GLU A CA  1 
ATOM   1106 C  C   . GLU A 1 140 ? 2.059   -9.736  -0.356  1.00  42.72  ? 140  GLU A C   1 
ATOM   1107 O  O   . GLU A 1 140 ? 1.357   -10.388 0.401   1.00  42.98  ? 140  GLU A O   1 
ATOM   1108 C  CB  . GLU A 1 140 ? 1.416   -7.544  0.778   1.00  43.22  ? 140  GLU A CB  1 
ATOM   1109 C  CG  . GLU A 1 140 ? 1.852   -6.268  1.521   1.00  43.90  ? 140  GLU A CG  1 
ATOM   1110 C  CD  . GLU A 1 140 ? 0.651   -5.403  1.816   1.00  45.42  ? 140  GLU A CD  1 
ATOM   1111 O  OE1 . GLU A 1 140 ? -0.459  -5.859  1.495   1.00  47.14  ? 140  GLU A OE1 1 
ATOM   1112 O  OE2 . GLU A 1 140 ? 0.764   -4.279  2.341   1.00  45.98  ? 140  GLU A OE2 1 
ATOM   1113 N  N   . SER A 1 141 ? 2.433   -10.204 -1.545  1.00  42.20  ? 141  SER A N   1 
ATOM   1114 C  CA  . SER A 1 141 ? 2.265   -11.627 -1.897  1.00  41.98  ? 141  SER A CA  1 
ATOM   1115 C  C   . SER A 1 141 ? 3.208   -12.512 -1.070  1.00  42.00  ? 141  SER A C   1 
ATOM   1116 O  O   . SER A 1 141 ? 4.191   -12.012 -0.515  1.00  41.98  ? 141  SER A O   1 
ATOM   1117 C  CB  . SER A 1 141 ? 2.529   -11.850 -3.379  1.00  41.75  ? 141  SER A CB  1 
ATOM   1118 O  OG  . SER A 1 141 ? 1.728   -10.979 -4.150  1.00  42.58  ? 141  SER A OG  1 
ATOM   1119 N  N   . THR A 1 142 ? 2.904   -13.816 -0.989  1.00  41.89  ? 142  THR A N   1 
ATOM   1120 C  CA  . THR A 1 142 ? 3.666   -14.757 -0.166  1.00  41.85  ? 142  THR A CA  1 
ATOM   1121 C  C   . THR A 1 142 ? 4.184   -15.914 -0.978  1.00  41.95  ? 142  THR A C   1 
ATOM   1122 O  O   . THR A 1 142 ? 3.410   -16.609 -1.634  1.00  42.05  ? 142  THR A O   1 
ATOM   1123 C  CB  . THR A 1 142 ? 2.831   -15.403 0.987   1.00  41.89  ? 142  THR A CB  1 
ATOM   1124 O  OG1 . THR A 1 142 ? 2.167   -14.388 1.738   1.00  42.89  ? 142  THR A OG1 1 
ATOM   1125 C  CG2 . THR A 1 142 ? 3.745   -16.245 1.930   1.00  40.20  ? 142  THR A CG2 1 
ATOM   1126 N  N   . LEU A 1 143 ? 5.491   -16.143 -0.890  1.00  41.42  ? 143  LEU A N   1 
ATOM   1127 C  CA  . LEU A 1 143 ? 6.131   -17.263 -1.568  1.00  40.96  ? 143  LEU A CA  1 
ATOM   1128 C  C   . LEU A 1 143 ? 6.425   -18.311 -0.520  1.00  40.87  ? 143  LEU A C   1 
ATOM   1129 O  O   . LEU A 1 143 ? 6.495   -17.985 0.664   1.00  40.85  ? 143  LEU A O   1 
ATOM   1130 C  CB  . LEU A 1 143 ? 7.422   -16.812 -2.255  1.00  40.60  ? 143  LEU A CB  1 
ATOM   1131 C  CG  . LEU A 1 143 ? 7.337   -16.167 -3.643  1.00  41.00  ? 143  LEU A CG  1 
ATOM   1132 C  CD1 . LEU A 1 143 ? 6.333   -15.027 -3.704  1.00  41.03  ? 143  LEU A CD1 1 
ATOM   1133 C  CD2 . LEU A 1 143 ? 8.708   -15.669 -4.082  1.00  39.39  ? 143  LEU A CD2 1 
ATOM   1134 N  N   . HIS A 1 144 ? 6.552   -19.567 -0.950  1.00  40.71  ? 144  HIS A N   1 
ATOM   1135 C  CA  . HIS A 1 144 ? 6.926   -20.646 -0.060  1.00  40.95  ? 144  HIS A CA  1 
ATOM   1136 C  C   . HIS A 1 144 ? 8.267   -21.183 -0.499  1.00  41.46  ? 144  HIS A C   1 
ATOM   1137 O  O   . HIS A 1 144 ? 8.445   -21.486 -1.677  1.00  41.55  ? 144  HIS A O   1 
ATOM   1138 C  CB  . HIS A 1 144 ? 5.858   -21.736 -0.062  1.00  40.53  ? 144  HIS A CB  1 
ATOM   1139 C  CG  . HIS A 1 144 ? 4.596   -21.317 0.624   1.00  39.42  ? 144  HIS A CG  1 
ATOM   1140 N  ND1 . HIS A 1 144 ? 4.373   -21.548 1.963   1.00  39.23  ? 144  HIS A ND1 1 
ATOM   1141 C  CD2 . HIS A 1 144 ? 3.511   -20.654 0.168   1.00  38.11  ? 144  HIS A CD2 1 
ATOM   1142 C  CE1 . HIS A 1 144 ? 3.198   -21.052 2.302   1.00  39.39  ? 144  HIS A CE1 1 
ATOM   1143 N  NE2 . HIS A 1 144 ? 2.654   -20.504 1.231   1.00  38.83  ? 144  HIS A NE2 1 
ATOM   1144 N  N   . LEU A 1 145 ? 9.207   -21.262 0.445   1.00  42.05  ? 145  LEU A N   1 
ATOM   1145 C  CA  . LEU A 1 145 ? 10.547  -21.755 0.160   1.00  43.29  ? 145  LEU A CA  1 
ATOM   1146 C  C   . LEU A 1 145 ? 10.679  -23.212 0.559   1.00  43.81  ? 145  LEU A C   1 
ATOM   1147 O  O   . LEU A 1 145 ? 10.397  -23.589 1.691   1.00  44.92  ? 145  LEU A O   1 
ATOM   1148 C  CB  . LEU A 1 145 ? 11.619  -20.906 0.858   1.00  43.26  ? 145  LEU A CB  1 
ATOM   1149 C  CG  . LEU A 1 145 ? 13.072  -21.421 0.843   1.00  42.78  ? 145  LEU A CG  1 
ATOM   1150 C  CD1 . LEU A 1 145 ? 13.755  -21.208 -0.482  1.00  42.98  ? 145  LEU A CD1 1 
ATOM   1151 C  CD2 . LEU A 1 145 ? 13.848  -20.742 1.928   1.00  42.39  ? 145  LEU A CD2 1 
ATOM   1152 N  N   . VAL A 1 146 ? 11.116  -24.016 -0.397  1.00  44.72  ? 146  VAL A N   1 
ATOM   1153 C  CA  . VAL A 1 146 ? 11.292  -25.459 -0.250  1.00  45.43  ? 146  VAL A CA  1 
ATOM   1154 C  C   . VAL A 1 146 ? 12.744  -25.750 -0.620  1.00  45.77  ? 146  VAL A C   1 
ATOM   1155 O  O   . VAL A 1 146 ? 13.273  -25.133 -1.547  1.00  45.57  ? 146  VAL A O   1 
ATOM   1156 C  CB  . VAL A 1 146 ? 10.332  -26.222 -1.233  1.00  45.52  ? 146  VAL A CB  1 
ATOM   1157 C  CG1 . VAL A 1 146 ? 10.675  -27.705 -1.351  1.00  45.31  ? 146  VAL A CG1 1 
ATOM   1158 C  CG2 . VAL A 1 146 ? 8.859   -26.020 -0.843  1.00  45.76  ? 146  VAL A CG2 1 
ATOM   1159 N  N   . LEU A 1 147 ? 13.388  -26.688 0.078   1.00  46.53  ? 147  LEU A N   1 
ATOM   1160 C  CA  . LEU A 1 147 ? 14.793  -27.003 -0.196  1.00  47.33  ? 147  LEU A CA  1 
ATOM   1161 C  C   . LEU A 1 147 ? 15.093  -28.383 -0.804  1.00  48.34  ? 147  LEU A C   1 
ATOM   1162 O  O   . LEU A 1 147 ? 14.713  -29.407 -0.242  1.00  48.20  ? 147  LEU A O   1 
ATOM   1163 C  CB  . LEU A 1 147 ? 15.643  -26.817 1.068   1.00  47.27  ? 147  LEU A CB  1 
ATOM   1164 C  CG  . LEU A 1 147 ? 15.842  -25.420 1.676   1.00  47.50  ? 147  LEU A CG  1 
ATOM   1165 C  CD1 . LEU A 1 147 ? 16.966  -25.496 2.715   1.00  48.52  ? 147  LEU A CD1 1 
ATOM   1166 C  CD2 . LEU A 1 147 ? 16.132  -24.343 0.629   1.00  47.30  ? 147  LEU A CD2 1 
ATOM   1167 N  N   . ARG A 1 148 ? 15.804  -28.391 -1.935  1.00  49.55  ? 148  ARG A N   1 
ATOM   1168 C  CA  . ARG A 1 148 ? 16.504  -29.575 -2.428  1.00  50.77  ? 148  ARG A CA  1 
ATOM   1169 C  C   . ARG A 1 148 ? 17.883  -29.555 -1.783  1.00  51.84  ? 148  ARG A C   1 
ATOM   1170 O  O   . ARG A 1 148 ? 18.740  -28.784 -2.227  1.00  53.15  ? 148  ARG A O   1 
ATOM   1171 C  CB  . ARG A 1 148 ? 16.677  -29.489 -3.956  1.00  50.68  ? 148  ARG A CB  1 
ATOM   1172 C  CG  . ARG A 1 148 ? 17.351  -30.701 -4.620  0.010 50.66  ? 148  ARG A CG  1 
ATOM   1173 C  CD  . ARG A 1 148 ? 18.868  -30.553 -4.757  0.010 50.55  ? 148  ARG A CD  1 
ATOM   1174 N  NE  . ARG A 1 148 ? 19.247  -29.448 -5.634  0.010 50.46  ? 148  ARG A NE  1 
ATOM   1175 C  CZ  . ARG A 1 148 ? 19.564  -29.588 -6.917  0.010 50.41  ? 148  ARG A CZ  1 
ATOM   1176 N  NH1 . ARG A 1 148 ? 19.898  -28.528 -7.640  0.010 50.36  ? 148  ARG A NH1 1 
ATOM   1177 N  NH2 . ARG A 1 148 ? 19.547  -30.790 -7.478  0.010 50.39  ? 148  ARG A NH2 1 
ATOM   1178 N  N   . LEU A 1 149 ? 18.119  -30.368 -0.754  1.00  52.50  ? 149  LEU A N   1 
ATOM   1179 C  CA  . LEU A 1 149 ? 19.465  -30.468 -0.147  1.00  52.72  ? 149  LEU A CA  1 
ATOM   1180 C  C   . LEU A 1 149 ? 20.310  -31.614 -0.727  1.00  53.16  ? 149  LEU A C   1 
ATOM   1181 O  O   . LEU A 1 149 ? 20.311  -32.742 -0.231  1.00  53.39  ? 149  LEU A O   1 
ATOM   1182 C  CB  . LEU A 1 149 ? 19.392  -30.528 1.383   0.010 52.75  ? 149  LEU A CB  1 
ATOM   1183 C  CG  . LEU A 1 149 ? 19.353  -29.161 2.079   0.010 52.70  ? 149  LEU A CG  1 
ATOM   1184 C  CD1 . LEU A 1 149 ? 18.962  -29.298 3.538   0.010 52.69  ? 149  LEU A CD1 1 
ATOM   1185 C  CD2 . LEU A 1 149 ? 20.691  -28.436 1.956   0.010 52.69  ? 149  LEU A CD2 1 
HETATM 1186 ZN ZN  . ZN  B 2 .   ? -13.318 31.235  10.715  1.00  52.67  ? 1150 ZN  A ZN  1 
HETATM 1187 ZN ZN  . ZN  C 2 .   ? 15.977  -6.428  -7.313  1.00  44.59  ? 1151 ZN  A ZN  1 
HETATM 1188 ZN ZN  . ZN  D 2 .   ? -1.551  -4.115  2.110   1.00  69.47  ? 1152 ZN  A ZN  1 
HETATM 1189 ZN ZN  . ZN  E 2 .   ? 18.173  -21.266 -9.876  1.00  100.72 ? 1153 ZN  A ZN  1 
HETATM 1190 CL CL  . CL  F 3 .   ? -13.812 26.035  10.982  1.00  70.32  ? 1154 CL  A CL  1 
HETATM 1191 O  O   . HOH G 4 .   ? -25.122 24.647  11.830  1.00  62.99  ? 2001 HOH A O   1 
HETATM 1192 O  O   . HOH G 4 .   ? -12.204 28.371  11.703  0.33  64.92  ? 2002 HOH A O   1 
HETATM 1193 O  O   . HOH G 4 .   ? -11.677 28.764  11.315  0.33  57.30  ? 2003 HOH A O   1 
HETATM 1194 O  O   . HOH G 4 .   ? -12.368 7.627   -4.580  1.00  38.79  ? 2004 HOH A O   1 
HETATM 1195 O  O   . HOH G 4 .   ? -1.251  11.673  2.417   1.00  50.39  ? 2005 HOH A O   1 
HETATM 1196 O  O   . HOH G 4 .   ? -4.824  14.136  0.046   1.00  26.98  ? 2006 HOH A O   1 
HETATM 1197 O  O   . HOH G 4 .   ? -13.707 11.981  -6.322  1.00  57.52  ? 2007 HOH A O   1 
HETATM 1198 O  O   . HOH G 4 .   ? -0.815  16.617  6.469   1.00  65.08  ? 2008 HOH A O   1 
HETATM 1199 O  O   . HOH G 4 .   ? -4.393  29.955  -2.941  1.00  53.32  ? 2009 HOH A O   1 
HETATM 1200 O  O   . HOH G 4 .   ? -2.512  28.418  -1.909  1.00  41.43  ? 2010 HOH A O   1 
HETATM 1201 O  O   . HOH G 4 .   ? -13.252 28.137  -8.457  1.00  40.09  ? 2011 HOH A O   1 
HETATM 1202 O  O   . HOH G 4 .   ? -22.049 20.482  -3.965  1.00  50.98  ? 2012 HOH A O   1 
HETATM 1203 O  O   . HOH G 4 .   ? -27.744 16.151  0.503   1.00  44.80  ? 2013 HOH A O   1 
HETATM 1204 O  O   . HOH G 4 .   ? -16.112 14.166  -5.297  1.00  46.18  ? 2014 HOH A O   1 
HETATM 1205 O  O   . HOH G 4 .   ? -19.387 16.283  -4.624  1.00  24.26  ? 2015 HOH A O   1 
HETATM 1206 O  O   . HOH G 4 .   ? -13.223 6.438   -2.332  1.00  51.39  ? 2016 HOH A O   1 
HETATM 1207 O  O   . HOH G 4 .   ? 5.489   -17.082 11.417  1.00  64.12  ? 2017 HOH A O   1 
HETATM 1208 O  O   . HOH G 4 .   ? 18.318  -12.508 -13.304 1.00  36.53  ? 2018 HOH A O   1 
HETATM 1209 O  O   . HOH G 4 .   ? 11.670  -22.307 -7.525  1.00  27.88  ? 2019 HOH A O   1 
HETATM 1210 O  O   . HOH G 4 .   ? 13.762  -20.576 -15.802 1.00  58.05  ? 2020 HOH A O   1 
HETATM 1211 O  O   . HOH G 4 .   ? 9.165   -11.448 -18.562 1.00  46.21  ? 2021 HOH A O   1 
HETATM 1212 O  O   . HOH G 4 .   ? 6.534   -21.622 -14.096 1.00  46.84  ? 2022 HOH A O   1 
HETATM 1213 O  O   . HOH G 4 .   ? 1.147   -2.328  2.653   1.00  44.29  ? 2023 HOH A O   1 
HETATM 1214 O  O   . HOH G 4 .   ? 18.072  -33.331 -6.496  1.00  36.41  ? 2024 HOH A O   1 
HETATM 1215 O  O   . HOH G 4 .   ? 14.972  -4.461  -5.335  1.00  57.62  ? 2025 HOH A O   1 
HETATM 1216 O  O   . HOH G 4 .   ? 15.802  -5.301  -8.741  1.00  20.73  ? 2026 HOH A O   1 
# 
